data_1LIE
# 
_entry.id   1LIE 
# 
_audit_conform.dict_name       mmcif_pdbx.dic 
_audit_conform.dict_version    5.403 
_audit_conform.dict_location   http://mmcif.pdb.org/dictionaries/ascii/mmcif_pdbx.dic 
# 
loop_
_database_2.database_id 
_database_2.database_code 
_database_2.pdbx_database_accession 
_database_2.pdbx_DOI 
PDB   1LIE         pdb_00001lie 10.2210/pdb1lie/pdb 
WWPDB D_1000174732 ?            ?                   
# 
loop_
_pdbx_audit_revision_history.ordinal 
_pdbx_audit_revision_history.data_content_type 
_pdbx_audit_revision_history.major_revision 
_pdbx_audit_revision_history.minor_revision 
_pdbx_audit_revision_history.revision_date 
_pdbx_audit_revision_history.part_number 
1 'Structure model' 1 0 1994-04-30 ? 
2 'Structure model' 1 1 2008-03-24 ? 
3 'Structure model' 1 2 2011-07-13 ? 
4 'Structure model' 1 3 2017-11-29 ? 
5 'Structure model' 1 4 2025-03-26 ? 
# 
_pdbx_audit_revision_details.ordinal             1 
_pdbx_audit_revision_details.revision_ordinal    1 
_pdbx_audit_revision_details.data_content_type   'Structure model' 
_pdbx_audit_revision_details.provider            repository 
_pdbx_audit_revision_details.type                'Initial release' 
_pdbx_audit_revision_details.description         ? 
_pdbx_audit_revision_details.details             ? 
# 
loop_
_pdbx_audit_revision_group.ordinal 
_pdbx_audit_revision_group.revision_ordinal 
_pdbx_audit_revision_group.data_content_type 
_pdbx_audit_revision_group.group 
1  2 'Structure model' 'Version format compliance' 
2  3 'Structure model' 'Version format compliance' 
3  4 'Structure model' Advisory                    
4  4 'Structure model' 'Derived calculations'      
5  4 'Structure model' Other                       
6  4 'Structure model' 'Structure summary'         
7  5 'Structure model' Advisory                    
8  5 'Structure model' 'Data collection'           
9  5 'Structure model' 'Database references'       
10 5 'Structure model' 'Derived calculations'      
11 5 'Structure model' 'Structure summary'         
# 
loop_
_pdbx_audit_revision_category.ordinal 
_pdbx_audit_revision_category.revision_ordinal 
_pdbx_audit_revision_category.data_content_type 
_pdbx_audit_revision_category.category 
1  4 'Structure model' pdbx_database_status         
2  4 'Structure model' pdbx_unobs_or_zero_occ_atoms 
3  4 'Structure model' struct_conf                  
4  4 'Structure model' struct_conf_type             
5  4 'Structure model' struct_keywords              
6  5 'Structure model' chem_comp_atom               
7  5 'Structure model' chem_comp_bond               
8  5 'Structure model' database_2                   
9  5 'Structure model' pdbx_entry_details           
10 5 'Structure model' pdbx_modification_feature    
11 5 'Structure model' pdbx_unobs_or_zero_occ_atoms 
12 5 'Structure model' struct_conn                  
13 5 'Structure model' struct_site                  
# 
loop_
_pdbx_audit_revision_item.ordinal 
_pdbx_audit_revision_item.revision_ordinal 
_pdbx_audit_revision_item.data_content_type 
_pdbx_audit_revision_item.item 
1 4 'Structure model' '_pdbx_database_status.process_site'  
2 4 'Structure model' '_struct_keywords.text'               
3 5 'Structure model' '_database_2.pdbx_DOI'                
4 5 'Structure model' '_database_2.pdbx_database_accession' 
5 5 'Structure model' '_struct_conn.pdbx_leaving_atom_flag' 
6 5 'Structure model' '_struct_site.pdbx_auth_asym_id'      
7 5 'Structure model' '_struct_site.pdbx_auth_comp_id'      
8 5 'Structure model' '_struct_site.pdbx_auth_seq_id'       
# 
_pdbx_database_status.status_code                     REL 
_pdbx_database_status.entry_id                        1LIE 
_pdbx_database_status.recvd_initial_deposition_date   1993-12-21 
_pdbx_database_status.deposit_site                    ? 
_pdbx_database_status.process_site                    BNL 
_pdbx_database_status.SG_entry                        . 
_pdbx_database_status.pdb_format_compatible           Y 
_pdbx_database_status.status_code_mr                  ? 
_pdbx_database_status.status_code_sf                  ? 
_pdbx_database_status.status_code_cs                  ? 
_pdbx_database_status.methods_development_category    ? 
_pdbx_database_status.status_code_nmr_data            ? 
# 
loop_
_audit_author.name 
_audit_author.pdbx_ordinal 
'Lalonde, J.M.'  1 
'Bernlohr, D.A.' 2 
'Banaszak, L.J.' 3 
# 
_citation.id                        primary 
_citation.title                     
;X-ray crystallographic structures of adipocyte lipid-binding protein complexed with palmitate and hexadecanesulfonic acid. Properties of cavity binding sites.
;
_citation.journal_abbrev            Biochemistry 
_citation.journal_volume            33 
_citation.page_first                4885 
_citation.page_last                 4895 
_citation.year                      1994 
_citation.journal_id_ASTM           BICHAW 
_citation.country                   US 
_citation.journal_id_ISSN           0006-2960 
_citation.journal_id_CSD            0033 
_citation.book_publisher            ? 
_citation.pdbx_database_id_PubMed   8161548 
_citation.pdbx_database_id_DOI      10.1021/bi00182a017 
# 
loop_
_citation_author.citation_id 
_citation_author.name 
_citation_author.ordinal 
_citation_author.identifier_ORCID 
primary 'LaLonde, J.M.'  1 ? 
primary 'Bernlohr, D.A.' 2 ? 
primary 'Banaszak, L.J.' 3 ? 
# 
loop_
_entity.id 
_entity.type 
_entity.src_method 
_entity.pdbx_description 
_entity.formula_weight 
_entity.pdbx_number_of_molecules 
_entity.pdbx_ec 
_entity.pdbx_mutation 
_entity.pdbx_fragment 
_entity.details 
1 polymer     man 'ADIPOCYTE LIPID-BINDING PROTEIN' 14587.687 1  ? ? ? ? 
2 non-polymer syn 'PALMITIC ACID'                   256.424   1  ? ? ? ? 
3 non-polymer syn 'PROPANOIC ACID'                  74.079    1  ? ? ? ? 
4 water       nat water                             18.015    82 ? ? ? ? 
# 
_entity_poly.entity_id                      1 
_entity_poly.type                           'polypeptide(L)' 
_entity_poly.nstd_linkage                   no 
_entity_poly.nstd_monomer                   yes 
_entity_poly.pdbx_seq_one_letter_code       
;CDAFVGTWKLVSSENFDDYMKEVGVGFATRKVAGMAKPNMIISVNGDLVTIRSESTFKNTEISFKLGVEFDEITADDRKV
KSIITLDGGALVQVQKWDGKSTTIKRKRDGDKLVVE(OCS)VMKGVTSTRVYERA
;
_entity_poly.pdbx_seq_one_letter_code_can   
;CDAFVGTWKLVSSENFDDYMKEVGVGFATRKVAGMAKPNMIISVNGDLVTIRSESTFKNTEISFKLGVEFDEITADDRKV
KSIITLDGGALVQVQKWDGKSTTIKRKRDGDKLVVECVMKGVTSTRVYERA
;
_entity_poly.pdbx_strand_id                 A 
_entity_poly.pdbx_target_identifier         ? 
# 
loop_
_pdbx_entity_nonpoly.entity_id 
_pdbx_entity_nonpoly.name 
_pdbx_entity_nonpoly.comp_id 
2 'PALMITIC ACID'  PLM 
3 'PROPANOIC ACID' PPI 
4 water            HOH 
# 
loop_
_entity_poly_seq.entity_id 
_entity_poly_seq.num 
_entity_poly_seq.mon_id 
_entity_poly_seq.hetero 
1 1   CYS n 
1 2   ASP n 
1 3   ALA n 
1 4   PHE n 
1 5   VAL n 
1 6   GLY n 
1 7   THR n 
1 8   TRP n 
1 9   LYS n 
1 10  LEU n 
1 11  VAL n 
1 12  SER n 
1 13  SER n 
1 14  GLU n 
1 15  ASN n 
1 16  PHE n 
1 17  ASP n 
1 18  ASP n 
1 19  TYR n 
1 20  MET n 
1 21  LYS n 
1 22  GLU n 
1 23  VAL n 
1 24  GLY n 
1 25  VAL n 
1 26  GLY n 
1 27  PHE n 
1 28  ALA n 
1 29  THR n 
1 30  ARG n 
1 31  LYS n 
1 32  VAL n 
1 33  ALA n 
1 34  GLY n 
1 35  MET n 
1 36  ALA n 
1 37  LYS n 
1 38  PRO n 
1 39  ASN n 
1 40  MET n 
1 41  ILE n 
1 42  ILE n 
1 43  SER n 
1 44  VAL n 
1 45  ASN n 
1 46  GLY n 
1 47  ASP n 
1 48  LEU n 
1 49  VAL n 
1 50  THR n 
1 51  ILE n 
1 52  ARG n 
1 53  SER n 
1 54  GLU n 
1 55  SER n 
1 56  THR n 
1 57  PHE n 
1 58  LYS n 
1 59  ASN n 
1 60  THR n 
1 61  GLU n 
1 62  ILE n 
1 63  SER n 
1 64  PHE n 
1 65  LYS n 
1 66  LEU n 
1 67  GLY n 
1 68  VAL n 
1 69  GLU n 
1 70  PHE n 
1 71  ASP n 
1 72  GLU n 
1 73  ILE n 
1 74  THR n 
1 75  ALA n 
1 76  ASP n 
1 77  ASP n 
1 78  ARG n 
1 79  LYS n 
1 80  VAL n 
1 81  LYS n 
1 82  SER n 
1 83  ILE n 
1 84  ILE n 
1 85  THR n 
1 86  LEU n 
1 87  ASP n 
1 88  GLY n 
1 89  GLY n 
1 90  ALA n 
1 91  LEU n 
1 92  VAL n 
1 93  GLN n 
1 94  VAL n 
1 95  GLN n 
1 96  LYS n 
1 97  TRP n 
1 98  ASP n 
1 99  GLY n 
1 100 LYS n 
1 101 SER n 
1 102 THR n 
1 103 THR n 
1 104 ILE n 
1 105 LYS n 
1 106 ARG n 
1 107 LYS n 
1 108 ARG n 
1 109 ASP n 
1 110 GLY n 
1 111 ASP n 
1 112 LYS n 
1 113 LEU n 
1 114 VAL n 
1 115 VAL n 
1 116 GLU n 
1 117 OCS n 
1 118 VAL n 
1 119 MET n 
1 120 LYS n 
1 121 GLY n 
1 122 VAL n 
1 123 THR n 
1 124 SER n 
1 125 THR n 
1 126 ARG n 
1 127 VAL n 
1 128 TYR n 
1 129 GLU n 
1 130 ARG n 
1 131 ALA n 
# 
_entity_src_gen.entity_id                          1 
_entity_src_gen.pdbx_src_id                        1 
_entity_src_gen.pdbx_alt_source_flag               sample 
_entity_src_gen.pdbx_seq_type                      ? 
_entity_src_gen.pdbx_beg_seq_num                   ? 
_entity_src_gen.pdbx_end_seq_num                   ? 
_entity_src_gen.gene_src_common_name               'house mouse' 
_entity_src_gen.gene_src_genus                     Mus 
_entity_src_gen.pdbx_gene_src_gene                 ? 
_entity_src_gen.gene_src_species                   ? 
_entity_src_gen.gene_src_strain                    ? 
_entity_src_gen.gene_src_tissue                    ? 
_entity_src_gen.gene_src_tissue_fraction           ? 
_entity_src_gen.gene_src_details                   ? 
_entity_src_gen.pdbx_gene_src_fragment             ? 
_entity_src_gen.pdbx_gene_src_scientific_name      'Mus musculus' 
_entity_src_gen.pdbx_gene_src_ncbi_taxonomy_id     10090 
_entity_src_gen.pdbx_gene_src_variant              ? 
_entity_src_gen.pdbx_gene_src_cell_line            ? 
_entity_src_gen.pdbx_gene_src_atcc                 ? 
_entity_src_gen.pdbx_gene_src_organ                ? 
_entity_src_gen.pdbx_gene_src_organelle            ? 
_entity_src_gen.pdbx_gene_src_cell                 ? 
_entity_src_gen.pdbx_gene_src_cellular_location    ? 
_entity_src_gen.host_org_common_name               ? 
_entity_src_gen.pdbx_host_org_scientific_name      ? 
_entity_src_gen.pdbx_host_org_ncbi_taxonomy_id     ? 
_entity_src_gen.host_org_genus                     ? 
_entity_src_gen.pdbx_host_org_gene                 ? 
_entity_src_gen.pdbx_host_org_organ                ? 
_entity_src_gen.host_org_species                   ? 
_entity_src_gen.pdbx_host_org_tissue               ? 
_entity_src_gen.pdbx_host_org_tissue_fraction      ? 
_entity_src_gen.pdbx_host_org_strain               ? 
_entity_src_gen.pdbx_host_org_variant              ? 
_entity_src_gen.pdbx_host_org_cell_line            ? 
_entity_src_gen.pdbx_host_org_atcc                 ? 
_entity_src_gen.pdbx_host_org_culture_collection   ? 
_entity_src_gen.pdbx_host_org_cell                 ? 
_entity_src_gen.pdbx_host_org_organelle            ? 
_entity_src_gen.pdbx_host_org_cellular_location    ? 
_entity_src_gen.pdbx_host_org_vector_type          ? 
_entity_src_gen.pdbx_host_org_vector               ? 
_entity_src_gen.host_org_details                   ? 
_entity_src_gen.expression_system_id               ? 
_entity_src_gen.plasmid_name                       ? 
_entity_src_gen.plasmid_details                    ? 
_entity_src_gen.pdbx_description                   ? 
# 
loop_
_chem_comp.id 
_chem_comp.type 
_chem_comp.mon_nstd_flag 
_chem_comp.name 
_chem_comp.pdbx_synonyms 
_chem_comp.formula 
_chem_comp.formula_weight 
ALA 'L-peptide linking' y ALANINE                 ? 'C3 H7 N O2'     89.093  
ARG 'L-peptide linking' y ARGININE                ? 'C6 H15 N4 O2 1' 175.209 
ASN 'L-peptide linking' y ASPARAGINE              ? 'C4 H8 N2 O3'    132.118 
ASP 'L-peptide linking' y 'ASPARTIC ACID'         ? 'C4 H7 N O4'     133.103 
CYS 'L-peptide linking' y CYSTEINE                ? 'C3 H7 N O2 S'   121.158 
GLN 'L-peptide linking' y GLUTAMINE               ? 'C5 H10 N2 O3'   146.144 
GLU 'L-peptide linking' y 'GLUTAMIC ACID'         ? 'C5 H9 N O4'     147.129 
GLY 'peptide linking'   y GLYCINE                 ? 'C2 H5 N O2'     75.067  
HOH non-polymer         . WATER                   ? 'H2 O'           18.015  
ILE 'L-peptide linking' y ISOLEUCINE              ? 'C6 H13 N O2'    131.173 
LEU 'L-peptide linking' y LEUCINE                 ? 'C6 H13 N O2'    131.173 
LYS 'L-peptide linking' y LYSINE                  ? 'C6 H15 N2 O2 1' 147.195 
MET 'L-peptide linking' y METHIONINE              ? 'C5 H11 N O2 S'  149.211 
OCS 'L-peptide linking' n 'CYSTEINESULFONIC ACID' ? 'C3 H7 N O5 S'   169.156 
PHE 'L-peptide linking' y PHENYLALANINE           ? 'C9 H11 N O2'    165.189 
PLM non-polymer         . 'PALMITIC ACID'         ? 'C16 H32 O2'     256.424 
PPI non-polymer         . 'PROPANOIC ACID'        ? 'C3 H6 O2'       74.079  
PRO 'L-peptide linking' y PROLINE                 ? 'C5 H9 N O2'     115.130 
SER 'L-peptide linking' y SERINE                  ? 'C3 H7 N O3'     105.093 
THR 'L-peptide linking' y THREONINE               ? 'C4 H9 N O3'     119.119 
TRP 'L-peptide linking' y TRYPTOPHAN              ? 'C11 H12 N2 O2'  204.225 
TYR 'L-peptide linking' y TYROSINE                ? 'C9 H11 N O3'    181.189 
VAL 'L-peptide linking' y VALINE                  ? 'C5 H11 N O2'    117.146 
# 
loop_
_pdbx_poly_seq_scheme.asym_id 
_pdbx_poly_seq_scheme.entity_id 
_pdbx_poly_seq_scheme.seq_id 
_pdbx_poly_seq_scheme.mon_id 
_pdbx_poly_seq_scheme.ndb_seq_num 
_pdbx_poly_seq_scheme.pdb_seq_num 
_pdbx_poly_seq_scheme.auth_seq_num 
_pdbx_poly_seq_scheme.pdb_mon_id 
_pdbx_poly_seq_scheme.auth_mon_id 
_pdbx_poly_seq_scheme.pdb_strand_id 
_pdbx_poly_seq_scheme.pdb_ins_code 
_pdbx_poly_seq_scheme.hetero 
A 1 1   CYS 1   1   1   CYS CYS A . n 
A 1 2   ASP 2   2   2   ASP ASP A . n 
A 1 3   ALA 3   3   3   ALA ALA A . n 
A 1 4   PHE 4   4   4   PHE PHE A . n 
A 1 5   VAL 5   5   5   VAL VAL A . n 
A 1 6   GLY 6   6   6   GLY GLY A . n 
A 1 7   THR 7   7   7   THR THR A . n 
A 1 8   TRP 8   8   8   TRP TRP A . n 
A 1 9   LYS 9   9   9   LYS LYS A . n 
A 1 10  LEU 10  10  10  LEU LEU A . n 
A 1 11  VAL 11  11  11  VAL VAL A . n 
A 1 12  SER 12  12  12  SER SER A . n 
A 1 13  SER 13  13  13  SER SER A . n 
A 1 14  GLU 14  14  14  GLU GLU A . n 
A 1 15  ASN 15  15  15  ASN ASN A . n 
A 1 16  PHE 16  16  16  PHE PHE A . n 
A 1 17  ASP 17  17  17  ASP ASP A . n 
A 1 18  ASP 18  18  18  ASP ASP A . n 
A 1 19  TYR 19  19  19  TYR TYR A . n 
A 1 20  MET 20  20  20  MET MET A . n 
A 1 21  LYS 21  21  21  LYS LYS A . n 
A 1 22  GLU 22  22  22  GLU GLU A . n 
A 1 23  VAL 23  23  23  VAL VAL A . n 
A 1 24  GLY 24  24  24  GLY GLY A . n 
A 1 25  VAL 25  25  25  VAL VAL A . n 
A 1 26  GLY 26  26  26  GLY GLY A . n 
A 1 27  PHE 27  27  27  PHE PHE A . n 
A 1 28  ALA 28  28  28  ALA ALA A . n 
A 1 29  THR 29  29  29  THR THR A . n 
A 1 30  ARG 30  30  30  ARG ARG A . n 
A 1 31  LYS 31  31  31  LYS LYS A . n 
A 1 32  VAL 32  32  32  VAL VAL A . n 
A 1 33  ALA 33  33  33  ALA ALA A . n 
A 1 34  GLY 34  34  34  GLY GLY A . n 
A 1 35  MET 35  35  35  MET MET A . n 
A 1 36  ALA 36  36  36  ALA ALA A . n 
A 1 37  LYS 37  37  37  LYS LYS A . n 
A 1 38  PRO 38  38  38  PRO PRO A . n 
A 1 39  ASN 39  39  39  ASN ASN A . n 
A 1 40  MET 40  40  40  MET MET A . n 
A 1 41  ILE 41  41  41  ILE ILE A . n 
A 1 42  ILE 42  42  42  ILE ILE A . n 
A 1 43  SER 43  43  43  SER SER A . n 
A 1 44  VAL 44  44  44  VAL VAL A . n 
A 1 45  ASN 45  45  45  ASN ASN A . n 
A 1 46  GLY 46  46  46  GLY GLY A . n 
A 1 47  ASP 47  47  47  ASP ASP A . n 
A 1 48  LEU 48  48  48  LEU LEU A . n 
A 1 49  VAL 49  49  49  VAL VAL A . n 
A 1 50  THR 50  50  50  THR THR A . n 
A 1 51  ILE 51  51  51  ILE ILE A . n 
A 1 52  ARG 52  52  52  ARG ARG A . n 
A 1 53  SER 53  53  53  SER SER A . n 
A 1 54  GLU 54  54  54  GLU GLU A . n 
A 1 55  SER 55  55  55  SER SER A . n 
A 1 56  THR 56  56  56  THR THR A . n 
A 1 57  PHE 57  57  57  PHE PHE A . n 
A 1 58  LYS 58  58  58  LYS LYS A . n 
A 1 59  ASN 59  59  59  ASN ASN A . n 
A 1 60  THR 60  60  60  THR THR A . n 
A 1 61  GLU 61  61  61  GLU GLU A . n 
A 1 62  ILE 62  62  62  ILE ILE A . n 
A 1 63  SER 63  63  63  SER SER A . n 
A 1 64  PHE 64  64  64  PHE PHE A . n 
A 1 65  LYS 65  65  65  LYS LYS A . n 
A 1 66  LEU 66  66  66  LEU LEU A . n 
A 1 67  GLY 67  67  67  GLY GLY A . n 
A 1 68  VAL 68  68  68  VAL VAL A . n 
A 1 69  GLU 69  69  69  GLU GLU A . n 
A 1 70  PHE 70  70  70  PHE PHE A . n 
A 1 71  ASP 71  71  71  ASP ASP A . n 
A 1 72  GLU 72  72  72  GLU GLU A . n 
A 1 73  ILE 73  73  73  ILE ILE A . n 
A 1 74  THR 74  74  74  THR THR A . n 
A 1 75  ALA 75  75  75  ALA ALA A . n 
A 1 76  ASP 76  76  76  ASP ASP A . n 
A 1 77  ASP 77  77  77  ASP ASP A . n 
A 1 78  ARG 78  78  78  ARG ARG A . n 
A 1 79  LYS 79  79  79  LYS LYS A . n 
A 1 80  VAL 80  80  80  VAL VAL A . n 
A 1 81  LYS 81  81  81  LYS LYS A . n 
A 1 82  SER 82  82  82  SER SER A . n 
A 1 83  ILE 83  83  83  ILE ILE A . n 
A 1 84  ILE 84  84  84  ILE ILE A . n 
A 1 85  THR 85  85  85  THR THR A . n 
A 1 86  LEU 86  86  86  LEU LEU A . n 
A 1 87  ASP 87  87  87  ASP ASP A . n 
A 1 88  GLY 88  88  88  GLY GLY A . n 
A 1 89  GLY 89  89  89  GLY GLY A . n 
A 1 90  ALA 90  90  90  ALA ALA A . n 
A 1 91  LEU 91  91  91  LEU LEU A . n 
A 1 92  VAL 92  92  92  VAL VAL A . n 
A 1 93  GLN 93  93  93  GLN GLN A . n 
A 1 94  VAL 94  94  94  VAL VAL A . n 
A 1 95  GLN 95  95  95  GLN GLN A . n 
A 1 96  LYS 96  96  96  LYS LYS A . n 
A 1 97  TRP 97  97  97  TRP TRP A . n 
A 1 98  ASP 98  98  98  ASP ASP A . n 
A 1 99  GLY 99  99  99  GLY GLY A . n 
A 1 100 LYS 100 100 100 LYS LYS A . n 
A 1 101 SER 101 101 101 SER SER A . n 
A 1 102 THR 102 102 102 THR THR A . n 
A 1 103 THR 103 103 103 THR THR A . n 
A 1 104 ILE 104 104 104 ILE ILE A . n 
A 1 105 LYS 105 105 105 LYS LYS A . n 
A 1 106 ARG 106 106 106 ARG ARG A . n 
A 1 107 LYS 107 107 107 LYS LYS A . n 
A 1 108 ARG 108 108 108 ARG ARG A . n 
A 1 109 ASP 109 109 109 ASP ASP A . n 
A 1 110 GLY 110 110 110 GLY GLY A . n 
A 1 111 ASP 111 111 111 ASP ASP A . n 
A 1 112 LYS 112 112 112 LYS LYS A . n 
A 1 113 LEU 113 113 113 LEU LEU A . n 
A 1 114 VAL 114 114 114 VAL VAL A . n 
A 1 115 VAL 115 115 115 VAL VAL A . n 
A 1 116 GLU 116 116 116 GLU GLU A . n 
A 1 117 OCS 117 117 117 OCS OCS A . n 
A 1 118 VAL 118 118 118 VAL VAL A . n 
A 1 119 MET 119 119 119 MET MET A . n 
A 1 120 LYS 120 120 120 LYS LYS A . n 
A 1 121 GLY 121 121 121 GLY GLY A . n 
A 1 122 VAL 122 122 122 VAL VAL A . n 
A 1 123 THR 123 123 123 THR THR A . n 
A 1 124 SER 124 124 124 SER SER A . n 
A 1 125 THR 125 125 125 THR THR A . n 
A 1 126 ARG 126 126 126 ARG ARG A . n 
A 1 127 VAL 127 127 127 VAL VAL A . n 
A 1 128 TYR 128 128 128 TYR TYR A . n 
A 1 129 GLU 129 129 129 GLU GLU A . n 
A 1 130 ARG 130 130 130 ARG ARG A . n 
A 1 131 ALA 131 131 131 ALA ALA A . n 
# 
loop_
_pdbx_nonpoly_scheme.asym_id 
_pdbx_nonpoly_scheme.entity_id 
_pdbx_nonpoly_scheme.mon_id 
_pdbx_nonpoly_scheme.ndb_seq_num 
_pdbx_nonpoly_scheme.pdb_seq_num 
_pdbx_nonpoly_scheme.auth_seq_num 
_pdbx_nonpoly_scheme.pdb_mon_id 
_pdbx_nonpoly_scheme.auth_mon_id 
_pdbx_nonpoly_scheme.pdb_strand_id 
_pdbx_nonpoly_scheme.pdb_ins_code 
B 2 PLM 1  133  133  PLM PLM A . 
C 3 PPI 1  134  134  PPI PPI A . 
D 4 HOH 1  1002 1002 HOH HOH A . 
D 4 HOH 2  1003 1003 HOH HOH A . 
D 4 HOH 3  1007 1007 HOH HOH A . 
D 4 HOH 4  1013 1013 HOH HOH A . 
D 4 HOH 5  1014 1014 HOH HOH A . 
D 4 HOH 6  1017 1017 HOH HOH A . 
D 4 HOH 7  1018 1018 HOH HOH A . 
D 4 HOH 8  1024 1024 HOH HOH A . 
D 4 HOH 9  1027 1027 HOH HOH A . 
D 4 HOH 10 1030 1030 HOH HOH A . 
D 4 HOH 11 1039 1039 HOH HOH A . 
D 4 HOH 12 1041 1041 HOH HOH A . 
D 4 HOH 13 1042 1042 HOH HOH A . 
D 4 HOH 14 1043 1043 HOH HOH A . 
D 4 HOH 15 1044 1044 HOH HOH A . 
D 4 HOH 16 1045 1045 HOH HOH A . 
D 4 HOH 17 1047 1047 HOH HOH A . 
D 4 HOH 18 1048 1048 HOH HOH A . 
D 4 HOH 19 1053 1053 HOH HOH A . 
D 4 HOH 20 1054 1054 HOH HOH A . 
D 4 HOH 21 1055 1055 HOH HOH A . 
D 4 HOH 22 1059 1059 HOH HOH A . 
D 4 HOH 23 1060 1060 HOH HOH A . 
D 4 HOH 24 1061 1061 HOH HOH A . 
D 4 HOH 25 1063 1063 HOH HOH A . 
D 4 HOH 26 1065 1065 HOH HOH A . 
D 4 HOH 27 1068 1068 HOH HOH A . 
D 4 HOH 28 1071 1071 HOH HOH A . 
D 4 HOH 29 1072 1072 HOH HOH A . 
D 4 HOH 30 1073 1073 HOH HOH A . 
D 4 HOH 31 1075 1075 HOH HOH A . 
D 4 HOH 32 1076 1076 HOH HOH A . 
D 4 HOH 33 1077 1077 HOH HOH A . 
D 4 HOH 34 1079 1079 HOH HOH A . 
D 4 HOH 35 1081 1081 HOH HOH A . 
D 4 HOH 36 1085 1085 HOH HOH A . 
D 4 HOH 37 1087 1087 HOH HOH A . 
D 4 HOH 38 1088 1088 HOH HOH A . 
D 4 HOH 39 1089 1089 HOH HOH A . 
D 4 HOH 40 1095 1095 HOH HOH A . 
D 4 HOH 41 1098 1098 HOH HOH A . 
D 4 HOH 42 1100 1100 HOH HOH A . 
D 4 HOH 43 1101 1101 HOH HOH A . 
D 4 HOH 44 1103 1103 HOH HOH A . 
D 4 HOH 45 1105 1105 HOH HOH A . 
D 4 HOH 46 1106 1106 HOH HOH A . 
D 4 HOH 47 1109 1109 HOH HOH A . 
D 4 HOH 48 1111 1111 HOH HOH A . 
D 4 HOH 49 1116 1116 HOH HOH A . 
D 4 HOH 50 1123 1123 HOH HOH A . 
D 4 HOH 51 1125 1125 HOH HOH A . 
D 4 HOH 52 1126 1126 HOH HOH A . 
D 4 HOH 53 1128 1128 HOH HOH A . 
D 4 HOH 54 1130 1130 HOH HOH A . 
D 4 HOH 55 2002 2002 HOH HOH A . 
D 4 HOH 56 2003 2003 HOH HOH A . 
D 4 HOH 57 2007 2007 HOH HOH A . 
D 4 HOH 58 2013 2013 HOH HOH A . 
D 4 HOH 59 2018 2018 HOH HOH A . 
D 4 HOH 60 2044 2044 HOH HOH A . 
D 4 HOH 61 2060 2060 HOH HOH A . 
D 4 HOH 62 2063 2063 HOH HOH A . 
D 4 HOH 63 2071 2071 HOH HOH A . 
D 4 HOH 64 2072 2072 HOH HOH A . 
D 4 HOH 65 2073 2073 HOH HOH A . 
D 4 HOH 66 2087 2087 HOH HOH A . 
D 4 HOH 67 2089 2089 HOH HOH A . 
D 4 HOH 68 2095 2095 HOH HOH A . 
D 4 HOH 69 2101 2101 HOH HOH A . 
D 4 HOH 70 2106 2106 HOH HOH A . 
D 4 HOH 71 2111 2111 HOH HOH A . 
D 4 HOH 72 2123 2123 HOH HOH A . 
D 4 HOH 73 2130 2130 HOH HOH A . 
D 4 HOH 74 3071 3071 HOH HOH A . 
D 4 HOH 75 3089 3089 HOH HOH A . 
D 4 HOH 76 4071 4071 HOH HOH A . 
D 4 HOH 77 8003 8003 HOH HOH A . 
D 4 HOH 78 9003 9003 HOH HOH A . 
D 4 HOH 79 9015 9015 HOH HOH A . 
D 4 HOH 80 9065 9065 HOH HOH A . 
D 4 HOH 81 9071 9071 HOH HOH A . 
D 4 HOH 82 9130 9130 HOH HOH A . 
# 
loop_
_pdbx_unobs_or_zero_occ_atoms.id 
_pdbx_unobs_or_zero_occ_atoms.PDB_model_num 
_pdbx_unobs_or_zero_occ_atoms.polymer_flag 
_pdbx_unobs_or_zero_occ_atoms.occupancy_flag 
_pdbx_unobs_or_zero_occ_atoms.auth_asym_id 
_pdbx_unobs_or_zero_occ_atoms.auth_comp_id 
_pdbx_unobs_or_zero_occ_atoms.auth_seq_id 
_pdbx_unobs_or_zero_occ_atoms.PDB_ins_code 
_pdbx_unobs_or_zero_occ_atoms.auth_atom_id 
_pdbx_unobs_or_zero_occ_atoms.label_alt_id 
_pdbx_unobs_or_zero_occ_atoms.label_asym_id 
_pdbx_unobs_or_zero_occ_atoms.label_comp_id 
_pdbx_unobs_or_zero_occ_atoms.label_seq_id 
_pdbx_unobs_or_zero_occ_atoms.label_atom_id 
1  1 Y 0 A LYS 9   ? NZ  ? A LYS 9   NZ  
2  1 Y 0 A MET 35  ? CE  ? A MET 35  CE  
3  1 Y 0 A LYS 37  ? CG  ? A LYS 37  CG  
4  1 Y 0 A LYS 37  ? CD  ? A LYS 37  CD  
5  1 Y 0 A LYS 37  ? CE  ? A LYS 37  CE  
6  1 Y 0 A LYS 37  ? NZ  ? A LYS 37  NZ  
7  1 Y 0 A LYS 96  ? NZ  ? A LYS 96  NZ  
8  1 Y 0 A LYS 100 ? NZ  ? A LYS 100 NZ  
9  1 Y 1 A OCS 117 ? OD3 ? A OCS 117 OD3 
10 1 Y 0 A LYS 120 ? CD  ? A LYS 120 CD  
11 1 Y 0 A LYS 120 ? CE  ? A LYS 120 CE  
12 1 Y 0 A LYS 120 ? NZ  ? A LYS 120 NZ  
# 
loop_
_software.name 
_software.classification 
_software.version 
_software.citation_id 
_software.pdbx_ordinal 
X-PLOR 'model building' . ? 1 
X-PLOR refinement       . ? 2 
X-PLOR phasing          . ? 3 
# 
_cell.entry_id           1LIE 
_cell.length_a           119.540 
_cell.length_b           37.860 
_cell.length_c           28.570 
_cell.angle_alpha        90.00 
_cell.angle_beta         92.66 
_cell.angle_gamma        90.00 
_cell.Z_PDB              4 
_cell.pdbx_unique_axis   ? 
# 
_symmetry.entry_id                         1LIE 
_symmetry.space_group_name_H-M             'C 1 2 1' 
_symmetry.pdbx_full_space_group_name_H-M   ? 
_symmetry.cell_setting                     ? 
_symmetry.Int_Tables_number                5 
# 
_exptl.entry_id          1LIE 
_exptl.method            'X-RAY DIFFRACTION' 
_exptl.crystals_number   ? 
# 
_exptl_crystal.id                    1 
_exptl_crystal.density_meas          ? 
_exptl_crystal.density_Matthews      2.22 
_exptl_crystal.density_percent_sol   44.61 
_exptl_crystal.description           ? 
# 
_diffrn.id                     1 
_diffrn.ambient_temp           ? 
_diffrn.ambient_temp_details   ? 
_diffrn.crystal_id             1 
# 
_diffrn_radiation.diffrn_id                        1 
_diffrn_radiation.wavelength_id                    1 
_diffrn_radiation.pdbx_monochromatic_or_laue_m_l   ? 
_diffrn_radiation.monochromator                    ? 
_diffrn_radiation.pdbx_diffrn_protocol             ? 
_diffrn_radiation.pdbx_scattering_type             x-ray 
# 
_diffrn_radiation_wavelength.id           1 
_diffrn_radiation_wavelength.wavelength   . 
_diffrn_radiation_wavelength.wt           1.0 
# 
_refine.entry_id                                 1LIE 
_refine.ls_number_reflns_obs                     15995 
_refine.ls_number_reflns_all                     ? 
_refine.pdbx_ls_sigma_I                          ? 
_refine.pdbx_ls_sigma_F                          ? 
_refine.pdbx_data_cutoff_high_absF               ? 
_refine.pdbx_data_cutoff_low_absF                ? 
_refine.pdbx_data_cutoff_high_rms_absF           ? 
_refine.ls_d_res_low                             10.0 
_refine.ls_d_res_high                            1.6 
_refine.ls_percent_reflns_obs                    ? 
_refine.ls_R_factor_obs                          0.1980000 
_refine.ls_R_factor_all                          ? 
_refine.ls_R_factor_R_work                       0.1980000 
_refine.ls_R_factor_R_free                       0.2390000 
_refine.ls_R_factor_R_free_error                 ? 
_refine.ls_R_factor_R_free_error_details         ? 
_refine.ls_percent_reflns_R_free                 ? 
_refine.ls_number_reflns_R_free                  ? 
_refine.ls_number_parameters                     ? 
_refine.ls_number_restraints                     ? 
_refine.occupancy_min                            ? 
_refine.occupancy_max                            ? 
_refine.B_iso_mean                               ? 
_refine.aniso_B[1][1]                            ? 
_refine.aniso_B[2][2]                            ? 
_refine.aniso_B[3][3]                            ? 
_refine.aniso_B[1][2]                            ? 
_refine.aniso_B[1][3]                            ? 
_refine.aniso_B[2][3]                            ? 
_refine.solvent_model_details                    ? 
_refine.solvent_model_param_ksol                 ? 
_refine.solvent_model_param_bsol                 ? 
_refine.pdbx_ls_cross_valid_method               ? 
_refine.details                                  ? 
_refine.pdbx_starting_model                      ? 
_refine.pdbx_method_to_determine_struct          ? 
_refine.pdbx_isotropic_thermal_model             ? 
_refine.pdbx_stereochemistry_target_values       ? 
_refine.pdbx_stereochem_target_val_spec_case     ? 
_refine.pdbx_R_Free_selection_details            ? 
_refine.pdbx_overall_ESU_R                       ? 
_refine.pdbx_overall_ESU_R_Free                  ? 
_refine.overall_SU_ML                            ? 
_refine.overall_SU_B                             ? 
_refine.pdbx_refine_id                           'X-RAY DIFFRACTION' 
_refine.pdbx_diffrn_id                           1 
_refine.pdbx_TLS_residual_ADP_flag               ? 
_refine.correlation_coeff_Fo_to_Fc               ? 
_refine.correlation_coeff_Fo_to_Fc_free          ? 
_refine.pdbx_solvent_vdw_probe_radii             ? 
_refine.pdbx_solvent_ion_probe_radii             ? 
_refine.pdbx_solvent_shrinkage_radii             ? 
_refine.pdbx_overall_phase_error                 ? 
_refine.overall_SU_R_Cruickshank_DPI             ? 
_refine.pdbx_overall_SU_R_free_Cruickshank_DPI   ? 
_refine.pdbx_overall_SU_R_Blow_DPI               ? 
_refine.pdbx_overall_SU_R_free_Blow_DPI          ? 
# 
_refine_hist.pdbx_refine_id                   'X-RAY DIFFRACTION' 
_refine_hist.cycle_id                         LAST 
_refine_hist.pdbx_number_atoms_protein        1023 
_refine_hist.pdbx_number_atoms_nucleic_acid   0 
_refine_hist.pdbx_number_atoms_ligand         23 
_refine_hist.number_atoms_solvent             82 
_refine_hist.number_atoms_total               1128 
_refine_hist.d_res_high                       1.6 
_refine_hist.d_res_low                        10.0 
# 
loop_
_refine_ls_restr.type 
_refine_ls_restr.dev_ideal 
_refine_ls_restr.dev_ideal_target 
_refine_ls_restr.weight 
_refine_ls_restr.number 
_refine_ls_restr.pdbx_refine_id 
_refine_ls_restr.pdbx_restraint_function 
x_bond_d                0.021 ? ? ? 'X-RAY DIFFRACTION' ? 
x_bond_d_na             ?     ? ? ? 'X-RAY DIFFRACTION' ? 
x_bond_d_prot           ?     ? ? ? 'X-RAY DIFFRACTION' ? 
x_angle_d               ?     ? ? ? 'X-RAY DIFFRACTION' ? 
x_angle_d_na            ?     ? ? ? 'X-RAY DIFFRACTION' ? 
x_angle_d_prot          ?     ? ? ? 'X-RAY DIFFRACTION' ? 
x_angle_deg             1.65  ? ? ? 'X-RAY DIFFRACTION' ? 
x_angle_deg_na          ?     ? ? ? 'X-RAY DIFFRACTION' ? 
x_angle_deg_prot        ?     ? ? ? 'X-RAY DIFFRACTION' ? 
x_dihedral_angle_d      ?     ? ? ? 'X-RAY DIFFRACTION' ? 
x_dihedral_angle_d_na   ?     ? ? ? 'X-RAY DIFFRACTION' ? 
x_dihedral_angle_d_prot ?     ? ? ? 'X-RAY DIFFRACTION' ? 
x_improper_angle_d      ?     ? ? ? 'X-RAY DIFFRACTION' ? 
x_improper_angle_d_na   ?     ? ? ? 'X-RAY DIFFRACTION' ? 
x_improper_angle_d_prot ?     ? ? ? 'X-RAY DIFFRACTION' ? 
x_mcbond_it             ?     ? ? ? 'X-RAY DIFFRACTION' ? 
x_mcangle_it            ?     ? ? ? 'X-RAY DIFFRACTION' ? 
x_scbond_it             ?     ? ? ? 'X-RAY DIFFRACTION' ? 
x_scangle_it            ?     ? ? ? 'X-RAY DIFFRACTION' ? 
# 
_struct.entry_id                  1LIE 
_struct.title                     
;X-RAY CRYSTALLOGRAPHIC STRUCTURES OF ADIPOCYTE LIPID BINDING PROTEIN COMPLEXED WITH PALMITATE AND HEXADECANESULFONIC ACID. PROPERTIES OF CAVITY BINDING SITES
;
_struct.pdbx_model_details        ? 
_struct.pdbx_CASP_flag            ? 
_struct.pdbx_model_type_details   ? 
# 
_struct_keywords.entry_id        1LIE 
_struct_keywords.pdbx_keywords   'LIPID BINDING PROTEIN' 
_struct_keywords.text            'LIPID-BINDING PROTEIN, LIPID BINDING PROTEIN' 
# 
loop_
_struct_asym.id 
_struct_asym.pdbx_blank_PDB_chainid_flag 
_struct_asym.pdbx_modified 
_struct_asym.entity_id 
_struct_asym.details 
A N N 1 ? 
B N N 2 ? 
C N N 3 ? 
D N N 4 ? 
# 
_struct_ref.id                         1 
_struct_ref.db_name                    UNP 
_struct_ref.db_code                    FABPA_MOUSE 
_struct_ref.entity_id                  1 
_struct_ref.pdbx_db_accession          P04117 
_struct_ref.pdbx_align_begin           1 
_struct_ref.pdbx_seq_one_letter_code   
;CDAFVGTWKLVSSENFDDYMKEVGVGFATRKVAGMAKPNMIISVNGDLVTIRSESTFKNTEISFKLGVEFDEITADDRKV
KSIITLDGGALVQVQKWDGKSTTIKRKRDGDKLVVECVMKGVTSTRVYERA
;
_struct_ref.pdbx_db_isoform            ? 
# 
_struct_ref_seq.align_id                      1 
_struct_ref_seq.ref_id                        1 
_struct_ref_seq.pdbx_PDB_id_code              1LIE 
_struct_ref_seq.pdbx_strand_id                A 
_struct_ref_seq.seq_align_beg                 1 
_struct_ref_seq.pdbx_seq_align_beg_ins_code   ? 
_struct_ref_seq.seq_align_end                 131 
_struct_ref_seq.pdbx_seq_align_end_ins_code   ? 
_struct_ref_seq.pdbx_db_accession             P04117 
_struct_ref_seq.db_align_beg                  1 
_struct_ref_seq.pdbx_db_align_beg_ins_code    ? 
_struct_ref_seq.db_align_end                  131 
_struct_ref_seq.pdbx_db_align_end_ins_code    ? 
_struct_ref_seq.pdbx_auth_seq_align_beg       1 
_struct_ref_seq.pdbx_auth_seq_align_end       131 
# 
_pdbx_struct_assembly.id                   1 
_pdbx_struct_assembly.details              author_defined_assembly 
_pdbx_struct_assembly.method_details       ? 
_pdbx_struct_assembly.oligomeric_details   dimeric 
_pdbx_struct_assembly.oligomeric_count     2 
# 
_pdbx_struct_assembly_gen.assembly_id       1 
_pdbx_struct_assembly_gen.oper_expression   1,2 
_pdbx_struct_assembly_gen.asym_id_list      A,B,C,D 
# 
loop_
_pdbx_struct_oper_list.id 
_pdbx_struct_oper_list.type 
_pdbx_struct_oper_list.name 
_pdbx_struct_oper_list.symmetry_operation 
_pdbx_struct_oper_list.matrix[1][1] 
_pdbx_struct_oper_list.matrix[1][2] 
_pdbx_struct_oper_list.matrix[1][3] 
_pdbx_struct_oper_list.vector[1] 
_pdbx_struct_oper_list.matrix[2][1] 
_pdbx_struct_oper_list.matrix[2][2] 
_pdbx_struct_oper_list.matrix[2][3] 
_pdbx_struct_oper_list.vector[2] 
_pdbx_struct_oper_list.matrix[3][1] 
_pdbx_struct_oper_list.matrix[3][2] 
_pdbx_struct_oper_list.matrix[3][3] 
_pdbx_struct_oper_list.vector[3] 
1 'identity operation'         1_555 x,y,z     1.0000000000  0.0000000000 0.0000000000  0.0000000000  0.0000000000 1.0000000000 0.0000000000  0.0000000000   0.0000000000  0.0000000000  1.0000000000  0.0000000000   
2 'crystal symmetry operation' 2_455 -x-1,y,-z -0.2820876339 0.9571953829 -0.0648349110 18.8577872093 0.9571953829 0.2762323709 -0.0864446419 -16.0460061110 -0.0648349110 -0.0864446419 -0.9941447370 -28.0855530166 
# 
_struct_biol.id   1 
# 
loop_
_struct_conf.conf_type_id 
_struct_conf.id 
_struct_conf.pdbx_PDB_helix_id 
_struct_conf.beg_label_comp_id 
_struct_conf.beg_label_asym_id 
_struct_conf.beg_label_seq_id 
_struct_conf.pdbx_beg_PDB_ins_code 
_struct_conf.end_label_comp_id 
_struct_conf.end_label_asym_id 
_struct_conf.end_label_seq_id 
_struct_conf.pdbx_end_PDB_ins_code 
_struct_conf.beg_auth_comp_id 
_struct_conf.beg_auth_asym_id 
_struct_conf.beg_auth_seq_id 
_struct_conf.end_auth_comp_id 
_struct_conf.end_auth_asym_id 
_struct_conf.end_auth_seq_id 
_struct_conf.pdbx_PDB_helix_class 
_struct_conf.details 
_struct_conf.pdbx_PDB_helix_length 
HELX_P HELX_P1 H1 PHE A 16 ? VAL A 23 ? PHE A 16 VAL A 23 1 ? 8 
HELX_P HELX_P2 H2 PHE A 27 ? MET A 35 ? PHE A 27 MET A 35 1 ? 9 
# 
_struct_conf_type.id          HELX_P 
_struct_conf_type.criteria    ? 
_struct_conf_type.reference   ? 
# 
loop_
_struct_conn.id 
_struct_conn.conn_type_id 
_struct_conn.pdbx_leaving_atom_flag 
_struct_conn.pdbx_PDB_id 
_struct_conn.ptnr1_label_asym_id 
_struct_conn.ptnr1_label_comp_id 
_struct_conn.ptnr1_label_seq_id 
_struct_conn.ptnr1_label_atom_id 
_struct_conn.pdbx_ptnr1_label_alt_id 
_struct_conn.pdbx_ptnr1_PDB_ins_code 
_struct_conn.pdbx_ptnr1_standard_comp_id 
_struct_conn.ptnr1_symmetry 
_struct_conn.ptnr2_label_asym_id 
_struct_conn.ptnr2_label_comp_id 
_struct_conn.ptnr2_label_seq_id 
_struct_conn.ptnr2_label_atom_id 
_struct_conn.pdbx_ptnr2_label_alt_id 
_struct_conn.pdbx_ptnr2_PDB_ins_code 
_struct_conn.ptnr1_auth_asym_id 
_struct_conn.ptnr1_auth_comp_id 
_struct_conn.ptnr1_auth_seq_id 
_struct_conn.ptnr2_auth_asym_id 
_struct_conn.ptnr2_auth_comp_id 
_struct_conn.ptnr2_auth_seq_id 
_struct_conn.ptnr2_symmetry 
_struct_conn.pdbx_ptnr3_label_atom_id 
_struct_conn.pdbx_ptnr3_label_seq_id 
_struct_conn.pdbx_ptnr3_label_comp_id 
_struct_conn.pdbx_ptnr3_label_asym_id 
_struct_conn.pdbx_ptnr3_label_alt_id 
_struct_conn.pdbx_ptnr3_PDB_ins_code 
_struct_conn.details 
_struct_conn.pdbx_dist_value 
_struct_conn.pdbx_value_order 
_struct_conn.pdbx_role 
covale1 covale both ? A GLU 116 C ? ? ? 1_555 A OCS 117 N ? ? A GLU 116 A OCS 117 1_555 ? ? ? ? ? ? ? 1.324 ? ? 
covale2 covale both ? A OCS 117 C ? ? ? 1_555 A VAL 118 N ? ? A OCS 117 A VAL 118 1_555 ? ? ? ? ? ? ? 1.327 ? ? 
# 
_struct_conn_type.id          covale 
_struct_conn_type.criteria    ? 
_struct_conn_type.reference   ? 
# 
loop_
_pdbx_modification_feature.ordinal 
_pdbx_modification_feature.label_comp_id 
_pdbx_modification_feature.label_asym_id 
_pdbx_modification_feature.label_seq_id 
_pdbx_modification_feature.label_alt_id 
_pdbx_modification_feature.modified_residue_label_comp_id 
_pdbx_modification_feature.modified_residue_label_asym_id 
_pdbx_modification_feature.modified_residue_label_seq_id 
_pdbx_modification_feature.modified_residue_label_alt_id 
_pdbx_modification_feature.auth_comp_id 
_pdbx_modification_feature.auth_asym_id 
_pdbx_modification_feature.auth_seq_id 
_pdbx_modification_feature.PDB_ins_code 
_pdbx_modification_feature.symmetry 
_pdbx_modification_feature.modified_residue_auth_comp_id 
_pdbx_modification_feature.modified_residue_auth_asym_id 
_pdbx_modification_feature.modified_residue_auth_seq_id 
_pdbx_modification_feature.modified_residue_PDB_ins_code 
_pdbx_modification_feature.modified_residue_symmetry 
_pdbx_modification_feature.comp_id_linking_atom 
_pdbx_modification_feature.modified_residue_id_linking_atom 
_pdbx_modification_feature.modified_residue_id 
_pdbx_modification_feature.ref_pcm_id 
_pdbx_modification_feature.ref_comp_id 
_pdbx_modification_feature.type 
_pdbx_modification_feature.category 
1 OCS A 117 ? . . . . OCS A 117 ? 1_555 . . . . . . . CYS 1 OCS Oxidation     'Named protein modification' 
2 OCS A 117 ? . . . . OCS A 117 ? 1_555 . . . . . . . CYS 2 OCS Hydroxylation 'Named protein modification' 
# 
_struct_sheet.id               S1 
_struct_sheet.type             ? 
_struct_sheet.number_strands   11 
_struct_sheet.details          ? 
# 
loop_
_struct_sheet_order.sheet_id 
_struct_sheet_order.range_id_1 
_struct_sheet_order.range_id_2 
_struct_sheet_order.offset 
_struct_sheet_order.sense 
S1 1  2  ? parallel 
S1 2  3  ? parallel 
S1 3  4  ? parallel 
S1 4  5  ? parallel 
S1 5  6  ? parallel 
S1 6  7  ? parallel 
S1 7  8  ? parallel 
S1 8  9  ? parallel 
S1 9  10 ? parallel 
S1 10 11 ? parallel 
# 
loop_
_struct_sheet_range.sheet_id 
_struct_sheet_range.id 
_struct_sheet_range.beg_label_comp_id 
_struct_sheet_range.beg_label_asym_id 
_struct_sheet_range.beg_label_seq_id 
_struct_sheet_range.pdbx_beg_PDB_ins_code 
_struct_sheet_range.end_label_comp_id 
_struct_sheet_range.end_label_asym_id 
_struct_sheet_range.end_label_seq_id 
_struct_sheet_range.pdbx_end_PDB_ins_code 
_struct_sheet_range.beg_auth_comp_id 
_struct_sheet_range.beg_auth_asym_id 
_struct_sheet_range.beg_auth_seq_id 
_struct_sheet_range.end_auth_comp_id 
_struct_sheet_range.end_auth_asym_id 
_struct_sheet_range.end_auth_seq_id 
S1 1  GLY A 6   ? GLU A 14  ? GLY A 6   GLU A 14  
S1 2  ASN A 39  ? ASN A 45  ? ASN A 39  ASN A 45  
S1 3  LEU A 48  ? GLU A 54  ? LEU A 48  GLU A 54  
S1 4  ASN A 59  ? PHE A 64  ? ASN A 59  PHE A 64  
S1 5  PHE A 70  ? ILE A 73  ? PHE A 70  ILE A 73  
S1 6  LYS A 79  ? ASP A 87  ? LYS A 79  ASP A 87  
S1 7  ALA A 90  ? TRP A 97  ? ALA A 90  TRP A 97  
S1 8  LYS A 100 ? ASP A 109 ? LYS A 100 ASP A 109 
S1 9  LYS A 112 ? MET A 119 ? LYS A 112 MET A 119 
S1 10 VAL A 122 ? ARG A 130 ? VAL A 122 ARG A 130 
S1 11 GLY A 6   ? GLU A 14  ? GLY A 6   GLU A 14  
# 
loop_
_struct_site.id 
_struct_site.pdbx_evidence_code 
_struct_site.pdbx_auth_asym_id 
_struct_site.pdbx_auth_comp_id 
_struct_site.pdbx_auth_seq_id 
_struct_site.pdbx_auth_ins_code 
_struct_site.pdbx_num_residues 
_struct_site.details 
AC1 Software A PLM 133 ? 10 'BINDING SITE FOR RESIDUE PLM A 133' 
AC2 Software A PPI 134 ? 5  'BINDING SITE FOR RESIDUE PPI A 134' 
# 
loop_
_struct_site_gen.id 
_struct_site_gen.site_id 
_struct_site_gen.pdbx_num_res 
_struct_site_gen.label_comp_id 
_struct_site_gen.label_asym_id 
_struct_site_gen.label_seq_id 
_struct_site_gen.pdbx_auth_ins_code 
_struct_site_gen.auth_comp_id 
_struct_site_gen.auth_asym_id 
_struct_site_gen.auth_seq_id 
_struct_site_gen.label_atom_id 
_struct_site_gen.label_alt_id 
_struct_site_gen.symmetry 
_struct_site_gen.details 
1  AC1 10 THR A 29  ? THR A 29   . ? 1_555 ? 
2  AC1 10 ALA A 33  ? ALA A 33   . ? 1_555 ? 
3  AC1 10 MET A 40  ? MET A 40   . ? 1_555 ? 
4  AC1 10 LYS A 58  ? LYS A 58   . ? 1_555 ? 
5  AC1 10 ALA A 75  ? ALA A 75   . ? 1_555 ? 
6  AC1 10 ASP A 76  ? ASP A 76   . ? 1_555 ? 
7  AC1 10 OCS A 117 ? OCS A 117  . ? 1_555 ? 
8  AC1 10 ARG A 126 ? ARG A 126  . ? 1_555 ? 
9  AC1 10 TYR A 128 ? TYR A 128  . ? 1_555 ? 
10 AC1 10 HOH D .   ? HOH A 1106 . ? 1_555 ? 
11 AC2 5  SER A 13  ? SER A 13   . ? 1_555 ? 
12 AC2 5  GLU A 14  ? GLU A 14   . ? 1_555 ? 
13 AC2 5  ASN A 15  ? ASN A 15   . ? 1_555 ? 
14 AC2 5  PHE A 16  ? PHE A 16   . ? 1_555 ? 
15 AC2 5  ASP A 17  ? ASP A 17   . ? 1_555 ? 
# 
_pdbx_entry_details.entry_id                   1LIE 
_pdbx_entry_details.compound_details           ? 
_pdbx_entry_details.source_details             ? 
_pdbx_entry_details.nonpolymer_details         ? 
_pdbx_entry_details.sequence_details           ? 
_pdbx_entry_details.has_ligand_of_interest     ? 
_pdbx_entry_details.has_protein_modification   Y 
# 
_pdbx_validate_close_contact.id               1 
_pdbx_validate_close_contact.PDB_model_num    1 
_pdbx_validate_close_contact.auth_atom_id_1   OD2 
_pdbx_validate_close_contact.auth_asym_id_1   A 
_pdbx_validate_close_contact.auth_comp_id_1   ASP 
_pdbx_validate_close_contact.auth_seq_id_1    17 
_pdbx_validate_close_contact.PDB_ins_code_1   ? 
_pdbx_validate_close_contact.label_alt_id_1   ? 
_pdbx_validate_close_contact.auth_atom_id_2   NZ 
_pdbx_validate_close_contact.auth_asym_id_2   A 
_pdbx_validate_close_contact.auth_comp_id_2   LYS 
_pdbx_validate_close_contact.auth_seq_id_2    21 
_pdbx_validate_close_contact.PDB_ins_code_2   ? 
_pdbx_validate_close_contact.label_alt_id_2   ? 
_pdbx_validate_close_contact.dist             2.17 
# 
_pdbx_validate_rmsd_angle.id                         1 
_pdbx_validate_rmsd_angle.PDB_model_num              1 
_pdbx_validate_rmsd_angle.auth_atom_id_1             CG 
_pdbx_validate_rmsd_angle.auth_asym_id_1             A 
_pdbx_validate_rmsd_angle.auth_comp_id_1             MET 
_pdbx_validate_rmsd_angle.auth_seq_id_1              35 
_pdbx_validate_rmsd_angle.PDB_ins_code_1             ? 
_pdbx_validate_rmsd_angle.label_alt_id_1             ? 
_pdbx_validate_rmsd_angle.auth_atom_id_2             SD 
_pdbx_validate_rmsd_angle.auth_asym_id_2             A 
_pdbx_validate_rmsd_angle.auth_comp_id_2             MET 
_pdbx_validate_rmsd_angle.auth_seq_id_2              35 
_pdbx_validate_rmsd_angle.PDB_ins_code_2             ? 
_pdbx_validate_rmsd_angle.label_alt_id_2             ? 
_pdbx_validate_rmsd_angle.auth_atom_id_3             CE 
_pdbx_validate_rmsd_angle.auth_asym_id_3             A 
_pdbx_validate_rmsd_angle.auth_comp_id_3             MET 
_pdbx_validate_rmsd_angle.auth_seq_id_3              35 
_pdbx_validate_rmsd_angle.PDB_ins_code_3             ? 
_pdbx_validate_rmsd_angle.label_alt_id_3             ? 
_pdbx_validate_rmsd_angle.angle_value                109.99 
_pdbx_validate_rmsd_angle.angle_target_value         100.20 
_pdbx_validate_rmsd_angle.angle_deviation            9.79 
_pdbx_validate_rmsd_angle.angle_standard_deviation   1.60 
_pdbx_validate_rmsd_angle.linker_flag                N 
# 
_pdbx_struct_mod_residue.id               1 
_pdbx_struct_mod_residue.label_asym_id    A 
_pdbx_struct_mod_residue.label_comp_id    OCS 
_pdbx_struct_mod_residue.label_seq_id     117 
_pdbx_struct_mod_residue.auth_asym_id     A 
_pdbx_struct_mod_residue.auth_comp_id     OCS 
_pdbx_struct_mod_residue.auth_seq_id      117 
_pdbx_struct_mod_residue.PDB_ins_code     ? 
_pdbx_struct_mod_residue.parent_comp_id   CYS 
_pdbx_struct_mod_residue.details          'CYSTEINESULFONIC ACID' 
# 
loop_
_chem_comp_atom.comp_id 
_chem_comp_atom.atom_id 
_chem_comp_atom.type_symbol 
_chem_comp_atom.pdbx_aromatic_flag 
_chem_comp_atom.pdbx_stereo_config 
_chem_comp_atom.pdbx_ordinal 
ALA N    N N N 1   
ALA CA   C N S 2   
ALA C    C N N 3   
ALA O    O N N 4   
ALA CB   C N N 5   
ALA OXT  O N N 6   
ALA H    H N N 7   
ALA H2   H N N 8   
ALA HA   H N N 9   
ALA HB1  H N N 10  
ALA HB2  H N N 11  
ALA HB3  H N N 12  
ALA HXT  H N N 13  
ARG N    N N N 14  
ARG CA   C N S 15  
ARG C    C N N 16  
ARG O    O N N 17  
ARG CB   C N N 18  
ARG CG   C N N 19  
ARG CD   C N N 20  
ARG NE   N N N 21  
ARG CZ   C N N 22  
ARG NH1  N N N 23  
ARG NH2  N N N 24  
ARG OXT  O N N 25  
ARG H    H N N 26  
ARG H2   H N N 27  
ARG HA   H N N 28  
ARG HB2  H N N 29  
ARG HB3  H N N 30  
ARG HG2  H N N 31  
ARG HG3  H N N 32  
ARG HD2  H N N 33  
ARG HD3  H N N 34  
ARG HE   H N N 35  
ARG HH11 H N N 36  
ARG HH12 H N N 37  
ARG HH21 H N N 38  
ARG HH22 H N N 39  
ARG HXT  H N N 40  
ASN N    N N N 41  
ASN CA   C N S 42  
ASN C    C N N 43  
ASN O    O N N 44  
ASN CB   C N N 45  
ASN CG   C N N 46  
ASN OD1  O N N 47  
ASN ND2  N N N 48  
ASN OXT  O N N 49  
ASN H    H N N 50  
ASN H2   H N N 51  
ASN HA   H N N 52  
ASN HB2  H N N 53  
ASN HB3  H N N 54  
ASN HD21 H N N 55  
ASN HD22 H N N 56  
ASN HXT  H N N 57  
ASP N    N N N 58  
ASP CA   C N S 59  
ASP C    C N N 60  
ASP O    O N N 61  
ASP CB   C N N 62  
ASP CG   C N N 63  
ASP OD1  O N N 64  
ASP OD2  O N N 65  
ASP OXT  O N N 66  
ASP H    H N N 67  
ASP H2   H N N 68  
ASP HA   H N N 69  
ASP HB2  H N N 70  
ASP HB3  H N N 71  
ASP HD2  H N N 72  
ASP HXT  H N N 73  
CYS N    N N N 74  
CYS CA   C N R 75  
CYS C    C N N 76  
CYS O    O N N 77  
CYS CB   C N N 78  
CYS SG   S N N 79  
CYS OXT  O N N 80  
CYS H    H N N 81  
CYS H2   H N N 82  
CYS HA   H N N 83  
CYS HB2  H N N 84  
CYS HB3  H N N 85  
CYS HG   H N N 86  
CYS HXT  H N N 87  
GLN N    N N N 88  
GLN CA   C N S 89  
GLN C    C N N 90  
GLN O    O N N 91  
GLN CB   C N N 92  
GLN CG   C N N 93  
GLN CD   C N N 94  
GLN OE1  O N N 95  
GLN NE2  N N N 96  
GLN OXT  O N N 97  
GLN H    H N N 98  
GLN H2   H N N 99  
GLN HA   H N N 100 
GLN HB2  H N N 101 
GLN HB3  H N N 102 
GLN HG2  H N N 103 
GLN HG3  H N N 104 
GLN HE21 H N N 105 
GLN HE22 H N N 106 
GLN HXT  H N N 107 
GLU N    N N N 108 
GLU CA   C N S 109 
GLU C    C N N 110 
GLU O    O N N 111 
GLU CB   C N N 112 
GLU CG   C N N 113 
GLU CD   C N N 114 
GLU OE1  O N N 115 
GLU OE2  O N N 116 
GLU OXT  O N N 117 
GLU H    H N N 118 
GLU H2   H N N 119 
GLU HA   H N N 120 
GLU HB2  H N N 121 
GLU HB3  H N N 122 
GLU HG2  H N N 123 
GLU HG3  H N N 124 
GLU HE2  H N N 125 
GLU HXT  H N N 126 
GLY N    N N N 127 
GLY CA   C N N 128 
GLY C    C N N 129 
GLY O    O N N 130 
GLY OXT  O N N 131 
GLY H    H N N 132 
GLY H2   H N N 133 
GLY HA2  H N N 134 
GLY HA3  H N N 135 
GLY HXT  H N N 136 
HOH O    O N N 137 
HOH H1   H N N 138 
HOH H2   H N N 139 
ILE N    N N N 140 
ILE CA   C N S 141 
ILE C    C N N 142 
ILE O    O N N 143 
ILE CB   C N S 144 
ILE CG1  C N N 145 
ILE CG2  C N N 146 
ILE CD1  C N N 147 
ILE OXT  O N N 148 
ILE H    H N N 149 
ILE H2   H N N 150 
ILE HA   H N N 151 
ILE HB   H N N 152 
ILE HG12 H N N 153 
ILE HG13 H N N 154 
ILE HG21 H N N 155 
ILE HG22 H N N 156 
ILE HG23 H N N 157 
ILE HD11 H N N 158 
ILE HD12 H N N 159 
ILE HD13 H N N 160 
ILE HXT  H N N 161 
LEU N    N N N 162 
LEU CA   C N S 163 
LEU C    C N N 164 
LEU O    O N N 165 
LEU CB   C N N 166 
LEU CG   C N N 167 
LEU CD1  C N N 168 
LEU CD2  C N N 169 
LEU OXT  O N N 170 
LEU H    H N N 171 
LEU H2   H N N 172 
LEU HA   H N N 173 
LEU HB2  H N N 174 
LEU HB3  H N N 175 
LEU HG   H N N 176 
LEU HD11 H N N 177 
LEU HD12 H N N 178 
LEU HD13 H N N 179 
LEU HD21 H N N 180 
LEU HD22 H N N 181 
LEU HD23 H N N 182 
LEU HXT  H N N 183 
LYS N    N N N 184 
LYS CA   C N S 185 
LYS C    C N N 186 
LYS O    O N N 187 
LYS CB   C N N 188 
LYS CG   C N N 189 
LYS CD   C N N 190 
LYS CE   C N N 191 
LYS NZ   N N N 192 
LYS OXT  O N N 193 
LYS H    H N N 194 
LYS H2   H N N 195 
LYS HA   H N N 196 
LYS HB2  H N N 197 
LYS HB3  H N N 198 
LYS HG2  H N N 199 
LYS HG3  H N N 200 
LYS HD2  H N N 201 
LYS HD3  H N N 202 
LYS HE2  H N N 203 
LYS HE3  H N N 204 
LYS HZ1  H N N 205 
LYS HZ2  H N N 206 
LYS HZ3  H N N 207 
LYS HXT  H N N 208 
MET N    N N N 209 
MET CA   C N S 210 
MET C    C N N 211 
MET O    O N N 212 
MET CB   C N N 213 
MET CG   C N N 214 
MET SD   S N N 215 
MET CE   C N N 216 
MET OXT  O N N 217 
MET H    H N N 218 
MET H2   H N N 219 
MET HA   H N N 220 
MET HB2  H N N 221 
MET HB3  H N N 222 
MET HG2  H N N 223 
MET HG3  H N N 224 
MET HE1  H N N 225 
MET HE2  H N N 226 
MET HE3  H N N 227 
MET HXT  H N N 228 
OCS N    N N N 229 
OCS CA   C N R 230 
OCS CB   C N N 231 
OCS SG   S N N 232 
OCS C    C N N 233 
OCS O    O N N 234 
OCS OXT  O N N 235 
OCS OD1  O N N 236 
OCS OD2  O N N 237 
OCS OD3  O N N 238 
OCS H    H N N 239 
OCS H2   H N N 240 
OCS HA   H N N 241 
OCS HB2  H N N 242 
OCS HB3  H N N 243 
OCS HXT  H N N 244 
OCS HD2  H N N 245 
PHE N    N N N 246 
PHE CA   C N S 247 
PHE C    C N N 248 
PHE O    O N N 249 
PHE CB   C N N 250 
PHE CG   C Y N 251 
PHE CD1  C Y N 252 
PHE CD2  C Y N 253 
PHE CE1  C Y N 254 
PHE CE2  C Y N 255 
PHE CZ   C Y N 256 
PHE OXT  O N N 257 
PHE H    H N N 258 
PHE H2   H N N 259 
PHE HA   H N N 260 
PHE HB2  H N N 261 
PHE HB3  H N N 262 
PHE HD1  H N N 263 
PHE HD2  H N N 264 
PHE HE1  H N N 265 
PHE HE2  H N N 266 
PHE HZ   H N N 267 
PHE HXT  H N N 268 
PLM C1   C N N 269 
PLM O1   O N N 270 
PLM O2   O N N 271 
PLM C2   C N N 272 
PLM C3   C N N 273 
PLM C4   C N N 274 
PLM C5   C N N 275 
PLM C6   C N N 276 
PLM C7   C N N 277 
PLM C8   C N N 278 
PLM C9   C N N 279 
PLM CA   C N N 280 
PLM CB   C N N 281 
PLM CC   C N N 282 
PLM CD   C N N 283 
PLM CE   C N N 284 
PLM CF   C N N 285 
PLM CG   C N N 286 
PLM H    H N N 287 
PLM H21  H N N 288 
PLM H22  H N N 289 
PLM H31  H N N 290 
PLM H32  H N N 291 
PLM H41  H N N 292 
PLM H42  H N N 293 
PLM H51  H N N 294 
PLM H52  H N N 295 
PLM H61  H N N 296 
PLM H62  H N N 297 
PLM H71  H N N 298 
PLM H72  H N N 299 
PLM H81  H N N 300 
PLM H82  H N N 301 
PLM H91  H N N 302 
PLM H92  H N N 303 
PLM HA1  H N N 304 
PLM HA2  H N N 305 
PLM HB1  H N N 306 
PLM HB2  H N N 307 
PLM HC1  H N N 308 
PLM HC2  H N N 309 
PLM HD1  H N N 310 
PLM HD2  H N N 311 
PLM HE1  H N N 312 
PLM HE2  H N N 313 
PLM HF1  H N N 314 
PLM HF2  H N N 315 
PLM HG1  H N N 316 
PLM HG2  H N N 317 
PLM HG3  H N N 318 
PPI C1   C N N 319 
PPI C2   C N N 320 
PPI C3   C N N 321 
PPI O1   O N N 322 
PPI O2   O N N 323 
PPI H21  H N N 324 
PPI H22  H N N 325 
PPI H31  H N N 326 
PPI H32  H N N 327 
PPI H33  H N N 328 
PPI HO2  H N N 329 
PRO N    N N N 330 
PRO CA   C N S 331 
PRO C    C N N 332 
PRO O    O N N 333 
PRO CB   C N N 334 
PRO CG   C N N 335 
PRO CD   C N N 336 
PRO OXT  O N N 337 
PRO H    H N N 338 
PRO HA   H N N 339 
PRO HB2  H N N 340 
PRO HB3  H N N 341 
PRO HG2  H N N 342 
PRO HG3  H N N 343 
PRO HD2  H N N 344 
PRO HD3  H N N 345 
PRO HXT  H N N 346 
SER N    N N N 347 
SER CA   C N S 348 
SER C    C N N 349 
SER O    O N N 350 
SER CB   C N N 351 
SER OG   O N N 352 
SER OXT  O N N 353 
SER H    H N N 354 
SER H2   H N N 355 
SER HA   H N N 356 
SER HB2  H N N 357 
SER HB3  H N N 358 
SER HG   H N N 359 
SER HXT  H N N 360 
THR N    N N N 361 
THR CA   C N S 362 
THR C    C N N 363 
THR O    O N N 364 
THR CB   C N R 365 
THR OG1  O N N 366 
THR CG2  C N N 367 
THR OXT  O N N 368 
THR H    H N N 369 
THR H2   H N N 370 
THR HA   H N N 371 
THR HB   H N N 372 
THR HG1  H N N 373 
THR HG21 H N N 374 
THR HG22 H N N 375 
THR HG23 H N N 376 
THR HXT  H N N 377 
TRP N    N N N 378 
TRP CA   C N S 379 
TRP C    C N N 380 
TRP O    O N N 381 
TRP CB   C N N 382 
TRP CG   C Y N 383 
TRP CD1  C Y N 384 
TRP CD2  C Y N 385 
TRP NE1  N Y N 386 
TRP CE2  C Y N 387 
TRP CE3  C Y N 388 
TRP CZ2  C Y N 389 
TRP CZ3  C Y N 390 
TRP CH2  C Y N 391 
TRP OXT  O N N 392 
TRP H    H N N 393 
TRP H2   H N N 394 
TRP HA   H N N 395 
TRP HB2  H N N 396 
TRP HB3  H N N 397 
TRP HD1  H N N 398 
TRP HE1  H N N 399 
TRP HE3  H N N 400 
TRP HZ2  H N N 401 
TRP HZ3  H N N 402 
TRP HH2  H N N 403 
TRP HXT  H N N 404 
TYR N    N N N 405 
TYR CA   C N S 406 
TYR C    C N N 407 
TYR O    O N N 408 
TYR CB   C N N 409 
TYR CG   C Y N 410 
TYR CD1  C Y N 411 
TYR CD2  C Y N 412 
TYR CE1  C Y N 413 
TYR CE2  C Y N 414 
TYR CZ   C Y N 415 
TYR OH   O N N 416 
TYR OXT  O N N 417 
TYR H    H N N 418 
TYR H2   H N N 419 
TYR HA   H N N 420 
TYR HB2  H N N 421 
TYR HB3  H N N 422 
TYR HD1  H N N 423 
TYR HD2  H N N 424 
TYR HE1  H N N 425 
TYR HE2  H N N 426 
TYR HH   H N N 427 
TYR HXT  H N N 428 
VAL N    N N N 429 
VAL CA   C N S 430 
VAL C    C N N 431 
VAL O    O N N 432 
VAL CB   C N N 433 
VAL CG1  C N N 434 
VAL CG2  C N N 435 
VAL OXT  O N N 436 
VAL H    H N N 437 
VAL H2   H N N 438 
VAL HA   H N N 439 
VAL HB   H N N 440 
VAL HG11 H N N 441 
VAL HG12 H N N 442 
VAL HG13 H N N 443 
VAL HG21 H N N 444 
VAL HG22 H N N 445 
VAL HG23 H N N 446 
VAL HXT  H N N 447 
# 
loop_
_chem_comp_bond.comp_id 
_chem_comp_bond.atom_id_1 
_chem_comp_bond.atom_id_2 
_chem_comp_bond.value_order 
_chem_comp_bond.pdbx_aromatic_flag 
_chem_comp_bond.pdbx_stereo_config 
_chem_comp_bond.pdbx_ordinal 
ALA N   CA   sing N N 1   
ALA N   H    sing N N 2   
ALA N   H2   sing N N 3   
ALA CA  C    sing N N 4   
ALA CA  CB   sing N N 5   
ALA CA  HA   sing N N 6   
ALA C   O    doub N N 7   
ALA C   OXT  sing N N 8   
ALA CB  HB1  sing N N 9   
ALA CB  HB2  sing N N 10  
ALA CB  HB3  sing N N 11  
ALA OXT HXT  sing N N 12  
ARG N   CA   sing N N 13  
ARG N   H    sing N N 14  
ARG N   H2   sing N N 15  
ARG CA  C    sing N N 16  
ARG CA  CB   sing N N 17  
ARG CA  HA   sing N N 18  
ARG C   O    doub N N 19  
ARG C   OXT  sing N N 20  
ARG CB  CG   sing N N 21  
ARG CB  HB2  sing N N 22  
ARG CB  HB3  sing N N 23  
ARG CG  CD   sing N N 24  
ARG CG  HG2  sing N N 25  
ARG CG  HG3  sing N N 26  
ARG CD  NE   sing N N 27  
ARG CD  HD2  sing N N 28  
ARG CD  HD3  sing N N 29  
ARG NE  CZ   sing N N 30  
ARG NE  HE   sing N N 31  
ARG CZ  NH1  sing N N 32  
ARG CZ  NH2  doub N N 33  
ARG NH1 HH11 sing N N 34  
ARG NH1 HH12 sing N N 35  
ARG NH2 HH21 sing N N 36  
ARG NH2 HH22 sing N N 37  
ARG OXT HXT  sing N N 38  
ASN N   CA   sing N N 39  
ASN N   H    sing N N 40  
ASN N   H2   sing N N 41  
ASN CA  C    sing N N 42  
ASN CA  CB   sing N N 43  
ASN CA  HA   sing N N 44  
ASN C   O    doub N N 45  
ASN C   OXT  sing N N 46  
ASN CB  CG   sing N N 47  
ASN CB  HB2  sing N N 48  
ASN CB  HB3  sing N N 49  
ASN CG  OD1  doub N N 50  
ASN CG  ND2  sing N N 51  
ASN ND2 HD21 sing N N 52  
ASN ND2 HD22 sing N N 53  
ASN OXT HXT  sing N N 54  
ASP N   CA   sing N N 55  
ASP N   H    sing N N 56  
ASP N   H2   sing N N 57  
ASP CA  C    sing N N 58  
ASP CA  CB   sing N N 59  
ASP CA  HA   sing N N 60  
ASP C   O    doub N N 61  
ASP C   OXT  sing N N 62  
ASP CB  CG   sing N N 63  
ASP CB  HB2  sing N N 64  
ASP CB  HB3  sing N N 65  
ASP CG  OD1  doub N N 66  
ASP CG  OD2  sing N N 67  
ASP OD2 HD2  sing N N 68  
ASP OXT HXT  sing N N 69  
CYS N   CA   sing N N 70  
CYS N   H    sing N N 71  
CYS N   H2   sing N N 72  
CYS CA  C    sing N N 73  
CYS CA  CB   sing N N 74  
CYS CA  HA   sing N N 75  
CYS C   O    doub N N 76  
CYS C   OXT  sing N N 77  
CYS CB  SG   sing N N 78  
CYS CB  HB2  sing N N 79  
CYS CB  HB3  sing N N 80  
CYS SG  HG   sing N N 81  
CYS OXT HXT  sing N N 82  
GLN N   CA   sing N N 83  
GLN N   H    sing N N 84  
GLN N   H2   sing N N 85  
GLN CA  C    sing N N 86  
GLN CA  CB   sing N N 87  
GLN CA  HA   sing N N 88  
GLN C   O    doub N N 89  
GLN C   OXT  sing N N 90  
GLN CB  CG   sing N N 91  
GLN CB  HB2  sing N N 92  
GLN CB  HB3  sing N N 93  
GLN CG  CD   sing N N 94  
GLN CG  HG2  sing N N 95  
GLN CG  HG3  sing N N 96  
GLN CD  OE1  doub N N 97  
GLN CD  NE2  sing N N 98  
GLN NE2 HE21 sing N N 99  
GLN NE2 HE22 sing N N 100 
GLN OXT HXT  sing N N 101 
GLU N   CA   sing N N 102 
GLU N   H    sing N N 103 
GLU N   H2   sing N N 104 
GLU CA  C    sing N N 105 
GLU CA  CB   sing N N 106 
GLU CA  HA   sing N N 107 
GLU C   O    doub N N 108 
GLU C   OXT  sing N N 109 
GLU CB  CG   sing N N 110 
GLU CB  HB2  sing N N 111 
GLU CB  HB3  sing N N 112 
GLU CG  CD   sing N N 113 
GLU CG  HG2  sing N N 114 
GLU CG  HG3  sing N N 115 
GLU CD  OE1  doub N N 116 
GLU CD  OE2  sing N N 117 
GLU OE2 HE2  sing N N 118 
GLU OXT HXT  sing N N 119 
GLY N   CA   sing N N 120 
GLY N   H    sing N N 121 
GLY N   H2   sing N N 122 
GLY CA  C    sing N N 123 
GLY CA  HA2  sing N N 124 
GLY CA  HA3  sing N N 125 
GLY C   O    doub N N 126 
GLY C   OXT  sing N N 127 
GLY OXT HXT  sing N N 128 
HOH O   H1   sing N N 129 
HOH O   H2   sing N N 130 
ILE N   CA   sing N N 131 
ILE N   H    sing N N 132 
ILE N   H2   sing N N 133 
ILE CA  C    sing N N 134 
ILE CA  CB   sing N N 135 
ILE CA  HA   sing N N 136 
ILE C   O    doub N N 137 
ILE C   OXT  sing N N 138 
ILE CB  CG1  sing N N 139 
ILE CB  CG2  sing N N 140 
ILE CB  HB   sing N N 141 
ILE CG1 CD1  sing N N 142 
ILE CG1 HG12 sing N N 143 
ILE CG1 HG13 sing N N 144 
ILE CG2 HG21 sing N N 145 
ILE CG2 HG22 sing N N 146 
ILE CG2 HG23 sing N N 147 
ILE CD1 HD11 sing N N 148 
ILE CD1 HD12 sing N N 149 
ILE CD1 HD13 sing N N 150 
ILE OXT HXT  sing N N 151 
LEU N   CA   sing N N 152 
LEU N   H    sing N N 153 
LEU N   H2   sing N N 154 
LEU CA  C    sing N N 155 
LEU CA  CB   sing N N 156 
LEU CA  HA   sing N N 157 
LEU C   O    doub N N 158 
LEU C   OXT  sing N N 159 
LEU CB  CG   sing N N 160 
LEU CB  HB2  sing N N 161 
LEU CB  HB3  sing N N 162 
LEU CG  CD1  sing N N 163 
LEU CG  CD2  sing N N 164 
LEU CG  HG   sing N N 165 
LEU CD1 HD11 sing N N 166 
LEU CD1 HD12 sing N N 167 
LEU CD1 HD13 sing N N 168 
LEU CD2 HD21 sing N N 169 
LEU CD2 HD22 sing N N 170 
LEU CD2 HD23 sing N N 171 
LEU OXT HXT  sing N N 172 
LYS N   CA   sing N N 173 
LYS N   H    sing N N 174 
LYS N   H2   sing N N 175 
LYS CA  C    sing N N 176 
LYS CA  CB   sing N N 177 
LYS CA  HA   sing N N 178 
LYS C   O    doub N N 179 
LYS C   OXT  sing N N 180 
LYS CB  CG   sing N N 181 
LYS CB  HB2  sing N N 182 
LYS CB  HB3  sing N N 183 
LYS CG  CD   sing N N 184 
LYS CG  HG2  sing N N 185 
LYS CG  HG3  sing N N 186 
LYS CD  CE   sing N N 187 
LYS CD  HD2  sing N N 188 
LYS CD  HD3  sing N N 189 
LYS CE  NZ   sing N N 190 
LYS CE  HE2  sing N N 191 
LYS CE  HE3  sing N N 192 
LYS NZ  HZ1  sing N N 193 
LYS NZ  HZ2  sing N N 194 
LYS NZ  HZ3  sing N N 195 
LYS OXT HXT  sing N N 196 
MET N   CA   sing N N 197 
MET N   H    sing N N 198 
MET N   H2   sing N N 199 
MET CA  C    sing N N 200 
MET CA  CB   sing N N 201 
MET CA  HA   sing N N 202 
MET C   O    doub N N 203 
MET C   OXT  sing N N 204 
MET CB  CG   sing N N 205 
MET CB  HB2  sing N N 206 
MET CB  HB3  sing N N 207 
MET CG  SD   sing N N 208 
MET CG  HG2  sing N N 209 
MET CG  HG3  sing N N 210 
MET SD  CE   sing N N 211 
MET CE  HE1  sing N N 212 
MET CE  HE2  sing N N 213 
MET CE  HE3  sing N N 214 
MET OXT HXT  sing N N 215 
OCS N   CA   sing N N 216 
OCS N   H    sing N N 217 
OCS N   H2   sing N N 218 
OCS CA  CB   sing N N 219 
OCS CA  C    sing N N 220 
OCS CA  HA   sing N N 221 
OCS CB  SG   sing N N 222 
OCS CB  HB2  sing N N 223 
OCS CB  HB3  sing N N 224 
OCS SG  OD1  doub N N 225 
OCS SG  OD2  sing N N 226 
OCS SG  OD3  doub N N 227 
OCS C   O    doub N N 228 
OCS C   OXT  sing N N 229 
OCS OXT HXT  sing N N 230 
OCS OD2 HD2  sing N N 231 
PHE N   CA   sing N N 232 
PHE N   H    sing N N 233 
PHE N   H2   sing N N 234 
PHE CA  C    sing N N 235 
PHE CA  CB   sing N N 236 
PHE CA  HA   sing N N 237 
PHE C   O    doub N N 238 
PHE C   OXT  sing N N 239 
PHE CB  CG   sing N N 240 
PHE CB  HB2  sing N N 241 
PHE CB  HB3  sing N N 242 
PHE CG  CD1  doub Y N 243 
PHE CG  CD2  sing Y N 244 
PHE CD1 CE1  sing Y N 245 
PHE CD1 HD1  sing N N 246 
PHE CD2 CE2  doub Y N 247 
PHE CD2 HD2  sing N N 248 
PHE CE1 CZ   doub Y N 249 
PHE CE1 HE1  sing N N 250 
PHE CE2 CZ   sing Y N 251 
PHE CE2 HE2  sing N N 252 
PHE CZ  HZ   sing N N 253 
PHE OXT HXT  sing N N 254 
PLM C1  O1   sing N N 255 
PLM C1  O2   doub N N 256 
PLM C1  C2   sing N N 257 
PLM O1  H    sing N N 258 
PLM C2  C3   sing N N 259 
PLM C2  H21  sing N N 260 
PLM C2  H22  sing N N 261 
PLM C3  C4   sing N N 262 
PLM C3  H31  sing N N 263 
PLM C3  H32  sing N N 264 
PLM C4  C5   sing N N 265 
PLM C4  H41  sing N N 266 
PLM C4  H42  sing N N 267 
PLM C5  C6   sing N N 268 
PLM C5  H51  sing N N 269 
PLM C5  H52  sing N N 270 
PLM C6  C7   sing N N 271 
PLM C6  H61  sing N N 272 
PLM C6  H62  sing N N 273 
PLM C7  C8   sing N N 274 
PLM C7  H71  sing N N 275 
PLM C7  H72  sing N N 276 
PLM C8  C9   sing N N 277 
PLM C8  H81  sing N N 278 
PLM C8  H82  sing N N 279 
PLM C9  CA   sing N N 280 
PLM C9  H91  sing N N 281 
PLM C9  H92  sing N N 282 
PLM CA  CB   sing N N 283 
PLM CA  HA1  sing N N 284 
PLM CA  HA2  sing N N 285 
PLM CB  CC   sing N N 286 
PLM CB  HB1  sing N N 287 
PLM CB  HB2  sing N N 288 
PLM CC  CD   sing N N 289 
PLM CC  HC1  sing N N 290 
PLM CC  HC2  sing N N 291 
PLM CD  CE   sing N N 292 
PLM CD  HD1  sing N N 293 
PLM CD  HD2  sing N N 294 
PLM CE  CF   sing N N 295 
PLM CE  HE1  sing N N 296 
PLM CE  HE2  sing N N 297 
PLM CF  CG   sing N N 298 
PLM CF  HF1  sing N N 299 
PLM CF  HF2  sing N N 300 
PLM CG  HG1  sing N N 301 
PLM CG  HG2  sing N N 302 
PLM CG  HG3  sing N N 303 
PPI C1  C2   sing N N 304 
PPI C1  O1   doub N N 305 
PPI C1  O2   sing N N 306 
PPI C2  C3   sing N N 307 
PPI C2  H21  sing N N 308 
PPI C2  H22  sing N N 309 
PPI C3  H31  sing N N 310 
PPI C3  H32  sing N N 311 
PPI C3  H33  sing N N 312 
PPI O2  HO2  sing N N 313 
PRO N   CA   sing N N 314 
PRO N   CD   sing N N 315 
PRO N   H    sing N N 316 
PRO CA  C    sing N N 317 
PRO CA  CB   sing N N 318 
PRO CA  HA   sing N N 319 
PRO C   O    doub N N 320 
PRO C   OXT  sing N N 321 
PRO CB  CG   sing N N 322 
PRO CB  HB2  sing N N 323 
PRO CB  HB3  sing N N 324 
PRO CG  CD   sing N N 325 
PRO CG  HG2  sing N N 326 
PRO CG  HG3  sing N N 327 
PRO CD  HD2  sing N N 328 
PRO CD  HD3  sing N N 329 
PRO OXT HXT  sing N N 330 
SER N   CA   sing N N 331 
SER N   H    sing N N 332 
SER N   H2   sing N N 333 
SER CA  C    sing N N 334 
SER CA  CB   sing N N 335 
SER CA  HA   sing N N 336 
SER C   O    doub N N 337 
SER C   OXT  sing N N 338 
SER CB  OG   sing N N 339 
SER CB  HB2  sing N N 340 
SER CB  HB3  sing N N 341 
SER OG  HG   sing N N 342 
SER OXT HXT  sing N N 343 
THR N   CA   sing N N 344 
THR N   H    sing N N 345 
THR N   H2   sing N N 346 
THR CA  C    sing N N 347 
THR CA  CB   sing N N 348 
THR CA  HA   sing N N 349 
THR C   O    doub N N 350 
THR C   OXT  sing N N 351 
THR CB  OG1  sing N N 352 
THR CB  CG2  sing N N 353 
THR CB  HB   sing N N 354 
THR OG1 HG1  sing N N 355 
THR CG2 HG21 sing N N 356 
THR CG2 HG22 sing N N 357 
THR CG2 HG23 sing N N 358 
THR OXT HXT  sing N N 359 
TRP N   CA   sing N N 360 
TRP N   H    sing N N 361 
TRP N   H2   sing N N 362 
TRP CA  C    sing N N 363 
TRP CA  CB   sing N N 364 
TRP CA  HA   sing N N 365 
TRP C   O    doub N N 366 
TRP C   OXT  sing N N 367 
TRP CB  CG   sing N N 368 
TRP CB  HB2  sing N N 369 
TRP CB  HB3  sing N N 370 
TRP CG  CD1  doub Y N 371 
TRP CG  CD2  sing Y N 372 
TRP CD1 NE1  sing Y N 373 
TRP CD1 HD1  sing N N 374 
TRP CD2 CE2  doub Y N 375 
TRP CD2 CE3  sing Y N 376 
TRP NE1 CE2  sing Y N 377 
TRP NE1 HE1  sing N N 378 
TRP CE2 CZ2  sing Y N 379 
TRP CE3 CZ3  doub Y N 380 
TRP CE3 HE3  sing N N 381 
TRP CZ2 CH2  doub Y N 382 
TRP CZ2 HZ2  sing N N 383 
TRP CZ3 CH2  sing Y N 384 
TRP CZ3 HZ3  sing N N 385 
TRP CH2 HH2  sing N N 386 
TRP OXT HXT  sing N N 387 
TYR N   CA   sing N N 388 
TYR N   H    sing N N 389 
TYR N   H2   sing N N 390 
TYR CA  C    sing N N 391 
TYR CA  CB   sing N N 392 
TYR CA  HA   sing N N 393 
TYR C   O    doub N N 394 
TYR C   OXT  sing N N 395 
TYR CB  CG   sing N N 396 
TYR CB  HB2  sing N N 397 
TYR CB  HB3  sing N N 398 
TYR CG  CD1  doub Y N 399 
TYR CG  CD2  sing Y N 400 
TYR CD1 CE1  sing Y N 401 
TYR CD1 HD1  sing N N 402 
TYR CD2 CE2  doub Y N 403 
TYR CD2 HD2  sing N N 404 
TYR CE1 CZ   doub Y N 405 
TYR CE1 HE1  sing N N 406 
TYR CE2 CZ   sing Y N 407 
TYR CE2 HE2  sing N N 408 
TYR CZ  OH   sing N N 409 
TYR OH  HH   sing N N 410 
TYR OXT HXT  sing N N 411 
VAL N   CA   sing N N 412 
VAL N   H    sing N N 413 
VAL N   H2   sing N N 414 
VAL CA  C    sing N N 415 
VAL CA  CB   sing N N 416 
VAL CA  HA   sing N N 417 
VAL C   O    doub N N 418 
VAL C   OXT  sing N N 419 
VAL CB  CG1  sing N N 420 
VAL CB  CG2  sing N N 421 
VAL CB  HB   sing N N 422 
VAL CG1 HG11 sing N N 423 
VAL CG1 HG12 sing N N 424 
VAL CG1 HG13 sing N N 425 
VAL CG2 HG21 sing N N 426 
VAL CG2 HG22 sing N N 427 
VAL CG2 HG23 sing N N 428 
VAL OXT HXT  sing N N 429 
# 
_atom_sites.entry_id                    1LIE 
_atom_sites.fract_transf_matrix[1][1]   -0.00201244 
_atom_sites.fract_transf_matrix[1][2]   0.00204229 
_atom_sites.fract_transf_matrix[1][3]   0.00786789 
_atom_sites.fract_transf_matrix[2][1]   -0.01582481 
_atom_sites.fract_transf_matrix[2][2]   -0.02109928 
_atom_sites.fract_transf_matrix[2][3]   0.00142914 
_atom_sites.fract_transf_matrix[3][1]   0.02634120 
_atom_sites.fract_transf_matrix[3][2]   -0.01885119 
_atom_sites.fract_transf_matrix[3][3]   0.01336320 
_atom_sites.fract_transf_vector[1]      -0.354129 
_atom_sites.fract_transf_vector[2]      1.841461 
_atom_sites.fract_transf_vector[3]      -0.211955 
# 
loop_
_atom_type.symbol 
C 
N 
O 
S 
# 
loop_
_atom_site.group_PDB 
_atom_site.id 
_atom_site.type_symbol 
_atom_site.label_atom_id 
_atom_site.label_alt_id 
_atom_site.label_comp_id 
_atom_site.label_asym_id 
_atom_site.label_entity_id 
_atom_site.label_seq_id 
_atom_site.pdbx_PDB_ins_code 
_atom_site.Cartn_x 
_atom_site.Cartn_y 
_atom_site.Cartn_z 
_atom_site.occupancy 
_atom_site.B_iso_or_equiv 
_atom_site.pdbx_formal_charge 
_atom_site.auth_seq_id 
_atom_site.auth_comp_id 
_atom_site.auth_asym_id 
_atom_site.auth_atom_id 
_atom_site.pdbx_PDB_model_num 
ATOM   1    N N   . CYS A 1 1   ? -1.340  7.306   14.665  1.00 25.39 ? 1    CYS A N   1 
ATOM   2    C CA  . CYS A 1 1   ? -0.494  7.261   13.438  1.00 24.69 ? 1    CYS A CA  1 
ATOM   3    C C   . CYS A 1 1   ? -0.155  8.668   12.939  1.00 21.10 ? 1    CYS A C   1 
ATOM   4    O O   . CYS A 1 1   ? -0.062  8.904   11.733  1.00 18.87 ? 1    CYS A O   1 
ATOM   5    C CB  . CYS A 1 1   ? -1.219  6.477   12.348  1.00 26.33 ? 1    CYS A CB  1 
ATOM   6    S SG  . CYS A 1 1   ? -2.759  5.769   12.934  1.00 32.95 ? 1    CYS A SG  1 
ATOM   7    N N   . ASP A 1 2   ? 0.083   9.583   13.873  1.00 20.27 ? 2    ASP A N   1 
ATOM   8    C CA  . ASP A 1 2   ? 0.411   10.965  13.546  1.00 20.07 ? 2    ASP A CA  1 
ATOM   9    C C   . ASP A 1 2   ? 1.643   11.100  12.661  1.00 17.90 ? 2    ASP A C   1 
ATOM   10   O O   . ASP A 1 2   ? 1.705   11.990  11.819  1.00 17.64 ? 2    ASP A O   1 
ATOM   11   C CB  . ASP A 1 2   ? 0.604   11.792  14.819  1.00 24.63 ? 2    ASP A CB  1 
ATOM   12   C CG  . ASP A 1 2   ? -0.702  12.063  15.542  1.00 30.02 ? 2    ASP A CG  1 
ATOM   13   O OD1 . ASP A 1 2   ? -1.350  13.088  15.232  1.00 34.87 ? 2    ASP A OD1 1 
ATOM   14   O OD2 . ASP A 1 2   ? -1.081  11.251  16.416  1.00 30.32 ? 2    ASP A OD2 1 
ATOM   15   N N   . ALA A 1 3   ? 2.614   10.213  12.840  1.00 14.50 ? 3    ALA A N   1 
ATOM   16   C CA  . ALA A 1 3   ? 3.844   10.249  12.053  1.00 14.03 ? 3    ALA A CA  1 
ATOM   17   C C   . ALA A 1 3   ? 3.612   9.911   10.578  1.00 12.41 ? 3    ALA A C   1 
ATOM   18   O O   . ALA A 1 3   ? 4.488   10.109  9.753   1.00 11.65 ? 3    ALA A O   1 
ATOM   19   C CB  . ALA A 1 3   ? 4.872   9.307   12.654  1.00 15.09 ? 3    ALA A CB  1 
ATOM   20   N N   . PHE A 1 4   ? 2.432   9.393   10.258  1.00 10.35 ? 4    PHE A N   1 
ATOM   21   C CA  . PHE A 1 4   ? 2.106   9.023   8.886   1.00 8.93  ? 4    PHE A CA  1 
ATOM   22   C C   . PHE A 1 4   ? 1.274   10.057  8.147   1.00 8.78  ? 4    PHE A C   1 
ATOM   23   O O   . PHE A 1 4   ? 1.258   10.077  6.916   1.00 9.14  ? 4    PHE A O   1 
ATOM   24   C CB  . PHE A 1 4   ? 1.368   7.682   8.867   1.00 6.95  ? 4    PHE A CB  1 
ATOM   25   C CG  . PHE A 1 4   ? 2.223   6.526   9.272   1.00 10.28 ? 4    PHE A CG  1 
ATOM   26   C CD1 . PHE A 1 4   ? 3.093   5.939   8.360   1.00 10.86 ? 4    PHE A CD1 1 
ATOM   27   C CD2 . PHE A 1 4   ? 2.179   6.032   10.569  1.00 11.51 ? 4    PHE A CD2 1 
ATOM   28   C CE1 . PHE A 1 4   ? 3.912   4.880   8.736   1.00 11.45 ? 4    PHE A CE1 1 
ATOM   29   C CE2 . PHE A 1 4   ? 2.996   4.972   10.956  1.00 12.03 ? 4    PHE A CE2 1 
ATOM   30   C CZ  . PHE A 1 4   ? 3.863   4.397   10.034  1.00 11.42 ? 4    PHE A CZ  1 
ATOM   31   N N   . VAL A 1 5   ? 0.584   10.911  8.894   1.00 8.07  ? 5    VAL A N   1 
ATOM   32   C CA  . VAL A 1 5   ? -0.284  11.921  8.309   1.00 9.15  ? 5    VAL A CA  1 
ATOM   33   C C   . VAL A 1 5   ? 0.448   12.869  7.366   1.00 9.40  ? 5    VAL A C   1 
ATOM   34   O O   . VAL A 1 5   ? 1.526   13.375  7.687   1.00 10.40 ? 5    VAL A O   1 
ATOM   35   C CB  . VAL A 1 5   ? -1.021  12.720  9.415   1.00 9.94  ? 5    VAL A CB  1 
ATOM   36   C CG1 . VAL A 1 5   ? -1.873  13.826  8.804   1.00 11.90 ? 5    VAL A CG1 1 
ATOM   37   C CG2 . VAL A 1 5   ? -1.904  11.781  10.232  1.00 10.68 ? 5    VAL A CG2 1 
ATOM   38   N N   . GLY A 1 6   ? -0.123  13.066  6.186   1.00 9.07  ? 6    GLY A N   1 
ATOM   39   C CA  . GLY A 1 6   ? 0.471   13.954  5.211   1.00 9.21  ? 6    GLY A CA  1 
ATOM   40   C C   . GLY A 1 6   ? 0.376   13.412  3.803   1.00 9.89  ? 6    GLY A C   1 
ATOM   41   O O   . GLY A 1 6   ? -0.285  12.398  3.553   1.00 9.32  ? 6    GLY A O   1 
ATOM   42   N N   . THR A 1 7   ? 0.985   14.140  2.876   1.00 9.34  ? 7    THR A N   1 
ATOM   43   C CA  . THR A 1 7   ? 1.019   13.758  1.477   1.00 9.57  ? 7    THR A CA  1 
ATOM   44   C C   . THR A 1 7   ? 2.451   13.350  1.189   1.00 10.65 ? 7    THR A C   1 
ATOM   45   O O   . THR A 1 7   ? 3.393   14.075  1.518   1.00 10.99 ? 7    THR A O   1 
ATOM   46   C CB  . THR A 1 7   ? 0.617   14.920  0.577   1.00 9.76  ? 7    THR A CB  1 
ATOM   47   O OG1 . THR A 1 7   ? -0.749  15.263  0.840   1.00 12.31 ? 7    THR A OG1 1 
ATOM   48   C CG2 . THR A 1 7   ? 0.770   14.541  -0.890  1.00 10.96 ? 7    THR A CG2 1 
ATOM   49   N N   . TRP A 1 8   ? 2.602   12.185  0.576   1.00 8.84  ? 8    TRP A N   1 
ATOM   50   C CA  . TRP A 1 8   ? 3.900   11.618  0.260   1.00 8.98  ? 8    TRP A CA  1 
ATOM   51   C C   . TRP A 1 8   ? 4.019   11.361  -1.233  1.00 9.20  ? 8    TRP A C   1 
ATOM   52   O O   . TRP A 1 8   ? 3.044   10.992  -1.884  1.00 10.33 ? 8    TRP A O   1 
ATOM   53   C CB  . TRP A 1 8   ? 4.075   10.301  1.017   1.00 8.52  ? 8    TRP A CB  1 
ATOM   54   C CG  . TRP A 1 8   ? 3.877   10.439  2.489   1.00 9.48  ? 8    TRP A CG  1 
ATOM   55   C CD1 . TRP A 1 8   ? 2.685   10.431  3.169   1.00 9.08  ? 8    TRP A CD1 1 
ATOM   56   C CD2 . TRP A 1 8   ? 4.899   10.623  3.475   1.00 8.93  ? 8    TRP A CD2 1 
ATOM   57   N NE1 . TRP A 1 8   ? 2.909   10.605  4.516   1.00 10.60 ? 8    TRP A NE1 1 
ATOM   58   C CE2 . TRP A 1 8   ? 4.260   10.721  4.727   1.00 9.76  ? 8    TRP A CE2 1 
ATOM   59   C CE3 . TRP A 1 8   ? 6.300   10.713  3.411   1.00 7.80  ? 8    TRP A CE3 1 
ATOM   60   C CZ2 . TRP A 1 8   ? 4.973   10.905  5.917   1.00 9.42  ? 8    TRP A CZ2 1 
ATOM   61   C CZ3 . TRP A 1 8   ? 7.005   10.895  4.589   1.00 9.20  ? 8    TRP A CZ3 1 
ATOM   62   C CH2 . TRP A 1 8   ? 6.341   10.989  5.827   1.00 10.15 ? 8    TRP A CH2 1 
ATOM   63   N N   . LYS A 1 9   ? 5.211   11.566  -1.772  1.00 8.79  ? 9    LYS A N   1 
ATOM   64   C CA  . LYS A 1 9   ? 5.463   11.343  -3.187  1.00 9.91  ? 9    LYS A CA  1 
ATOM   65   C C   . LYS A 1 9   ? 6.516   10.258  -3.343  1.00 8.23  ? 9    LYS A C   1 
ATOM   66   O O   . LYS A 1 9   ? 7.489   10.203  -2.590  1.00 7.52  ? 9    LYS A O   1 
ATOM   67   C CB  . LYS A 1 9   ? 5.912   12.634  -3.872  1.00 12.93 ? 9    LYS A CB  1 
ATOM   68   C CG  . LYS A 1 9   ? 7.058   13.342  -3.182  1.00 18.12 ? 9    LYS A CG  1 
ATOM   69   C CD  . LYS A 1 9   ? 7.487   14.590  -3.941  1.00 21.66 ? 9    LYS A CD  1 
ATOM   70   C CE  . LYS A 1 9   ? 8.017   14.246  -5.322  1.00 25.32 ? 9    LYS A CE  1 
ATOM   71   N NZ  . LYS A 1 9   ? 8.441   15.428  -6.086  0.00 0.00  ? 9    LYS A NZ  1 
ATOM   72   N N   . LEU A 1 10  ? 6.296   9.370   -4.301  1.00 9.94  ? 10   LEU A N   1 
ATOM   73   C CA  . LEU A 1 10  ? 7.217   8.271   -4.543  1.00 10.02 ? 10   LEU A CA  1 
ATOM   74   C C   . LEU A 1 10  ? 8.569   8.769   -5.028  1.00 10.95 ? 10   LEU A C   1 
ATOM   75   O O   . LEU A 1 10  ? 8.635   9.613   -5.914  1.00 14.19 ? 10   LEU A O   1 
ATOM   76   C CB  . LEU A 1 10  ? 6.624   7.311   -5.571  1.00 10.18 ? 10   LEU A CB  1 
ATOM   77   C CG  . LEU A 1 10  ? 7.462   6.070   -5.880  1.00 8.70  ? 10   LEU A CG  1 
ATOM   78   C CD1 . LEU A 1 10  ? 7.470   5.118   -4.697  1.00 9.24  ? 10   LEU A CD1 1 
ATOM   79   C CD2 . LEU A 1 10  ? 6.910   5.387   -7.113  1.00 10.98 ? 10   LEU A CD2 1 
ATOM   80   N N   . VAL A 1 11  ? 9.645   8.263   -4.440  1.00 11.12 ? 11   VAL A N   1 
ATOM   81   C CA  . VAL A 1 11  ? 10.979  8.663   -4.872  1.00 13.17 ? 11   VAL A CA  1 
ATOM   82   C C   . VAL A 1 11  ? 11.757  7.497   -5.469  1.00 13.24 ? 11   VAL A C   1 
ATOM   83   O O   . VAL A 1 11  ? 12.538  7.693   -6.397  1.00 15.95 ? 11   VAL A O   1 
ATOM   84   C CB  . VAL A 1 11  ? 11.798  9.356   -3.754  1.00 14.87 ? 11   VAL A CB  1 
ATOM   85   C CG1 . VAL A 1 11  ? 11.052  10.566  -3.248  1.00 17.18 ? 11   VAL A CG1 1 
ATOM   86   C CG2 . VAL A 1 11  ? 12.112  8.401   -2.621  1.00 19.27 ? 11   VAL A CG2 1 
ATOM   87   N N   . SER A 1 12  ? 11.535  6.286   -4.966  1.00 11.17 ? 12   SER A N   1 
ATOM   88   C CA  . SER A 1 12  ? 12.227  5.121   -5.496  1.00 11.67 ? 12   SER A CA  1 
ATOM   89   C C   . SER A 1 12  ? 11.402  3.864   -5.329  1.00 10.84 ? 12   SER A C   1 
ATOM   90   O O   . SER A 1 12  ? 10.574  3.776   -4.424  1.00 11.15 ? 12   SER A O   1 
ATOM   91   C CB  . SER A 1 12  ? 13.595  4.937   -4.839  1.00 12.71 ? 12   SER A CB  1 
ATOM   92   O OG  . SER A 1 12  ? 13.474  4.673   -3.457  1.00 17.94 ? 12   SER A OG  1 
ATOM   93   N N   . SER A 1 13  ? 11.625  2.905   -6.218  1.00 10.82 ? 13   SER A N   1 
ATOM   94   C CA  . SER A 1 13  ? 10.912  1.637   -6.187  1.00 12.08 ? 13   SER A CA  1 
ATOM   95   C C   . SER A 1 13  ? 11.905  0.519   -6.482  1.00 11.86 ? 13   SER A C   1 
ATOM   96   O O   . SER A 1 13  ? 12.807  0.680   -7.305  1.00 14.92 ? 13   SER A O   1 
ATOM   97   C CB  . SER A 1 13  ? 9.788   1.633   -7.227  1.00 12.46 ? 13   SER A CB  1 
ATOM   98   O OG  . SER A 1 13  ? 8.957   0.490   -7.079  1.00 13.42 ? 13   SER A OG  1 
ATOM   99   N N   . GLU A 1 14  ? 11.753  -0.601  -5.791  1.00 9.80  ? 14   GLU A N   1 
ATOM   100  C CA  . GLU A 1 14  ? 12.638  -1.739  -5.990  1.00 10.84 ? 14   GLU A CA  1 
ATOM   101  C C   . GLU A 1 14  ? 11.828  -3.031  -6.021  1.00 11.27 ? 14   GLU A C   1 
ATOM   102  O O   . GLU A 1 14  ? 11.035  -3.290  -5.120  1.00 10.77 ? 14   GLU A O   1 
ATOM   103  C CB  . GLU A 1 14  ? 13.664  -1.795  -4.861  1.00 15.88 ? 14   GLU A CB  1 
ATOM   104  C CG  . GLU A 1 14  ? 14.640  -2.945  -4.932  1.00 24.62 ? 14   GLU A CG  1 
ATOM   105  C CD  . GLU A 1 14  ? 15.667  -2.881  -3.817  1.00 30.52 ? 14   GLU A CD  1 
ATOM   106  O OE1 . GLU A 1 14  ? 16.662  -2.140  -3.981  1.00 35.26 ? 14   GLU A OE1 1 
ATOM   107  O OE2 . GLU A 1 14  ? 15.475  -3.552  -2.775  1.00 29.83 ? 14   GLU A OE2 1 
ATOM   108  N N   . ASN A 1 15  ? 12.004  -3.815  -7.084  1.00 10.26 ? 15   ASN A N   1 
ATOM   109  C CA  . ASN A 1 15  ? 11.326  -5.108  -7.254  1.00 10.55 ? 15   ASN A CA  1 
ATOM   110  C C   . ASN A 1 15  ? 9.803   -5.050  -7.306  1.00 9.62  ? 15   ASN A C   1 
ATOM   111  O O   . ASN A 1 15  ? 9.141   -6.074  -7.104  1.00 10.74 ? 15   ASN A O   1 
ATOM   112  C CB  . ASN A 1 15  ? 11.740  -6.088  -6.132  1.00 12.48 ? 15   ASN A CB  1 
ATOM   113  C CG  . ASN A 1 15  ? 13.230  -6.344  -6.093  1.00 14.07 ? 15   ASN A CG  1 
ATOM   114  O OD1 . ASN A 1 15  ? 13.920  -6.207  -7.095  1.00 15.46 ? 15   ASN A OD1 1 
ATOM   115  N ND2 . ASN A 1 15  ? 13.730  -6.702  -4.926  1.00 15.82 ? 15   ASN A ND2 1 
ATOM   116  N N   . PHE A 1 16  ? 9.243   -3.887  -7.616  1.00 9.19  ? 16   PHE A N   1 
ATOM   117  C CA  . PHE A 1 16  ? 7.795   -3.759  -7.649  1.00 8.88  ? 16   PHE A CA  1 
ATOM   118  C C   . PHE A 1 16  ? 7.134   -4.621  -8.721  1.00 9.24  ? 16   PHE A C   1 
ATOM   119  O O   . PHE A 1 16  ? 6.114   -5.267  -8.464  1.00 8.93  ? 16   PHE A O   1 
ATOM   120  C CB  . PHE A 1 16  ? 7.379   -2.297  -7.800  1.00 11.53 ? 16   PHE A CB  1 
ATOM   121  C CG  . PHE A 1 16  ? 5.921   -2.061  -7.552  1.00 11.73 ? 16   PHE A CG  1 
ATOM   122  C CD1 . PHE A 1 16  ? 5.314   -2.558  -6.405  1.00 13.91 ? 16   PHE A CD1 1 
ATOM   123  C CD2 . PHE A 1 16  ? 5.153   -1.367  -8.474  1.00 14.51 ? 16   PHE A CD2 1 
ATOM   124  C CE1 . PHE A 1 16  ? 3.956   -2.370  -6.183  1.00 17.98 ? 16   PHE A CE1 1 
ATOM   125  C CE2 . PHE A 1 16  ? 3.796   -1.171  -8.262  1.00 16.31 ? 16   PHE A CE2 1 
ATOM   126  C CZ  . PHE A 1 16  ? 3.197   -1.674  -7.115  1.00 15.60 ? 16   PHE A CZ  1 
ATOM   127  N N   . ASP A 1 17  ? 7.729   -4.665  -9.909  1.00 10.10 ? 17   ASP A N   1 
ATOM   128  C CA  . ASP A 1 17  ? 7.168   -5.473  -10.982 1.00 10.61 ? 17   ASP A CA  1 
ATOM   129  C C   . ASP A 1 17  ? 7.188   -6.949  -10.600 1.00 10.26 ? 17   ASP A C   1 
ATOM   130  O O   . ASP A 1 17  ? 6.241   -7.685  -10.878 1.00 11.90 ? 17   ASP A O   1 
ATOM   131  C CB  . ASP A 1 17  ? 7.932   -5.264  -12.287 1.00 13.74 ? 17   ASP A CB  1 
ATOM   132  C CG  . ASP A 1 17  ? 7.234   -5.902  -13.467 1.00 15.21 ? 17   ASP A CG  1 
ATOM   133  O OD1 . ASP A 1 17  ? 6.351   -5.244  -14.051 1.00 20.12 ? 17   ASP A OD1 1 
ATOM   134  O OD2 . ASP A 1 17  ? 7.552   -7.064  -13.793 1.00 21.44 ? 17   ASP A OD2 1 
ATOM   135  N N   . ASP A 1 18  ? 8.259   -7.378  -9.941  1.00 8.83  ? 18   ASP A N   1 
ATOM   136  C CA  . ASP A 1 18  ? 8.375   -8.770  -9.518  1.00 10.86 ? 18   ASP A CA  1 
ATOM   137  C C   . ASP A 1 18  ? 7.296   -9.089  -8.490  1.00 10.47 ? 18   ASP A C   1 
ATOM   138  O O   . ASP A 1 18  ? 6.730   -10.182 -8.495  1.00 10.44 ? 18   ASP A O   1 
ATOM   139  C CB  . ASP A 1 18  ? 9.765   -9.050  -8.942  1.00 13.01 ? 18   ASP A CB  1 
ATOM   140  C CG  . ASP A 1 18  ? 10.850  -9.036  -10.006 1.00 18.18 ? 18   ASP A CG  1 
ATOM   141  O OD1 . ASP A 1 18  ? 10.630  -9.622  -11.088 1.00 17.07 ? 18   ASP A OD1 1 
ATOM   142  O OD2 . ASP A 1 18  ? 11.919  -8.439  -9.762  1.00 21.45 ? 18   ASP A OD2 1 
ATOM   143  N N   . TYR A 1 19  ? 7.020   -8.135  -7.606  1.00 8.42  ? 19   TYR A N   1 
ATOM   144  C CA  . TYR A 1 19  ? 5.985   -8.321  -6.599  1.00 9.64  ? 19   TYR A CA  1 
ATOM   145  C C   . TYR A 1 19  ? 4.627   -8.488  -7.290  1.00 8.23  ? 19   TYR A C   1 
ATOM   146  O O   . TYR A 1 19  ? 3.873   -9.412  -6.984  1.00 8.66  ? 19   TYR A O   1 
ATOM   147  C CB  . TYR A 1 19  ? 5.956   -7.121  -5.643  1.00 8.69  ? 19   TYR A CB  1 
ATOM   148  C CG  . TYR A 1 19  ? 4.761   -7.099  -4.715  1.00 9.18  ? 19   TYR A CG  1 
ATOM   149  C CD1 . TYR A 1 19  ? 4.707   -7.929  -3.595  1.00 7.93  ? 19   TYR A CD1 1 
ATOM   150  C CD2 . TYR A 1 19  ? 3.665   -6.275  -4.981  1.00 10.02 ? 19   TYR A CD2 1 
ATOM   151  C CE1 . TYR A 1 19  ? 3.583   -7.940  -2.767  1.00 9.98  ? 19   TYR A CE1 1 
ATOM   152  C CE2 . TYR A 1 19  ? 2.540   -6.279  -4.160  1.00 9.16  ? 19   TYR A CE2 1 
ATOM   153  C CZ  . TYR A 1 19  ? 2.507   -7.118  -3.057  1.00 9.42  ? 19   TYR A CZ  1 
ATOM   154  O OH  . TYR A 1 19  ? 1.385   -7.158  -2.268  1.00 10.28 ? 19   TYR A OH  1 
ATOM   155  N N   . MET A 1 20  ? 4.316   -7.588  -8.215  1.00 9.99  ? 20   MET A N   1 
ATOM   156  C CA  . MET A 1 20  ? 3.050   -7.638  -8.937  1.00 10.94 ? 20   MET A CA  1 
ATOM   157  C C   . MET A 1 20  ? 2.948   -8.943  -9.747  1.00 10.97 ? 20   MET A C   1 
ATOM   158  O O   . MET A 1 20  ? 1.864   -9.532  -9.869  1.00 10.97 ? 20   MET A O   1 
ATOM   159  C CB  . MET A 1 20  ? 2.897   -6.419  -9.842  1.00 11.83 ? 20   MET A CB  1 
ATOM   160  C CG  . MET A 1 20  ? 2.637   -5.118  -9.086  1.00 12.80 ? 20   MET A CG  1 
ATOM   161  S SD  . MET A 1 20  ? 2.438   -3.731  -10.182 1.00 16.95 ? 20   MET A SD  1 
ATOM   162  C CE  . MET A 1 20  ? 3.892   -3.558  -11.194 1.00 16.46 ? 20   MET A CE  1 
ATOM   163  N N   . LYS A 1 21  ? 4.079   -9.384  -10.294 1.00 11.76 ? 21   LYS A N   1 
ATOM   164  C CA  . LYS A 1 21  ? 4.133   -10.662 -11.049 1.00 12.94 ? 21   LYS A CA  1 
ATOM   165  C C   . LYS A 1 21  ? 3.631   -11.788 -10.125 1.00 13.87 ? 21   LYS A C   1 
ATOM   166  O O   . LYS A 1 21  ? 2.770   -12.597 -10.497 1.00 14.39 ? 21   LYS A O   1 
ATOM   167  C CB  . LYS A 1 21  ? 5.573   -10.986 -11.496 0.50 10.05 ? 21   LYS A CB  1 
ATOM   168  C CG  . LYS A 1 21  ? 6.000   -10.244 -12.769 0.50 10.51 ? 21   LYS A CG  1 
ATOM   169  C CD  . LYS A 1 21  ? 7.470   -10.479 -13.172 0.50 10.72 ? 21   LYS A CD  1 
ATOM   170  C CE  . LYS A 1 21  ? 7.778   -10.025 -14.614 0.50 11.19 ? 21   LYS A CE  1 
ATOM   171  N NZ  . LYS A 1 21  ? 8.555   -8.769  -14.689 0.50 10.36 ? 21   LYS A NZ  1 
ATOM   172  N N   . GLU A 1 22  ? 4.183   -11.780 -8.910  1.00 12.70 ? 22   GLU A N   1 
ATOM   173  C CA  . GLU A 1 22  ? 3.894   -12.795 -7.867  1.00 15.18 ? 22   GLU A CA  1 
ATOM   174  C C   . GLU A 1 22  ? 2.447   -12.735 -7.402  1.00 14.96 ? 22   GLU A C   1 
ATOM   175  O O   . GLU A 1 22  ? 1.825   -13.758 -7.110  1.00 15.83 ? 22   GLU A O   1 
ATOM   176  C CB  . GLU A 1 22  ? 4.808   -12.598 -6.657  1.00 17.87 ? 22   GLU A CB  1 
ATOM   177  C CG  . GLU A 1 22  ? 5.287   -13.924 -6.059  1.00 25.35 ? 22   GLU A CG  1 
ATOM   178  C CD  . GLU A 1 22  ? 5.842   -14.889 -7.109  1.00 28.37 ? 22   GLU A CD  1 
ATOM   179  O OE1 . GLU A 1 22  ? 6.953   -14.621 -7.705  1.00 30.44 ? 22   GLU A OE1 1 
ATOM   180  O OE2 . GLU A 1 22  ? 5.199   -15.969 -7.398  1.00 33.60 ? 22   GLU A OE2 1 
ATOM   181  N N   . VAL A 1 23  ? 1.918   -11.521 -7.344  1.00 15.08 ? 23   VAL A N   1 
ATOM   182  C CA  . VAL A 1 23  ? 0.539   -11.280 -6.943  1.00 17.80 ? 23   VAL A CA  1 
ATOM   183  C C   . VAL A 1 23  ? -0.414  -11.745 -8.051  1.00 18.69 ? 23   VAL A C   1 
ATOM   184  O O   . VAL A 1 23  ? -1.575  -12.060 -7.792  1.00 20.05 ? 23   VAL A O   1 
ATOM   185  C CB  . VAL A 1 23  ? 0.333   -9.781  -6.607  1.00 17.65 ? 23   VAL A CB  1 
ATOM   186  C CG1 . VAL A 1 23  ? -1.136  -9.416  -6.594  1.00 19.65 ? 23   VAL A CG1 1 
ATOM   187  C CG2 . VAL A 1 23  ? 0.959   -9.481  -5.249  1.00 16.09 ? 23   VAL A CG2 1 
ATOM   188  N N   . GLY A 1 24  ? 0.096   -11.800 -9.275  1.00 19.30 ? 24   GLY A N   1 
ATOM   189  C CA  . GLY A 1 24  ? -0.710  -12.242 -10.401 1.00 19.07 ? 24   GLY A CA  1 
ATOM   190  C C   . GLY A 1 24  ? -1.271  -11.128 -11.260 1.00 19.06 ? 24   GLY A C   1 
ATOM   191  O O   . GLY A 1 24  ? -2.219  -11.346 -12.017 1.00 20.18 ? 24   GLY A O   1 
ATOM   192  N N   . VAL A 1 25  ? -0.687  -9.940  -11.166 1.00 17.36 ? 25   VAL A N   1 
ATOM   193  C CA  . VAL A 1 25  ? -1.150  -8.803  -11.948 1.00 16.76 ? 25   VAL A CA  1 
ATOM   194  C C   . VAL A 1 25  ? -0.770  -8.979  -13.428 1.00 17.69 ? 25   VAL A C   1 
ATOM   195  O O   . VAL A 1 25  ? 0.349   -9.393  -13.745 1.00 16.46 ? 25   VAL A O   1 
ATOM   196  C CB  . VAL A 1 25  ? -0.565  -7.476  -11.399 1.00 14.20 ? 25   VAL A CB  1 
ATOM   197  C CG1 . VAL A 1 25  ? -1.054  -6.294  -12.224 1.00 12.49 ? 25   VAL A CG1 1 
ATOM   198  C CG2 . VAL A 1 25  ? -0.959  -7.298  -9.934  1.00 13.66 ? 25   VAL A CG2 1 
ATOM   199  N N   . GLY A 1 26  ? -1.719  -8.677  -14.313 1.00 18.54 ? 26   GLY A N   1 
ATOM   200  C CA  . GLY A 1 26  ? -1.494  -8.801  -15.745 1.00 19.21 ? 26   GLY A CA  1 
ATOM   201  C C   . GLY A 1 26  ? -0.465  -7.825  -16.281 1.00 18.59 ? 26   GLY A C   1 
ATOM   202  O O   . GLY A 1 26  ? -0.293  -6.732  -15.742 1.00 19.30 ? 26   GLY A O   1 
ATOM   203  N N   . PHE A 1 27  ? 0.174   -8.201  -17.386 1.00 19.07 ? 27   PHE A N   1 
ATOM   204  C CA  . PHE A 1 27  ? 1.207   -7.401  -18.039 1.00 18.98 ? 27   PHE A CA  1 
ATOM   205  C C   . PHE A 1 27  ? 0.845   -5.927  -18.241 1.00 17.95 ? 27   PHE A C   1 
ATOM   206  O O   . PHE A 1 27  ? 1.598   -5.039  -17.840 1.00 17.32 ? 27   PHE A O   1 
ATOM   207  C CB  . PHE A 1 27  ? 1.592   -8.048  -19.381 1.00 21.08 ? 27   PHE A CB  1 
ATOM   208  C CG  . PHE A 1 27  ? 2.700   -7.337  -20.117 1.00 20.86 ? 27   PHE A CG  1 
ATOM   209  C CD1 . PHE A 1 27  ? 4.013   -7.412  -19.671 1.00 21.20 ? 27   PHE A CD1 1 
ATOM   210  C CD2 . PHE A 1 27  ? 2.428   -6.594  -21.262 1.00 20.44 ? 27   PHE A CD2 1 
ATOM   211  C CE1 . PHE A 1 27  ? 5.036   -6.757  -20.348 1.00 21.51 ? 27   PHE A CE1 1 
ATOM   212  C CE2 . PHE A 1 27  ? 3.445   -5.935  -21.946 1.00 21.19 ? 27   PHE A CE2 1 
ATOM   213  C CZ  . PHE A 1 27  ? 4.753   -6.018  -21.486 1.00 21.42 ? 27   PHE A CZ  1 
ATOM   214  N N   . ALA A 1 28  ? -0.311  -5.668  -18.845 1.00 17.89 ? 28   ALA A N   1 
ATOM   215  C CA  . ALA A 1 28  ? -0.748  -4.299  -19.107 1.00 18.19 ? 28   ALA A CA  1 
ATOM   216  C C   . ALA A 1 28  ? -0.854  -3.470  -17.835 1.00 17.79 ? 28   ALA A C   1 
ATOM   217  O O   . ALA A 1 28  ? -0.362  -2.340  -17.769 1.00 17.69 ? 28   ALA A O   1 
ATOM   218  C CB  . ALA A 1 28  ? -2.080  -4.307  -19.843 1.00 20.21 ? 28   ALA A CB  1 
ATOM   219  N N   . THR A 1 29  ? -1.483  -4.051  -16.823 1.00 16.78 ? 29   THR A N   1 
ATOM   220  C CA  . THR A 1 29  ? -1.668  -3.390  -15.548 1.00 17.84 ? 29   THR A CA  1 
ATOM   221  C C   . THR A 1 29  ? -0.320  -3.132  -14.886 1.00 16.24 ? 29   THR A C   1 
ATOM   222  O O   . THR A 1 29  ? -0.107  -2.067  -14.305 1.00 16.64 ? 29   THR A O   1 
ATOM   223  C CB  . THR A 1 29  ? -2.564  -4.239  -14.638 1.00 19.46 ? 29   THR A CB  1 
ATOM   224  O OG1 . THR A 1 29  ? -3.757  -4.588  -15.352 1.00 22.56 ? 29   THR A OG1 1 
ATOM   225  C CG2 . THR A 1 29  ? -2.936  -3.468  -13.377 1.00 19.54 ? 29   THR A CG2 1 
ATOM   226  N N   . ARG A 1 30  ? 0.601   -4.082  -15.002 1.00 15.63 ? 30   ARG A N   1 
ATOM   227  C CA  . ARG A 1 30  ? 1.927   -3.909  -14.417 1.00 15.10 ? 30   ARG A CA  1 
ATOM   228  C C   . ARG A 1 30  ? 2.645   -2.742  -15.084 1.00 15.12 ? 30   ARG A C   1 
ATOM   229  O O   . ARG A 1 30  ? 3.294   -1.939  -14.415 1.00 15.67 ? 30   ARG A O   1 
ATOM   230  C CB  . ARG A 1 30  ? 2.777   -5.176  -14.554 1.00 16.00 ? 30   ARG A CB  1 
ATOM   231  C CG  . ARG A 1 30  ? 2.271   -6.382  -13.786 1.00 15.66 ? 30   ARG A CG  1 
ATOM   232  C CD  . ARG A 1 30  ? 3.408   -7.348  -13.473 1.00 17.78 ? 30   ARG A CD  1 
ATOM   233  N NE  . ARG A 1 30  ? 4.250   -7.628  -14.636 1.00 20.89 ? 30   ARG A NE  1 
ATOM   234  C CZ  . ARG A 1 30  ? 4.020   -8.597  -15.513 1.00 20.48 ? 30   ARG A CZ  1 
ATOM   235  N NH1 . ARG A 1 30  ? 2.972   -9.393  -15.370 1.00 22.73 ? 30   ARG A NH1 1 
ATOM   236  N NH2 . ARG A 1 30  ? 4.841   -8.772  -16.536 1.00 21.74 ? 30   ARG A NH2 1 
ATOM   237  N N   . LYS A 1 31  ? 2.498   -2.625  -16.400 1.00 16.19 ? 31   LYS A N   1 
ATOM   238  C CA  . LYS A 1 31  ? 3.152   -1.544  -17.131 1.00 18.01 ? 31   LYS A CA  1 
ATOM   239  C C   . LYS A 1 31  ? 2.614   -0.172  -16.734 1.00 17.80 ? 31   LYS A C   1 
ATOM   240  O O   . LYS A 1 31  ? 3.387   0.767   -16.557 1.00 17.22 ? 31   LYS A O   1 
ATOM   241  C CB  . LYS A 1 31  ? 3.045   -1.756  -18.644 1.00 18.23 ? 31   LYS A CB  1 
ATOM   242  C CG  . LYS A 1 31  ? 3.765   -3.006  -19.148 1.00 20.92 ? 31   LYS A CG  1 
ATOM   243  C CD  . LYS A 1 31  ? 5.184   -3.128  -18.589 1.00 22.99 ? 31   LYS A CD  1 
ATOM   244  C CE  . LYS A 1 31  ? 5.303   -4.297  -17.615 1.00 25.24 ? 31   LYS A CE  1 
ATOM   245  N NZ  . LYS A 1 31  ? 6.659   -4.389  -17.002 1.00 27.40 ? 31   LYS A NZ  1 
ATOM   246  N N   . VAL A 1 32  ? 1.298   -0.066  -16.568 1.00 17.93 ? 32   VAL A N   1 
ATOM   247  C CA  . VAL A 1 32  ? 0.689   1.200   -16.172 1.00 20.52 ? 32   VAL A CA  1 
ATOM   248  C C   . VAL A 1 32  ? 1.150   1.561   -14.763 1.00 22.15 ? 32   VAL A C   1 
ATOM   249  O O   . VAL A 1 32  ? 1.606   2.682   -14.517 1.00 20.85 ? 32   VAL A O   1 
ATOM   250  C CB  . VAL A 1 32  ? -0.851  1.128   -16.163 1.00 21.95 ? 32   VAL A CB  1 
ATOM   251  C CG1 . VAL A 1 32  ? -1.442  2.500   -15.851 1.00 22.63 ? 32   VAL A CG1 1 
ATOM   252  C CG2 . VAL A 1 32  ? -1.356  0.610   -17.486 1.00 24.02 ? 32   VAL A CG2 1 
ATOM   253  N N   . ALA A 1 33  ? 1.050   0.591   -13.857 1.00 22.74 ? 33   ALA A N   1 
ATOM   254  C CA  . ALA A 1 33  ? 1.447   0.772   -12.462 1.00 25.43 ? 33   ALA A CA  1 
ATOM   255  C C   . ALA A 1 33  ? 2.898   1.216   -12.336 1.00 26.85 ? 33   ALA A C   1 
ATOM   256  O O   . ALA A 1 33  ? 3.242   2.001   -11.450 1.00 28.41 ? 33   ALA A O   1 
ATOM   257  C CB  . ALA A 1 33  ? 1.230   -0.522  -11.688 1.00 25.46 ? 33   ALA A CB  1 
ATOM   258  N N   . GLY A 1 34  ? 3.749   0.696   -13.213 1.00 27.09 ? 34   GLY A N   1 
ATOM   259  C CA  . GLY A 1 34  ? 5.154   1.050   -13.179 1.00 29.63 ? 34   GLY A CA  1 
ATOM   260  C C   . GLY A 1 34  ? 5.458   2.441   -13.700 1.00 30.98 ? 34   GLY A C   1 
ATOM   261  O O   . GLY A 1 34  ? 6.518   2.998   -13.419 1.00 32.98 ? 34   GLY A O   1 
ATOM   262  N N   . MET A 1 35  ? 4.558   2.983   -14.509 1.00 31.80 ? 35   MET A N   1 
ATOM   263  C CA  . MET A 1 35  ? 4.750   4.320   -15.049 1.00 34.50 ? 35   MET A CA  1 
ATOM   264  C C   . MET A 1 35  ? 4.255   5.360   -14.059 1.00 15.00 ? 35   MET A C   1 
ATOM   265  O O   . MET A 1 35  ? 4.777   6.476   -13.991 1.00 15.00 ? 35   MET A O   1 
ATOM   266  C CB  . MET A 1 35  ? 3.988   4.491   -16.358 1.00 36.60 ? 35   MET A CB  1 
ATOM   267  C CG  . MET A 1 35  ? 4.521   3.654   -17.509 1.00 41.01 ? 35   MET A CG  1 
ATOM   268  S SD  . MET A 1 35  ? 3.506   3.879   -18.972 1.00 49.45 ? 35   MET A SD  1 
ATOM   269  C CE  . MET A 1 35  ? 4.143   2.893   -20.310 0.00 0.00  ? 35   MET A CE  1 
ATOM   270  N N   . ALA A 1 36  ? 3.370   4.870   -13.211 1.00 32.81 ? 36   ALA A N   1 
ATOM   271  C CA  . ALA A 1 36  ? 2.762   5.806   -12.277 1.00 31.99 ? 36   ALA A CA  1 
ATOM   272  C C   . ALA A 1 36  ? 3.724   6.159   -11.138 1.00 31.07 ? 36   ALA A C   1 
ATOM   273  O O   . ALA A 1 36  ? 4.474   5.306   -10.642 1.00 32.50 ? 36   ALA A O   1 
ATOM   274  C CB  . ALA A 1 36  ? 1.522   5.150   -11.665 1.00 29.65 ? 36   ALA A CB  1 
ATOM   275  N N   . LYS A 1 37  ? 3.671   7.427   -10.770 1.00 30.31 ? 37   LYS A N   1 
ATOM   276  C CA  . LYS A 1 37  ? 4.415   7.966   -9.622  1.00 28.66 ? 37   LYS A CA  1 
ATOM   277  C C   . LYS A 1 37  ? 3.389   8.540   -8.659  1.00 15.00 ? 37   LYS A C   1 
ATOM   278  O O   . LYS A 1 37  ? 3.280   9.765   -8.497  1.00 25.40 ? 37   LYS A O   1 
ATOM   279  C CB  . LYS A 1 37  ? 5.401   9.052   -10.042 1.00 30.31 ? 37   LYS A CB  1 
ATOM   280  C CG  . LYS A 1 37  ? 6.383   9.383   -8.915  0.00 0.00  ? 37   LYS A CG  1 
ATOM   281  C CD  . LYS A 1 37  ? 7.362   10.502  -9.257  0.00 0.00  ? 37   LYS A CD  1 
ATOM   282  C CE  . LYS A 1 37  ? 8.226   10.911  -8.062  0.00 0.00  ? 37   LYS A CE  1 
ATOM   283  N NZ  . LYS A 1 37  ? 9.217   11.943  -8.392  0.00 0.00  ? 37   LYS A NZ  1 
ATOM   284  N N   . PRO A 1 38  ? 2.617   7.671   -8.014  1.00 24.65 ? 38   PRO A N   1 
ATOM   285  C CA  . PRO A 1 38  ? 1.537   8.092   -7.150  1.00 22.47 ? 38   PRO A CA  1 
ATOM   286  C C   . PRO A 1 38  ? 1.996   8.901   -5.966  1.00 21.38 ? 38   PRO A C   1 
ATOM   287  O O   . PRO A 1 38  ? 3.199   8.797   -5.572  1.00 21.45 ? 38   PRO A O   1 
ATOM   288  C CB  . PRO A 1 38  ? 0.927   6.797   -6.665  1.00 21.51 ? 38   PRO A CB  1 
ATOM   289  C CG  . PRO A 1 38  ? 1.718   5.653   -7.275  1.00 24.78 ? 38   PRO A CG  1 
ATOM   290  C CD  . PRO A 1 38  ? 2.807   6.223   -8.126  1.00 25.23 ? 38   PRO A CD  1 
ATOM   291  N N   . ASN A 1 39  ? 1.019   9.654   -5.488  1.00 19.04 ? 39   ASN A N   1 
ATOM   292  C CA  . ASN A 1 39  ? 1.079   10.443  -4.248  1.00 18.92 ? 39   ASN A CA  1 
ATOM   293  C C   . ASN A 1 39  ? 0.245   9.652   -3.268  1.00 19.27 ? 39   ASN A C   1 
ATOM   294  O O   . ASN A 1 39  ? -0.819  9.151   -3.643  1.00 21.30 ? 39   ASN A O   1 
ATOM   295  C CB  . ASN A 1 39  ? 0.436   11.817  -4.470  1.00 21.05 ? 39   ASN A CB  1 
ATOM   296  C CG  . ASN A 1 39  ? 1.421   12.899  -4.910  1.00 26.31 ? 39   ASN A CG  1 
ATOM   297  O OD1 . ASN A 1 39  ? 1.168   14.084  -4.687  1.00 28.25 ? 39   ASN A OD1 1 
ATOM   298  N ND2 . ASN A 1 39  ? 2.535   12.566  -5.530  1.00 30.24 ? 39   ASN A ND2 1 
ATOM   299  N N   . MET A 1 40  ? 0.870   9.351   -2.007  1.00 15.52 ? 40   MET A N   1 
ATOM   300  C CA  . MET A 1 40  ? 0.116   8.698   -0.950  1.00 13.99 ? 40   MET A CA  1 
ATOM   301  C C   . MET A 1 40  ? -0.341  9.752   0.051   1.00 13.43 ? 40   MET A C   1 
ATOM   302  O O   . MET A 1 40  ? 0.464   10.550  0.532   1.00 12.95 ? 40   MET A O   1 
ATOM   303  C CB  . MET A 1 40  ? 0.968   7.643   -0.251  1.00 14.46 ? 40   MET A CB  1 
ATOM   304  C CG  . MET A 1 40  ? 0.172   6.734   0.665   1.00 17.03 ? 40   MET A CG  1 
ATOM   305  S SD  . MET A 1 40  ? 1.220   5.540   1.485   1.00 20.54 ? 40   MET A SD  1 
ATOM   306  C CE  . MET A 1 40  ? 1.847   4.605   0.094   1.00 21.20 ? 40   MET A CE  1 
ATOM   307  N N   . ILE A 1 41  ? -1.629  9.765   0.356   1.00 11.13 ? 41   ILE A N   1 
ATOM   308  C CA  . ILE A 1 41  ? -2.199  10.724  1.286   1.00 11.25 ? 41   ILE A CA  1 
ATOM   309  C C   . ILE A 1 41  ? -2.804  9.982   2.470   1.00 11.16 ? 41   ILE A C   1 
ATOM   310  O O   . ILE A 1 41  ? -3.720  9.168   2.305   1.00 11.48 ? 41   ILE A O   1 
ATOM   311  C CB  . ILE A 1 41  ? -3.276  11.567  0.595   1.00 14.23 ? 41   ILE A CB  1 
ATOM   312  C CG1 . ILE A 1 41  ? -2.703  12.166  -0.701  1.00 14.55 ? 41   ILE A CG1 1 
ATOM   313  C CG2 . ILE A 1 41  ? -3.777  12.662  1.553   1.00 15.43 ? 41   ILE A CG2 1 
ATOM   314  C CD1 . ILE A 1 41  ? -3.714  12.850  -1.568  1.00 17.61 ? 41   ILE A CD1 1 
ATOM   315  N N   . ILE A 1 42  ? -2.272  10.238  3.659   1.00 8.39  ? 42   ILE A N   1 
ATOM   316  C CA  . ILE A 1 42  ? -2.751  9.583   4.865   1.00 7.85  ? 42   ILE A CA  1 
ATOM   317  C C   . ILE A 1 42  ? -3.345  10.608  5.812   1.00 8.56  ? 42   ILE A C   1 
ATOM   318  O O   . ILE A 1 42  ? -2.767  11.679  6.037   1.00 8.18  ? 42   ILE A O   1 
ATOM   319  C CB  . ILE A 1 42  ? -1.622  8.798   5.560   1.00 8.42  ? 42   ILE A CB  1 
ATOM   320  C CG1 . ILE A 1 42  ? -1.070  7.742   4.596   1.00 10.23 ? 42   ILE A CG1 1 
ATOM   321  C CG2 . ILE A 1 42  ? -2.130  8.139   6.838   1.00 8.44  ? 42   ILE A CG2 1 
ATOM   322  C CD1 . ILE A 1 42  ? 0.129   6.980   5.120   1.00 12.36 ? 42   ILE A CD1 1 
ATOM   323  N N   . SER A 1 43  ? -4.533  10.307  6.317   1.00 8.15  ? 43   SER A N   1 
ATOM   324  C CA  . SER A 1 43  ? -5.212  11.202  7.240   1.00 9.48  ? 43   SER A CA  1 
ATOM   325  C C   . SER A 1 43  ? -5.936  10.370  8.290   1.00 9.63  ? 43   SER A C   1 
ATOM   326  O O   . SER A 1 43  ? -6.208  9.187   8.074   1.00 10.73 ? 43   SER A O   1 
ATOM   327  C CB  . SER A 1 43  ? -6.193  12.110  6.487   1.00 9.72  ? 43   SER A CB  1 
ATOM   328  O OG  . SER A 1 43  ? -7.142  11.364  5.742   1.00 12.12 ? 43   SER A OG  1 
ATOM   329  N N   . VAL A 1 44  ? -6.230  10.986  9.427   1.00 10.16 ? 44   VAL A N   1 
ATOM   330  C CA  . VAL A 1 44  ? -6.922  10.313  10.519  1.00 9.68  ? 44   VAL A CA  1 
ATOM   331  C C   . VAL A 1 44  ? -8.056  11.212  11.002  1.00 10.13 ? 44   VAL A C   1 
ATOM   332  O O   . VAL A 1 44  ? -7.881  12.423  11.169  1.00 10.97 ? 44   VAL A O   1 
ATOM   333  C CB  . VAL A 1 44  ? -5.982  10.041  11.726  1.00 11.74 ? 44   VAL A CB  1 
ATOM   334  C CG1 . VAL A 1 44  ? -6.736  9.262   12.807  1.00 13.46 ? 44   VAL A CG1 1 
ATOM   335  C CG2 . VAL A 1 44  ? -4.742  9.271   11.276  1.00 12.94 ? 44   VAL A CG2 1 
ATOM   336  N N   . ASN A 1 45  ? -9.223  10.616  11.207  1.00 9.77  ? 45   ASN A N   1 
ATOM   337  C CA  . ASN A 1 45  ? -10.395 11.348  11.691  1.00 9.56  ? 45   ASN A CA  1 
ATOM   338  C C   . ASN A 1 45  ? -11.018 10.406  12.708  1.00 9.94  ? 45   ASN A C   1 
ATOM   339  O O   . ASN A 1 45  ? -11.634 9.402   12.337  1.00 9.17  ? 45   ASN A O   1 
ATOM   340  C CB  . ASN A 1 45  ? -11.373 11.604  10.542  1.00 11.16 ? 45   ASN A CB  1 
ATOM   341  C CG  . ASN A 1 45  ? -12.486 12.582  10.909  1.00 13.43 ? 45   ASN A CG  1 
ATOM   342  O OD1 . ASN A 1 45  ? -12.850 13.429  10.106  1.00 16.88 ? 45   ASN A OD1 1 
ATOM   343  N ND2 . ASN A 1 45  ? -13.050 12.431  12.086  1.00 14.28 ? 45   ASN A ND2 1 
ATOM   344  N N   . GLY A 1 46  ? -10.844 10.713  13.986  1.00 10.27 ? 46   GLY A N   1 
ATOM   345  C CA  . GLY A 1 46  ? -11.364 9.859   15.035  1.00 11.67 ? 46   GLY A CA  1 
ATOM   346  C C   . GLY A 1 46  ? -10.560 8.573   14.994  1.00 11.19 ? 46   GLY A C   1 
ATOM   347  O O   . GLY A 1 46  ? -9.336  8.618   14.918  1.00 12.63 ? 46   GLY A O   1 
ATOM   348  N N   . ASP A 1 47  ? -11.237 7.429   14.996  1.00 12.29 ? 47   ASP A N   1 
ATOM   349  C CA  . ASP A 1 47  ? -10.527 6.152   14.945  1.00 13.34 ? 47   ASP A CA  1 
ATOM   350  C C   . ASP A 1 47  ? -10.469 5.622   13.516  1.00 12.35 ? 47   ASP A C   1 
ATOM   351  O O   . ASP A 1 47  ? -10.127 4.461   13.293  1.00 13.82 ? 47   ASP A O   1 
ATOM   352  C CB  A ASP A 1 47  ? -11.132 5.124   15.904  0.50 13.31 ? 47   ASP A CB  1 
ATOM   353  C CB  B ASP A 1 47  ? -11.222 5.118   15.839  0.50 16.32 ? 47   ASP A CB  1 
ATOM   354  C CG  A ASP A 1 47  ? -12.599 4.834   15.632  0.50 11.73 ? 47   ASP A CG  1 
ATOM   355  C CG  B ASP A 1 47  ? -11.259 5.528   17.299  0.50 18.52 ? 47   ASP A CG  1 
ATOM   356  O OD1 A ASP A 1 47  ? -13.178 5.361   14.657  0.50 11.90 ? 47   ASP A OD1 1 
ATOM   357  O OD1 B ASP A 1 47  ? -10.299 5.218   18.033  0.50 20.50 ? 47   ASP A OD1 1 
ATOM   358  O OD2 A ASP A 1 47  ? -13.178 4.055   16.418  0.50 13.95 ? 47   ASP A OD2 1 
ATOM   359  O OD2 B ASP A 1 47  ? -12.259 6.149   17.716  0.50 20.98 ? 47   ASP A OD2 1 
ATOM   360  N N   . LEU A 1 48  ? -10.845 6.459   12.559  1.00 10.25 ? 48   LEU A N   1 
ATOM   361  C CA  . LEU A 1 48  ? -10.831 6.063   11.159  1.00 10.97 ? 48   LEU A CA  1 
ATOM   362  C C   . LEU A 1 48  ? -9.609  6.638   10.459  1.00 10.62 ? 48   LEU A C   1 
ATOM   363  O O   . LEU A 1 48  ? -9.389  7.854   10.457  1.00 9.85  ? 48   LEU A O   1 
ATOM   364  C CB  . LEU A 1 48  ? -12.106 6.535   10.461  1.00 13.81 ? 48   LEU A CB  1 
ATOM   365  C CG  . LEU A 1 48  ? -13.013 5.442   9.889   1.00 18.18 ? 48   LEU A CG  1 
ATOM   366  C CD1 . LEU A 1 48  ? -13.050 4.233   10.806  1.00 18.08 ? 48   LEU A CD1 1 
ATOM   367  C CD2 . LEU A 1 48  ? -14.410 6.015   9.681   1.00 19.54 ? 48   LEU A CD2 1 
ATOM   368  N N   . VAL A 1 49  ? -8.789  5.752   9.912   1.00 9.92  ? 49   VAL A N   1 
ATOM   369  C CA  . VAL A 1 49  ? -7.594  6.154   9.187   1.00 8.51  ? 49   VAL A CA  1 
ATOM   370  C C   . VAL A 1 49  ? -7.911  5.989   7.706   1.00 8.59  ? 49   VAL A C   1 
ATOM   371  O O   . VAL A 1 49  ? -8.554  5.013   7.310   1.00 8.83  ? 49   VAL A O   1 
ATOM   372  C CB  . VAL A 1 49  ? -6.390  5.262   9.539   1.00 8.82  ? 49   VAL A CB  1 
ATOM   373  C CG1 . VAL A 1 49  ? -5.138  5.768   8.827   1.00 10.61 ? 49   VAL A CG1 1 
ATOM   374  C CG2 . VAL A 1 49  ? -6.174  5.227   11.037  1.00 10.61 ? 49   VAL A CG2 1 
ATOM   375  N N   . THR A 1 50  ? -7.492  6.950   6.896   1.00 7.48  ? 50   THR A N   1 
ATOM   376  C CA  . THR A 1 50  ? -7.730  6.893   5.468   1.00 6.70  ? 50   THR A CA  1 
ATOM   377  C C   . THR A 1 50  ? -6.405  6.948   4.743   1.00 7.41  ? 50   THR A C   1 
ATOM   378  O O   . THR A 1 50  ? -5.548  7.773   5.067   1.00 8.35  ? 50   THR A O   1 
ATOM   379  C CB  . THR A 1 50  ? -8.608  8.073   4.991   1.00 7.37  ? 50   THR A CB  1 
ATOM   380  O OG1 . THR A 1 50  ? -9.900  7.982   5.601   1.00 8.62  ? 50   THR A OG1 1 
ATOM   381  C CG2 . THR A 1 50  ? -8.779  8.038   3.475   1.00 9.20  ? 50   THR A CG2 1 
ATOM   382  N N   . ILE A 1 51  ? -6.211  6.009   3.826   1.00 6.25  ? 51   ILE A N   1 
ATOM   383  C CA  . ILE A 1 51  ? -5.006  5.973   3.012   1.00 7.26  ? 51   ILE A CA  1 
ATOM   384  C C   . ILE A 1 51  ? -5.485  6.091   1.575   1.00 8.98  ? 51   ILE A C   1 
ATOM   385  O O   . ILE A 1 51  ? -6.264  5.266   1.086   1.00 7.26  ? 51   ILE A O   1 
ATOM   386  C CB  . ILE A 1 51  ? -4.203  4.675   3.177   1.00 7.31  ? 51   ILE A CB  1 
ATOM   387  C CG1 . ILE A 1 51  ? -3.727  4.521   4.622   1.00 6.54  ? 51   ILE A CG1 1 
ATOM   388  C CG2 . ILE A 1 51  ? -2.989  4.707   2.259   1.00 8.76  ? 51   ILE A CG2 1 
ATOM   389  C CD1 . ILE A 1 51  ? -2.941  3.247   4.869   1.00 9.26  ? 51   ILE A CD1 1 
ATOM   390  N N   . ARG A 1 52  ? -5.042  7.145   0.916   1.00 7.74  ? 52   ARG A N   1 
ATOM   391  C CA  . ARG A 1 52  ? -5.435  7.407   -0.454  1.00 9.33  ? 52   ARG A CA  1 
ATOM   392  C C   . ARG A 1 52  ? -4.206  7.424   -1.360  1.00 10.96 ? 52   ARG A C   1 
ATOM   393  O O   . ARG A 1 52  ? -3.159  7.945   -0.997  1.00 11.14 ? 52   ARG A O   1 
ATOM   394  C CB  . ARG A 1 52  ? -6.168  8.744   -0.490  1.00 12.20 ? 52   ARG A CB  1 
ATOM   395  C CG  . ARG A 1 52  ? -6.622  9.187   -1.835  1.00 13.91 ? 52   ARG A CG  1 
ATOM   396  C CD  . ARG A 1 52  ? -7.440  10.445  -1.697  1.00 15.84 ? 52   ARG A CD  1 
ATOM   397  N NE  . ARG A 1 52  ? -7.685  11.031  -3.001  1.00 19.46 ? 52   ARG A NE  1 
ATOM   398  C CZ  . ARG A 1 52  ? -8.566  10.574  -3.878  1.00 17.40 ? 52   ARG A CZ  1 
ATOM   399  N NH1 . ARG A 1 52  ? -9.360  9.557   -3.570  1.00 21.83 ? 52   ARG A NH1 1 
ATOM   400  N NH2 . ARG A 1 52  ? -8.683  11.182  -5.044  1.00 21.78 ? 52   ARG A NH2 1 
ATOM   401  N N   . SER A 1 53  ? -4.323  6.782   -2.516  1.00 10.97 ? 53   SER A N   1 
ATOM   402  C CA  . SER A 1 53  ? -3.233  6.741   -3.470  1.00 11.90 ? 53   SER A CA  1 
ATOM   403  C C   . SER A 1 53  ? -3.780  7.390   -4.723  1.00 12.30 ? 53   SER A C   1 
ATOM   404  O O   . SER A 1 53  ? -4.830  6.985   -5.227  1.00 12.34 ? 53   SER A O   1 
ATOM   405  C CB  . SER A 1 53  ? -2.822  5.299   -3.761  1.00 14.57 ? 53   SER A CB  1 
ATOM   406  O OG  . SER A 1 53  ? -1.824  5.246   -4.765  1.00 21.75 ? 53   SER A OG  1 
ATOM   407  N N   . GLU A 1 54  ? -3.100  8.421   -5.203  1.00 10.69 ? 54   GLU A N   1 
ATOM   408  C CA  . GLU A 1 54  ? -3.550  9.126   -6.393  1.00 11.79 ? 54   GLU A CA  1 
ATOM   409  C C   . GLU A 1 54  ? -2.555  9.014   -7.532  1.00 12.39 ? 54   GLU A C   1 
ATOM   410  O O   . GLU A 1 54  ? -1.347  9.183   -7.335  1.00 11.94 ? 54   GLU A O   1 
ATOM   411  C CB  . GLU A 1 54  ? -3.762  10.606  -6.091  1.00 12.87 ? 54   GLU A CB  1 
ATOM   412  C CG  . GLU A 1 54  ? -4.764  10.909  -5.002  1.00 14.89 ? 54   GLU A CG  1 
ATOM   413  C CD  . GLU A 1 54  ? -4.939  12.401  -4.795  1.00 17.46 ? 54   GLU A CD  1 
ATOM   414  O OE1 . GLU A 1 54  ? -3.961  13.156  -4.994  1.00 21.53 ? 54   GLU A OE1 1 
ATOM   415  O OE2 . GLU A 1 54  ? -6.053  12.824  -4.442  1.00 20.41 ? 54   GLU A OE2 1 
ATOM   416  N N   . SER A 1 55  ? -3.062  8.737   -8.725  1.00 11.92 ? 55   SER A N   1 
ATOM   417  C CA  . SER A 1 55  ? -2.212  8.651   -9.899  1.00 14.43 ? 55   SER A CA  1 
ATOM   418  C C   . SER A 1 55  ? -3.074  9.054   -11.086 1.00 16.31 ? 55   SER A C   1 
ATOM   419  O O   . SER A 1 55  ? -4.301  9.009   -11.026 1.00 15.18 ? 55   SER A O   1 
ATOM   420  C CB  . SER A 1 55  ? -1.635  7.240   -10.074 1.00 13.16 ? 55   SER A CB  1 
ATOM   421  O OG  . SER A 1 55  ? -2.582  6.340   -10.616 1.00 17.03 ? 55   SER A OG  1 
ATOM   422  N N   . THR A 1 56  ? -2.425  9.489   -12.155 1.00 19.86 ? 56   THR A N   1 
ATOM   423  C CA  . THR A 1 56  ? -3.112  9.927   -13.359 1.00 24.43 ? 56   THR A CA  1 
ATOM   424  C C   . THR A 1 56  ? -4.154  8.938   -13.864 1.00 25.05 ? 56   THR A C   1 
ATOM   425  O O   . THR A 1 56  ? -5.197  9.329   -14.380 1.00 27.08 ? 56   THR A O   1 
ATOM   426  C CB  . THR A 1 56  ? -2.108  10.206  -14.504 1.00 25.21 ? 56   THR A CB  1 
ATOM   427  O OG1 . THR A 1 56  ? -1.230  9.081   -14.658 1.00 29.73 ? 56   THR A OG1 1 
ATOM   428  C CG2 . THR A 1 56  ? -1.259  11.440  -14.180 1.00 28.17 ? 56   THR A CG2 1 
ATOM   429  N N   . PHE A 1 57  ? -3.895  7.650   -13.696 1.00 25.31 ? 57   PHE A N   1 
ATOM   430  C CA  . PHE A 1 57  ? -4.847  6.683   -14.200 1.00 28.50 ? 57   PHE A CA  1 
ATOM   431  C C   . PHE A 1 57  ? -5.678  5.879   -13.213 1.00 26.76 ? 57   PHE A C   1 
ATOM   432  O O   . PHE A 1 57  ? -6.564  5.139   -13.634 1.00 25.41 ? 57   PHE A O   1 
ATOM   433  C CB  . PHE A 1 57  ? -4.181  5.790   -15.256 1.00 32.98 ? 57   PHE A CB  1 
ATOM   434  C CG  . PHE A 1 57  ? -3.915  6.507   -16.560 1.00 37.65 ? 57   PHE A CG  1 
ATOM   435  C CD1 . PHE A 1 57  ? -4.891  7.348   -17.092 1.00 38.71 ? 57   PHE A CD1 1 
ATOM   436  C CD2 . PHE A 1 57  ? -2.690  6.383   -17.236 1.00 37.73 ? 57   PHE A CD2 1 
ATOM   437  C CE1 . PHE A 1 57  ? -4.666  8.069   -18.273 1.00 40.55 ? 57   PHE A CE1 1 
ATOM   438  C CE2 . PHE A 1 57  ? -2.457  7.101   -18.416 1.00 39.48 ? 57   PHE A CE2 1 
ATOM   439  C CZ  . PHE A 1 57  ? -3.443  7.944   -18.939 1.00 40.34 ? 57   PHE A CZ  1 
ATOM   440  N N   . LYS A 1 58  ? -5.386  5.989   -11.918 1.00 24.62 ? 58   LYS A N   1 
ATOM   441  C CA  . LYS A 1 58  ? -6.166  5.268   -10.910 1.00 22.02 ? 58   LYS A CA  1 
ATOM   442  C C   . LYS A 1 58  ? -5.939  5.744   -9.483  1.00 17.84 ? 58   LYS A C   1 
ATOM   443  O O   . LYS A 1 58  ? -4.815  5.793   -8.998  1.00 16.95 ? 58   LYS A O   1 
ATOM   444  C CB  . LYS A 1 58  ? -5.946  3.749   -11.004 1.00 25.56 ? 58   LYS A CB  1 
ATOM   445  C CG  . LYS A 1 58  ? -7.110  2.945   -10.459 1.00 28.62 ? 58   LYS A CG  1 
ATOM   446  C CD  . LYS A 1 58  ? -7.171  1.588   -11.145 1.00 31.46 ? 58   LYS A CD  1 
ATOM   447  C CE  . LYS A 1 58  ? -8.503  0.921   -10.889 1.00 32.38 ? 58   LYS A CE  1 
ATOM   448  N NZ  . LYS A 1 58  ? -8.659  -0.340  -11.663 1.00 34.64 ? 58   LYS A NZ  1 
ATOM   449  N N   . ASN A 1 59  ? -7.023  6.164   -8.845  1.00 15.88 ? 59   ASN A N   1 
ATOM   450  C CA  . ASN A 1 59  ? -6.976  6.621   -7.465  1.00 14.96 ? 59   ASN A CA  1 
ATOM   451  C C   . ASN A 1 59  ? -7.611  5.527   -6.632  1.00 15.94 ? 59   ASN A C   1 
ATOM   452  O O   . ASN A 1 59  ? -8.610  4.925   -7.045  1.00 17.53 ? 59   ASN A O   1 
ATOM   453  C CB  . ASN A 1 59  ? -7.794  7.908   -7.258  1.00 14.45 ? 59   ASN A CB  1 
ATOM   454  C CG  . ASN A 1 59  ? -7.264  9.079   -8.060  1.00 15.22 ? 59   ASN A CG  1 
ATOM   455  O OD1 . ASN A 1 59  ? -6.089  9.130   -8.400  1.00 13.80 ? 59   ASN A OD1 1 
ATOM   456  N ND2 . ASN A 1 59  ? -8.135  10.026  -8.368  1.00 19.46 ? 59   ASN A ND2 1 
ATOM   457  N N   . THR A 1 60  ? -7.018  5.221   -5.488  1.00 13.77 ? 60   THR A N   1 
ATOM   458  C CA  . THR A 1 60  ? -7.591  4.216   -4.604  1.00 13.27 ? 60   THR A CA  1 
ATOM   459  C C   . THR A 1 60  ? -7.732  4.874   -3.251  1.00 12.12 ? 60   THR A C   1 
ATOM   460  O O   . THR A 1 60  ? -6.988  5.799   -2.925  1.00 10.87 ? 60   THR A O   1 
ATOM   461  C CB  . THR A 1 60  ? -6.710  2.941   -4.457  1.00 14.19 ? 60   THR A CB  1 
ATOM   462  O OG1 . THR A 1 60  ? -5.421  3.275   -3.934  1.00 16.19 ? 60   THR A OG1 1 
ATOM   463  C CG2 . THR A 1 60  ? -6.535  2.248   -5.787  1.00 16.92 ? 60   THR A CG2 1 
ATOM   464  N N   . GLU A 1 61  ? -8.671  4.392   -2.457  1.00 11.58 ? 61   GLU A N   1 
ATOM   465  C CA  . GLU A 1 61  ? -8.860  4.953   -1.137  1.00 11.23 ? 61   GLU A CA  1 
ATOM   466  C C   . GLU A 1 61  ? -9.455  3.912   -0.219  1.00 11.22 ? 61   GLU A C   1 
ATOM   467  O O   . GLU A 1 61  ? -10.378 3.192   -0.598  1.00 11.53 ? 61   GLU A O   1 
ATOM   468  C CB  . GLU A 1 61  ? -9.778  6.168   -1.199  1.00 12.46 ? 61   GLU A CB  1 
ATOM   469  C CG  . GLU A 1 61  ? -9.990  6.833   0.138   1.00 18.46 ? 61   GLU A CG  1 
ATOM   470  C CD  . GLU A 1 61  ? -10.882 8.048   0.037   1.00 21.32 ? 61   GLU A CD  1 
ATOM   471  O OE1 . GLU A 1 61  ? -10.493 9.018   -0.648  1.00 26.86 ? 61   GLU A OE1 1 
ATOM   472  O OE2 . GLU A 1 61  ? -11.972 8.031   0.644   1.00 25.73 ? 61   GLU A OE2 1 
ATOM   473  N N   . ILE A 1 62  ? -8.878  3.798   0.966   1.00 9.03  ? 62   ILE A N   1 
ATOM   474  C CA  . ILE A 1 62  ? -9.374  2.872   1.961   1.00 9.79  ? 62   ILE A CA  1 
ATOM   475  C C   . ILE A 1 62  ? -9.469  3.611   3.290   1.00 9.78  ? 62   ILE A C   1 
ATOM   476  O O   . ILE A 1 62  ? -8.588  4.408   3.627   1.00 10.15 ? 62   ILE A O   1 
ATOM   477  C CB  . ILE A 1 62  ? -8.462  1.611   2.121   1.00 9.88  ? 62   ILE A CB  1 
ATOM   478  C CG1 . ILE A 1 62  ? -7.003  2.010   2.347   1.00 9.01  ? 62   ILE A CG1 1 
ATOM   479  C CG2 . ILE A 1 62  ? -8.580  0.710   0.900   1.00 11.40 ? 62   ILE A CG2 1 
ATOM   480  C CD1 . ILE A 1 62  ? -6.103  0.841   2.739   1.00 13.69 ? 62   ILE A CD1 1 
ATOM   481  N N   . SER A 1 63  ? -10.597 3.446   3.972   1.00 8.35  ? 63   SER A N   1 
ATOM   482  C CA  . SER A 1 63  ? -10.818 4.045   5.282   1.00 9.04  ? 63   SER A CA  1 
ATOM   483  C C   . SER A 1 63  ? -11.055 2.852   6.187   1.00 8.99  ? 63   SER A C   1 
ATOM   484  O O   . SER A 1 63  ? -11.839 1.951   5.856   1.00 10.28 ? 63   SER A O   1 
ATOM   485  C CB  . SER A 1 63  ? -12.027 4.979   5.271   1.00 11.16 ? 63   SER A CB  1 
ATOM   486  O OG  . SER A 1 63  ? -11.749 6.141   4.507   1.00 18.29 ? 63   SER A OG  1 
ATOM   487  N N   . PHE A 1 64  ? -10.382 2.832   7.326   1.00 7.87  ? 64   PHE A N   1 
ATOM   488  C CA  . PHE A 1 64  ? -10.481 1.691   8.214   1.00 8.34  ? 64   PHE A CA  1 
ATOM   489  C C   . PHE A 1 64  ? -10.174 2.011   9.661   1.00 7.89  ? 64   PHE A C   1 
ATOM   490  O O   . PHE A 1 64  ? -9.596  3.044   9.989   1.00 8.17  ? 64   PHE A O   1 
ATOM   491  C CB  . PHE A 1 64  ? -9.477  0.629   7.745   1.00 8.31  ? 64   PHE A CB  1 
ATOM   492  C CG  . PHE A 1 64  ? -8.068  1.152   7.629   1.00 7.24  ? 64   PHE A CG  1 
ATOM   493  C CD1 . PHE A 1 64  ? -7.636  1.763   6.450   1.00 8.90  ? 64   PHE A CD1 1 
ATOM   494  C CD2 . PHE A 1 64  ? -7.198  1.095   8.714   1.00 7.06  ? 64   PHE A CD2 1 
ATOM   495  C CE1 . PHE A 1 64  ? -6.358  2.315   6.358   1.00 8.90  ? 64   PHE A CE1 1 
ATOM   496  C CE2 . PHE A 1 64  ? -5.918  1.646   8.634   1.00 8.70  ? 64   PHE A CE2 1 
ATOM   497  C CZ  . PHE A 1 64  ? -5.496  2.257   7.455   1.00 9.44  ? 64   PHE A CZ  1 
ATOM   498  N N   . LYS A 1 65  ? -10.569 1.092   10.524  1.00 8.08  ? 65   LYS A N   1 
ATOM   499  C CA  . LYS A 1 65  ? -10.299 1.191   11.938  1.00 9.58  ? 65   LYS A CA  1 
ATOM   500  C C   . LYS A 1 65  ? -9.208  0.145   12.133  1.00 10.43 ? 65   LYS A C   1 
ATOM   501  O O   . LYS A 1 65  ? -9.294  -0.957  11.582  1.00 10.06 ? 65   LYS A O   1 
ATOM   502  C CB  . LYS A 1 65  ? -11.544 0.816   12.746  1.00 12.60 ? 65   LYS A CB  1 
ATOM   503  C CG  . LYS A 1 65  ? -11.334 0.841   14.250  1.00 17.11 ? 65   LYS A CG  1 
ATOM   504  C CD  . LYS A 1 65  ? -12.641 0.611   14.984  1.00 23.66 ? 65   LYS A CD  1 
ATOM   505  C CE  . LYS A 1 65  ? -12.413 0.398   16.478  1.00 27.62 ? 65   LYS A CE  1 
ATOM   506  N NZ  . LYS A 1 65  ? -11.721 1.545   17.123  1.00 29.10 ? 65   LYS A NZ  1 
ATOM   507  N N   . LEU A 1 66  ? -8.143  0.516   12.832  1.00 8.70  ? 66   LEU A N   1 
ATOM   508  C CA  . LEU A 1 66  ? -7.041  -0.398  13.087  1.00 7.50  ? 66   LEU A CA  1 
ATOM   509  C C   . LEU A 1 66  ? -7.530  -1.608  13.877  1.00 9.61  ? 66   LEU A C   1 
ATOM   510  O O   . LEU A 1 66  ? -8.085  -1.461  14.964  1.00 11.23 ? 66   LEU A O   1 
ATOM   511  C CB  . LEU A 1 66  ? -5.924  0.328   13.847  1.00 9.24  ? 66   LEU A CB  1 
ATOM   512  C CG  . LEU A 1 66  ? -5.210  1.450   13.082  1.00 10.42 ? 66   LEU A CG  1 
ATOM   513  C CD1 . LEU A 1 66  ? -4.448  2.364   14.035  1.00 11.62 ? 66   LEU A CD1 1 
ATOM   514  C CD2 . LEU A 1 66  ? -4.281  0.852   12.043  1.00 10.96 ? 66   LEU A CD2 1 
ATOM   515  N N   . GLY A 1 67  ? -7.364  -2.792  13.297  1.00 8.06  ? 67   GLY A N   1 
ATOM   516  C CA  . GLY A 1 67  ? -7.783  -4.016  13.956  1.00 7.85  ? 67   GLY A CA  1 
ATOM   517  C C   . GLY A 1 67  ? -9.083  -4.627  13.466  1.00 9.53  ? 67   GLY A C   1 
ATOM   518  O O   . GLY A 1 67  ? -9.410  -5.761  13.833  1.00 11.01 ? 67   GLY A O   1 
ATOM   519  N N   . VAL A 1 68  ? -9.829  -3.901  12.642  1.00 9.12  ? 68   VAL A N   1 
ATOM   520  C CA  . VAL A 1 68  ? -11.100 -4.393  12.116  1.00 8.51  ? 68   VAL A CA  1 
ATOM   521  C C   . VAL A 1 68  ? -10.954 -4.799  10.651  1.00 9.38  ? 68   VAL A C   1 
ATOM   522  O O   . VAL A 1 68  ? -10.545 -3.994  9.821   1.00 9.68  ? 68   VAL A O   1 
ATOM   523  C CB  . VAL A 1 68  ? -12.211 -3.318  12.250  1.00 11.06 ? 68   VAL A CB  1 
ATOM   524  C CG1 . VAL A 1 68  ? -13.532 -3.835  11.693  1.00 11.86 ? 68   VAL A CG1 1 
ATOM   525  C CG2 . VAL A 1 68  ? -12.377 -2.917  13.716  1.00 10.65 ? 68   VAL A CG2 1 
ATOM   526  N N   . GLU A 1 69  ? -11.253 -6.058  10.349  1.00 8.99  ? 69   GLU A N   1 
ATOM   527  C CA  . GLU A 1 69  ? -11.162 -6.554  8.985   1.00 7.81  ? 69   GLU A CA  1 
ATOM   528  C C   . GLU A 1 69  ? -12.191 -5.858  8.104   1.00 7.99  ? 69   GLU A C   1 
ATOM   529  O O   . GLU A 1 69  ? -13.339 -5.665  8.502   1.00 9.44  ? 69   GLU A O   1 
ATOM   530  C CB  . GLU A 1 69  ? -11.382 -8.064  8.943   1.00 8.75  ? 69   GLU A CB  1 
ATOM   531  C CG  . GLU A 1 69  ? -11.291 -8.656  7.544   1.00 9.21  ? 69   GLU A CG  1 
ATOM   532  C CD  . GLU A 1 69  ? -11.506 -10.150 7.534   1.00 12.19 ? 69   GLU A CD  1 
ATOM   533  O OE1 . GLU A 1 69  ? -12.671 -10.584 7.605   1.00 15.31 ? 69   GLU A OE1 1 
ATOM   534  O OE2 . GLU A 1 69  ? -10.509 -10.888 7.455   1.00 14.67 ? 69   GLU A OE2 1 
ATOM   535  N N   . PHE A 1 70  ? -11.783 -5.499  6.895   1.00 8.29  ? 70   PHE A N   1 
ATOM   536  C CA  . PHE A 1 70  ? -12.676 -4.813  5.975   1.00 7.16  ? 70   PHE A CA  1 
ATOM   537  C C   . PHE A 1 70  ? -12.451 -5.279  4.541   1.00 7.29  ? 70   PHE A C   1 
ATOM   538  O O   . PHE A 1 70  ? -11.478 -5.979  4.245   1.00 7.31  ? 70   PHE A O   1 
ATOM   539  C CB  . PHE A 1 70  ? -12.486 -3.291  6.086   1.00 7.03  ? 70   PHE A CB  1 
ATOM   540  C CG  . PHE A 1 70  ? -11.113 -2.814  5.701   1.00 8.19  ? 70   PHE A CG  1 
ATOM   541  C CD1 . PHE A 1 70  ? -10.059 -2.886  6.598   1.00 8.39  ? 70   PHE A CD1 1 
ATOM   542  C CD2 . PHE A 1 70  ? -10.877 -2.285  4.433   1.00 11.34 ? 70   PHE A CD2 1 
ATOM   543  C CE1 . PHE A 1 70  ? -8.783  -2.438  6.243   1.00 11.54 ? 70   PHE A CE1 1 
ATOM   544  C CE2 . PHE A 1 70  ? -9.606  -1.833  4.067   1.00 9.60  ? 70   PHE A CE2 1 
ATOM   545  C CZ  . PHE A 1 70  ? -8.559  -1.910  4.974   1.00 10.22 ? 70   PHE A CZ  1 
ATOM   546  N N   . ASP A 1 71  ? -13.377 -4.914  3.664   1.00 7.54  ? 71   ASP A N   1 
ATOM   547  C CA  . ASP A 1 71  ? -13.292 -5.260  2.249   1.00 8.07  ? 71   ASP A CA  1 
ATOM   548  C C   . ASP A 1 71  ? -12.542 -4.181  1.502   1.00 9.16  ? 71   ASP A C   1 
ATOM   549  O O   . ASP A 1 71  ? -12.790 -2.989  1.708   1.00 9.10  ? 71   ASP A O   1 
ATOM   550  C CB  . ASP A 1 71  ? -14.687 -5.367  1.655   1.00 8.27  ? 71   ASP A CB  1 
ATOM   551  C CG  . ASP A 1 71  ? -15.495 -6.456  2.287   1.00 10.97 ? 71   ASP A CG  1 
ATOM   552  O OD1 . ASP A 1 71  ? -15.177 -7.630  2.022   1.00 11.89 ? 71   ASP A OD1 1 
ATOM   553  O OD2 . ASP A 1 71  ? -16.421 -6.133  3.057   1.00 11.44 ? 71   ASP A OD2 1 
ATOM   554  N N   . GLU A 1 72  ? -11.647 -4.599  0.615   1.00 9.74  ? 72   GLU A N   1 
ATOM   555  C CA  . GLU A 1 72  ? -10.867 -3.669  -0.183  1.00 10.32 ? 72   GLU A CA  1 
ATOM   556  C C   . GLU A 1 72  ? -10.776 -4.144  -1.630  1.00 10.07 ? 72   GLU A C   1 
ATOM   557  O O   . GLU A 1 72  ? -10.628 -5.332  -1.881  1.00 9.99  ? 72   GLU A O   1 
ATOM   558  C CB  . GLU A 1 72  ? -9.447  -3.522  0.380   1.00 9.52  ? 72   GLU A CB  1 
ATOM   559  C CG  . GLU A 1 72  ? -8.514  -2.733  -0.542  1.00 9.22  ? 72   GLU A CG  1 
ATOM   560  C CD  . GLU A 1 72  ? -7.082  -2.685  -0.060  1.00 10.15 ? 72   GLU A CD  1 
ATOM   561  O OE1 . GLU A 1 72  ? -6.733  -3.395  0.905   1.00 11.10 ? 72   GLU A OE1 1 
ATOM   562  O OE2 . GLU A 1 72  ? -6.285  -1.933  -0.655  1.00 12.86 ? 72   GLU A OE2 1 
ATOM   563  N N   . ILE A 1 73  ? -10.917 -3.206  -2.566  1.00 11.14 ? 73   ILE A N   1 
ATOM   564  C CA  . ILE A 1 73  ? -10.795 -3.494  -3.990  1.00 12.35 ? 73   ILE A CA  1 
ATOM   565  C C   . ILE A 1 73  ? -9.452  -2.861  -4.326  1.00 11.51 ? 73   ILE A C   1 
ATOM   566  O O   . ILE A 1 73  ? -9.286  -1.643  -4.222  1.00 13.01 ? 73   ILE A O   1 
ATOM   567  C CB  . ILE A 1 73  ? -11.882 -2.800  -4.846  1.00 15.58 ? 73   ILE A CB  1 
ATOM   568  C CG1 . ILE A 1 73  ? -13.288 -3.217  -4.400  1.00 17.75 ? 73   ILE A CG1 1 
ATOM   569  C CG2 . ILE A 1 73  ? -11.687 -3.173  -6.312  1.00 17.48 ? 73   ILE A CG2 1 
ATOM   570  C CD1 . ILE A 1 73  ? -13.571 -4.686  -4.546  1.00 22.07 ? 73   ILE A CD1 1 
ATOM   571  N N   . THR A 1 74  ? -8.473  -3.691  -4.655  1.00 11.03 ? 74   THR A N   1 
ATOM   572  C CA  . THR A 1 74  ? -7.141  -3.188  -4.970  1.00 11.24 ? 74   THR A CA  1 
ATOM   573  C C   . THR A 1 74  ? -7.091  -2.495  -6.331  1.00 11.03 ? 74   THR A C   1 
ATOM   574  O O   . THR A 1 74  ? -8.002  -2.627  -7.144  1.00 12.05 ? 74   THR A O   1 
ATOM   575  C CB  . THR A 1 74  ? -6.096  -4.318  -4.911  1.00 10.30 ? 74   THR A CB  1 
ATOM   576  O OG1 . THR A 1 74  ? -6.371  -5.280  -5.937  1.00 11.04 ? 74   THR A OG1 1 
ATOM   577  C CG2 . THR A 1 74  ? -6.143  -5.015  -3.562  1.00 10.35 ? 74   THR A CG2 1 
ATOM   578  N N   . ALA A 1 75  ? -6.003  -1.781  -6.583  1.00 12.75 ? 75   ALA A N   1 
ATOM   579  C CA  . ALA A 1 75  ? -5.814  -1.060  -7.835  1.00 15.54 ? 75   ALA A CA  1 
ATOM   580  C C   . ALA A 1 75  ? -5.841  -2.004  -9.036  1.00 16.30 ? 75   ALA A C   1 
ATOM   581  O O   . ALA A 1 75  ? -6.288  -1.630  -10.115 1.00 18.85 ? 75   ALA A O   1 
ATOM   582  C CB  . ALA A 1 75  ? -4.503  -0.290  -7.786  1.00 13.03 ? 75   ALA A CB  1 
ATOM   583  N N   . ASP A 1 76  ? -5.374  -3.233  -8.843  1.00 15.82 ? 76   ASP A N   1 
ATOM   584  C CA  . ASP A 1 76  ? -5.360  -4.239  -9.903  1.00 15.55 ? 76   ASP A CA  1 
ATOM   585  C C   . ASP A 1 76  ? -6.655  -5.051  -9.895  1.00 17.45 ? 76   ASP A C   1 
ATOM   586  O O   . ASP A 1 76  ? -6.727  -6.141  -10.475 1.00 18.23 ? 76   ASP A O   1 
ATOM   587  C CB  . ASP A 1 76  ? -4.142  -5.154  -9.757  1.00 15.20 ? 76   ASP A CB  1 
ATOM   588  C CG  . ASP A 1 76  ? -4.123  -5.892  -8.436  1.00 13.90 ? 76   ASP A CG  1 
ATOM   589  O OD1 . ASP A 1 76  ? -4.083  -5.240  -7.370  1.00 14.56 ? 76   ASP A OD1 1 
ATOM   590  O OD2 . ASP A 1 76  ? -4.137  -7.134  -8.470  1.00 15.22 ? 76   ASP A OD2 1 
ATOM   591  N N   . ASP A 1 77  ? -7.651  -4.521  -9.192  1.00 18.61 ? 77   ASP A N   1 
ATOM   592  C CA  . ASP A 1 77  ? -8.984  -5.098  -9.075  1.00 20.98 ? 77   ASP A CA  1 
ATOM   593  C C   . ASP A 1 77  ? -9.210  -6.422  -8.373  1.00 20.84 ? 77   ASP A C   1 
ATOM   594  O O   . ASP A 1 77  ? -10.062 -7.214  -8.778  1.00 23.13 ? 77   ASP A O   1 
ATOM   595  C CB  . ASP A 1 77  ? -9.679  -5.090  -10.435 1.00 27.00 ? 77   ASP A CB  1 
ATOM   596  C CG  . ASP A 1 77  ? -10.106 -3.698  -10.847 1.00 33.28 ? 77   ASP A CG  1 
ATOM   597  O OD1 . ASP A 1 77  ? -11.008 -3.133  -10.181 1.00 36.91 ? 77   ASP A OD1 1 
ATOM   598  O OD2 . ASP A 1 77  ? -9.530  -3.172  -11.824 1.00 39.12 ? 77   ASP A OD2 1 
ATOM   599  N N   . ARG A 1 78  ? -8.470  -6.668  -7.305  1.00 18.44 ? 78   ARG A N   1 
ATOM   600  C CA  . ARG A 1 78  ? -8.670  -7.882  -6.536  1.00 15.21 ? 78   ARG A CA  1 
ATOM   601  C C   . ARG A 1 78  ? -9.621  -7.475  -5.421  1.00 15.14 ? 78   ARG A C   1 
ATOM   602  O O   . ARG A 1 78  ? -9.556  -6.343  -4.937  1.00 14.31 ? 78   ARG A O   1 
ATOM   603  C CB  . ARG A 1 78  ? -7.362  -8.360  -5.910  1.00 13.90 ? 78   ARG A CB  1 
ATOM   604  C CG  . ARG A 1 78  ? -6.433  -9.123  -6.826  1.00 13.16 ? 78   ARG A CG  1 
ATOM   605  C CD  . ARG A 1 78  ? -5.102  -9.390  -6.113  1.00 14.16 ? 78   ARG A CD  1 
ATOM   606  N NE  . ARG A 1 78  ? -4.355  -8.152  -5.897  1.00 12.45 ? 78   ARG A NE  1 
ATOM   607  C CZ  . ARG A 1 78  ? -3.739  -7.805  -4.773  1.00 12.48 ? 78   ARG A CZ  1 
ATOM   608  N NH1 . ARG A 1 78  ? -3.768  -8.590  -3.701  1.00 10.32 ? 78   ARG A NH1 1 
ATOM   609  N NH2 . ARG A 1 78  ? -3.105  -6.647  -4.729  1.00 12.42 ? 78   ARG A NH2 1 
ATOM   610  N N   . LYS A 1 79  ? -10.542 -8.364  -5.063  1.00 15.45 ? 79   LYS A N   1 
ATOM   611  C CA  . LYS A 1 79  ? -11.471 -8.109  -3.966  1.00 15.80 ? 79   LYS A CA  1 
ATOM   612  C C   . LYS A 1 79  ? -10.847 -8.886  -2.813  1.00 13.01 ? 79   LYS A C   1 
ATOM   613  O O   . LYS A 1 79  ? -10.823 -10.117 -2.816  1.00 13.27 ? 79   LYS A O   1 
ATOM   614  C CB  . LYS A 1 79  ? -12.874 -8.636  -4.279  1.00 19.87 ? 79   LYS A CB  1 
ATOM   615  C CG  . LYS A 1 79  ? -13.454 -8.107  -5.579  1.00 28.18 ? 79   LYS A CG  1 
ATOM   616  C CD  . LYS A 1 79  ? -14.975 -8.170  -5.580  1.00 32.86 ? 79   LYS A CD  1 
ATOM   617  C CE  . LYS A 1 79  ? -15.525 -7.830  -6.955  1.00 35.73 ? 79   LYS A CE  1 
ATOM   618  N NZ  . LYS A 1 79  ? -16.927 -7.348  -6.879  1.00 40.32 ? 79   LYS A NZ  1 
ATOM   619  N N   . VAL A 1 80  ? -10.279 -8.162  -1.859  1.00 9.69  ? 80   VAL A N   1 
ATOM   620  C CA  . VAL A 1 80  ? -9.601  -8.789  -0.742  1.00 8.74  ? 80   VAL A CA  1 
ATOM   621  C C   . VAL A 1 80  ? -10.182 -8.394  0.606   1.00 7.63  ? 80   VAL A C   1 
ATOM   622  O O   . VAL A 1 80  ? -11.005 -7.475  0.704   1.00 10.31 ? 80   VAL A O   1 
ATOM   623  C CB  . VAL A 1 80  ? -8.087  -8.404  -0.725  1.00 8.69  ? 80   VAL A CB  1 
ATOM   624  C CG1 . VAL A 1 80  ? -7.433  -8.707  -2.069  1.00 10.82 ? 80   VAL A CG1 1 
ATOM   625  C CG2 . VAL A 1 80  ? -7.919  -6.926  -0.393  1.00 8.64  ? 80   VAL A CG2 1 
ATOM   626  N N   . LYS A 1 81  ? -9.783  -9.141  1.627   1.00 7.21  ? 81   LYS A N   1 
ATOM   627  C CA  . LYS A 1 81  ? -10.163 -8.866  3.005   1.00 6.96  ? 81   LYS A CA  1 
ATOM   628  C C   . LYS A 1 81  ? -8.874  -8.310  3.591   1.00 7.94  ? 81   LYS A C   1 
ATOM   629  O O   . LYS A 1 81  ? -7.824  -8.952  3.513   1.00 8.67  ? 81   LYS A O   1 
ATOM   630  C CB  . LYS A 1 81  ? -10.548 -10.148 3.751   1.00 10.03 ? 81   LYS A CB  1 
ATOM   631  C CG  . LYS A 1 81  ? -11.842 -10.796 3.296   1.00 9.73  ? 81   LYS A CG  1 
ATOM   632  C CD  . LYS A 1 81  ? -13.064 -9.953  3.614   1.00 9.13  ? 81   LYS A CD  1 
ATOM   633  C CE  . LYS A 1 81  ? -14.316 -10.695 3.172   1.00 10.83 ? 81   LYS A CE  1 
ATOM   634  N NZ  . LYS A 1 81  ? -15.567 -9.959  3.394   1.00 7.80  ? 81   LYS A NZ  1 
ATOM   635  N N   . SER A 1 82  ? -8.927  -7.091  4.110   1.00 8.35  ? 82   SER A N   1 
ATOM   636  C CA  . SER A 1 82  ? -7.741  -6.473  4.681   1.00 8.33  ? 82   SER A CA  1 
ATOM   637  C C   . SER A 1 82  ? -7.896  -6.195  6.166   1.00 8.18  ? 82   SER A C   1 
ATOM   638  O O   . SER A 1 82  ? -9.004  -5.978  6.658   1.00 8.27  ? 82   SER A O   1 
ATOM   639  C CB  . SER A 1 82  ? -7.418  -5.158  3.965   1.00 9.34  ? 82   SER A CB  1 
ATOM   640  O OG  . SER A 1 82  ? -6.999  -5.375  2.628   1.00 10.18 ? 82   SER A OG  1 
ATOM   641  N N   . ILE A 1 83  ? -6.777  -6.259  6.875   1.00 7.89  ? 83   ILE A N   1 
ATOM   642  C CA  . ILE A 1 83  ? -6.740  -5.964  8.302   1.00 8.68  ? 83   ILE A CA  1 
ATOM   643  C C   . ILE A 1 83  ? -5.445  -5.176  8.471   1.00 8.66  ? 83   ILE A C   1 
ATOM   644  O O   . ILE A 1 83  ? -4.402  -5.568  7.943   1.00 9.23  ? 83   ILE A O   1 
ATOM   645  C CB  . ILE A 1 83  ? -6.687  -7.242  9.180   1.00 11.83 ? 83   ILE A CB  1 
ATOM   646  C CG1 . ILE A 1 83  ? -7.779  -8.229  8.761   1.00 16.45 ? 83   ILE A CG1 1 
ATOM   647  C CG2 . ILE A 1 83  ? -6.925  -6.878  10.640  1.00 14.71 ? 83   ILE A CG2 1 
ATOM   648  C CD1 . ILE A 1 83  ? -7.678  -9.588  9.440   1.00 21.55 ? 83   ILE A CD1 1 
ATOM   649  N N   . ILE A 1 84  ? -5.531  -4.026  9.127   1.00 8.33  ? 84   ILE A N   1 
ATOM   650  C CA  . ILE A 1 84  ? -4.373  -3.184  9.354   1.00 6.14  ? 84   ILE A CA  1 
ATOM   651  C C   . ILE A 1 84  ? -4.238  -2.940  10.846  1.00 8.08  ? 84   ILE A C   1 
ATOM   652  O O   . ILE A 1 84  ? -5.197  -2.542  11.505  1.00 7.79  ? 84   ILE A O   1 
ATOM   653  C CB  . ILE A 1 84  ? -4.504  -1.839  8.605   1.00 7.63  ? 84   ILE A CB  1 
ATOM   654  C CG1 . ILE A 1 84  ? -4.659  -2.101  7.102   1.00 7.88  ? 84   ILE A CG1 1 
ATOM   655  C CG2 . ILE A 1 84  ? -3.276  -0.971  8.869   1.00 8.13  ? 84   ILE A CG2 1 
ATOM   656  C CD1 . ILE A 1 84  ? -4.711  -0.857  6.244   1.00 9.56  ? 84   ILE A CD1 1 
ATOM   657  N N   . THR A 1 85  ? -3.058  -3.232  11.380  1.00 7.70  ? 85   THR A N   1 
ATOM   658  C CA  . THR A 1 85  ? -2.773  -3.052  12.800  1.00 8.48  ? 85   THR A CA  1 
ATOM   659  C C   . THR A 1 85  ? -1.550  -2.145  12.969  1.00 9.13  ? 85   THR A C   1 
ATOM   660  O O   . THR A 1 85  ? -0.760  -1.967  12.031  1.00 11.04 ? 85   THR A O   1 
ATOM   661  C CB  . THR A 1 85  ? -2.490  -4.413  13.501  1.00 7.46  ? 85   THR A CB  1 
ATOM   662  O OG1 . THR A 1 85  ? -1.429  -5.090  12.823  1.00 7.97  ? 85   THR A OG1 1 
ATOM   663  C CG2 . THR A 1 85  ? -3.729  -5.309  13.481  1.00 8.02  ? 85   THR A CG2 1 
ATOM   664  N N   . LEU A 1 86  ? -1.421  -1.545  14.146  1.00 8.91  ? 86   LEU A N   1 
ATOM   665  C CA  . LEU A 1 86  ? -0.291  -0.671  14.447  1.00 9.83  ? 86   LEU A CA  1 
ATOM   666  C C   . LEU A 1 86  ? 0.644   -1.480  15.334  1.00 10.30 ? 86   LEU A C   1 
ATOM   667  O O   . LEU A 1 86  ? 0.323   -1.768  16.487  1.00 10.38 ? 86   LEU A O   1 
ATOM   668  C CB  . LEU A 1 86  ? -0.766  0.600   15.168  1.00 10.77 ? 86   LEU A CB  1 
ATOM   669  C CG  . LEU A 1 86  ? 0.297   1.611   15.600  1.00 11.31 ? 86   LEU A CG  1 
ATOM   670  C CD1 . LEU A 1 86  ? 1.145   2.039   14.414  1.00 16.59 ? 86   LEU A CD1 1 
ATOM   671  C CD2 . LEU A 1 86  ? -0.378  2.814   16.223  1.00 14.97 ? 86   LEU A CD2 1 
ATOM   672  N N   . ASP A 1 87  ? 1.794   -1.850  14.783  1.00 10.00 ? 87   ASP A N   1 
ATOM   673  C CA  . ASP A 1 87  ? 2.771   -2.655  15.503  1.00 11.93 ? 87   ASP A CA  1 
ATOM   674  C C   . ASP A 1 87  ? 4.173   -2.074  15.413  1.00 11.87 ? 87   ASP A C   1 
ATOM   675  O O   . ASP A 1 87  ? 4.717   -1.891  14.315  1.00 10.80 ? 87   ASP A O   1 
ATOM   676  C CB  . ASP A 1 87  ? 2.778   -4.082  14.946  1.00 12.65 ? 87   ASP A CB  1 
ATOM   677  C CG  . ASP A 1 87  ? 1.454   -4.787  15.131  1.00 13.10 ? 87   ASP A CG  1 
ATOM   678  O OD1 . ASP A 1 87  ? 1.006   -4.913  16.287  1.00 17.32 ? 87   ASP A OD1 1 
ATOM   679  O OD2 . ASP A 1 87  ? 0.872   -5.222  14.123  1.00 16.71 ? 87   ASP A OD2 1 
ATOM   680  N N   . GLY A 1 88  ? 4.757   -1.791  16.572  1.00 13.64 ? 88   GLY A N   1 
ATOM   681  C CA  . GLY A 1 88  ? 6.100   -1.236  16.620  1.00 14.32 ? 88   GLY A CA  1 
ATOM   682  C C   . GLY A 1 88  ? 6.230   0.071   15.867  1.00 13.17 ? 88   GLY A C   1 
ATOM   683  O O   . GLY A 1 88  ? 7.286   0.374   15.326  1.00 15.75 ? 88   GLY A O   1 
ATOM   684  N N   . GLY A 1 89  ? 5.165   0.855   15.828  1.00 12.47 ? 89   GLY A N   1 
ATOM   685  C CA  . GLY A 1 89  ? 5.219   2.116   15.116  1.00 13.25 ? 89   GLY A CA  1 
ATOM   686  C C   . GLY A 1 89  ? 5.014   1.993   13.616  1.00 12.95 ? 89   GLY A C   1 
ATOM   687  O O   . GLY A 1 89  ? 5.108   2.985   12.895  1.00 14.12 ? 89   GLY A O   1 
ATOM   688  N N   . ALA A 1 90  ? 4.692   0.794   13.146  1.00 11.63 ? 90   ALA A N   1 
ATOM   689  C CA  . ALA A 1 90  ? 4.466   0.568   11.725  1.00 10.67 ? 90   ALA A CA  1 
ATOM   690  C C   . ALA A 1 90  ? 3.041   0.105   11.475  1.00 9.92  ? 90   ALA A C   1 
ATOM   691  O O   . ALA A 1 90  ? 2.427   -0.530  12.332  1.00 10.67 ? 90   ALA A O   1 
ATOM   692  C CB  . ALA A 1 90  ? 5.441   -0.456  11.194  1.00 9.97  ? 90   ALA A CB  1 
ATOM   693  N N   . LEU A 1 91  ? 2.502   0.461   10.318  1.00 7.94  ? 91   LEU A N   1 
ATOM   694  C CA  . LEU A 1 91  ? 1.164   0.040   9.939   1.00 8.58  ? 91   LEU A CA  1 
ATOM   695  C C   . LEU A 1 91  ? 1.364   -1.263  9.177   1.00 9.43  ? 91   LEU A C   1 
ATOM   696  O O   . LEU A 1 91  ? 2.018   -1.284  8.131   1.00 11.10 ? 91   LEU A O   1 
ATOM   697  C CB  . LEU A 1 91  ? 0.498   1.088   9.044   1.00 8.90  ? 91   LEU A CB  1 
ATOM   698  C CG  . LEU A 1 91  ? 0.119   2.422   9.700   1.00 8.62  ? 91   LEU A CG  1 
ATOM   699  C CD1 . LEU A 1 91  ? -0.268  3.449   8.644   1.00 11.04 ? 91   LEU A CD1 1 
ATOM   700  C CD2 . LEU A 1 91  ? -1.024  2.204   10.676  1.00 12.54 ? 91   LEU A CD2 1 
ATOM   701  N N   . VAL A 1 92  ? 0.858   -2.359  9.723   1.00 9.04  ? 92   VAL A N   1 
ATOM   702  C CA  . VAL A 1 92  ? 1.008   -3.653  9.073   1.00 7.88  ? 92   VAL A CA  1 
ATOM   703  C C   . VAL A 1 92  ? -0.320  -4.105  8.488   1.00 8.40  ? 92   VAL A C   1 
ATOM   704  O O   . VAL A 1 92  ? -1.287  -4.333  9.216   1.00 8.64  ? 92   VAL A O   1 
ATOM   705  C CB  . VAL A 1 92  ? 1.531   -4.722  10.063  1.00 8.77  ? 92   VAL A CB  1 
ATOM   706  C CG1 . VAL A 1 92  ? 1.778   -6.036  9.335   1.00 9.22  ? 92   VAL A CG1 1 
ATOM   707  C CG2 . VAL A 1 92  ? 2.803   -4.230  10.735  1.00 7.05  ? 92   VAL A CG2 1 
ATOM   708  N N   . GLN A 1 93  ? -0.359  -4.217  7.166   1.00 8.22  ? 93   GLN A N   1 
ATOM   709  C CA  . GLN A 1 93  ? -1.556  -4.635  6.452   1.00 7.85  ? 93   GLN A CA  1 
ATOM   710  C C   . GLN A 1 93  ? -1.419  -6.033  5.867   1.00 9.05  ? 93   GLN A C   1 
ATOM   711  O O   . GLN A 1 93  ? -0.393  -6.381  5.274   1.00 9.02  ? 93   GLN A O   1 
ATOM   712  C CB  . GLN A 1 93  ? -1.867  -3.665  5.313   1.00 6.70  ? 93   GLN A CB  1 
ATOM   713  C CG  . GLN A 1 93  ? -3.052  -4.099  4.460   1.00 8.52  ? 93   GLN A CG  1 
ATOM   714  C CD  . GLN A 1 93  ? -3.396  -3.092  3.395   1.00 9.77  ? 93   GLN A CD  1 
ATOM   715  O OE1 . GLN A 1 93  ? -2.616  -2.198  3.100   1.00 11.65 ? 93   GLN A OE1 1 
ATOM   716  N NE2 . GLN A 1 93  ? -4.575  -3.223  2.819   1.00 10.50 ? 93   GLN A NE2 1 
ATOM   717  N N   . VAL A 1 94  ? -2.454  -6.839  6.057   1.00 7.60  ? 94   VAL A N   1 
ATOM   718  C CA  . VAL A 1 94  ? -2.470  -8.181  5.502   1.00 8.26  ? 94   VAL A CA  1 
ATOM   719  C C   . VAL A 1 94  ? -3.712  -8.237  4.622   1.00 6.75  ? 94   VAL A C   1 
ATOM   720  O O   . VAL A 1 94  ? -4.783  -7.793  5.043   1.00 7.64  ? 94   VAL A O   1 
ATOM   721  C CB  . VAL A 1 94  ? -2.556  -9.275  6.601   1.00 9.66  ? 94   VAL A CB  1 
ATOM   722  C CG1 . VAL A 1 94  ? -2.573  -10.661 5.960   1.00 10.25 ? 94   VAL A CG1 1 
ATOM   723  C CG2 . VAL A 1 94  ? -1.375  -9.161  7.566   1.00 11.52 ? 94   VAL A CG2 1 
ATOM   724  N N   . GLN A 1 95  ? -3.532  -8.659  3.374   1.00 6.79  ? 95   GLN A N   1 
ATOM   725  C CA  . GLN A 1 95  ? -4.647  -8.797  2.440   1.00 7.28  ? 95   GLN A CA  1 
ATOM   726  C C   . GLN A 1 95  ? -4.779  -10.277 2.159   1.00 8.05  ? 95   GLN A C   1 
ATOM   727  O O   . GLN A 1 95  ? -3.784  -10.938 1.874   1.00 8.93  ? 95   GLN A O   1 
ATOM   728  C CB  . GLN A 1 95  ? -4.364  -8.097  1.114   1.00 9.66  ? 95   GLN A CB  1 
ATOM   729  C CG  . GLN A 1 95  ? -4.185  -6.594  1.181   1.00 9.44  ? 95   GLN A CG  1 
ATOM   730  C CD  . GLN A 1 95  ? -3.925  -6.021  -0.189  1.00 10.37 ? 95   GLN A CD  1 
ATOM   731  O OE1 . GLN A 1 95  ? -3.323  -6.666  -1.045  1.00 11.20 ? 95   GLN A OE1 1 
ATOM   732  N NE2 . GLN A 1 95  ? -4.391  -4.820  -0.414  1.00 9.29  ? 95   GLN A NE2 1 
ATOM   733  N N   . LYS A 1 96  ? -6.000  -10.789 2.236   1.00 8.48  ? 96   LYS A N   1 
ATOM   734  C CA  . LYS A 1 96  ? -6.270  -12.197 1.977   1.00 9.34  ? 96   LYS A CA  1 
ATOM   735  C C   . LYS A 1 96  ? -7.323  -12.314 0.889   1.00 9.85  ? 96   LYS A C   1 
ATOM   736  O O   . LYS A 1 96  ? -8.322  -11.588 0.902   1.00 9.38  ? 96   LYS A O   1 
ATOM   737  C CB  . LYS A 1 96  ? -6.802  -12.890 3.233   1.00 10.19 ? 96   LYS A CB  1 
ATOM   738  C CG  . LYS A 1 96  ? -5.830  -12.946 4.387   1.00 16.28 ? 96   LYS A CG  1 
ATOM   739  C CD  . LYS A 1 96  ? -6.487  -13.581 5.610   1.00 20.99 ? 96   LYS A CD  1 
ATOM   740  C CE  . LYS A 1 96  ? -5.531  -13.637 6.787   1.00 25.30 ? 96   LYS A CE  1 
ATOM   741  N NZ  . LYS A 1 96  ? -6.128  -14.243 7.985   0.00 0.00  ? 96   LYS A NZ  1 
ATOM   742  N N   . TRP A 1 97  ? -7.089  -13.213 -0.064  1.00 10.62 ? 97   TRP A N   1 
ATOM   743  C CA  . TRP A 1 97  ? -8.041  -13.444 -1.145  1.00 11.48 ? 97   TRP A CA  1 
ATOM   744  C C   . TRP A 1 97  ? -7.734  -14.792 -1.784  1.00 13.00 ? 97   TRP A C   1 
ATOM   745  O O   . TRP A 1 97  ? -6.572  -15.146 -1.964  1.00 11.93 ? 97   TRP A O   1 
ATOM   746  C CB  . TRP A 1 97  ? -7.978  -12.324 -2.190  1.00 11.51 ? 97   TRP A CB  1 
ATOM   747  C CG  . TRP A 1 97  ? -6.821  -12.416 -3.141  1.00 9.97  ? 97   TRP A CG  1 
ATOM   748  C CD1 . TRP A 1 97  ? -6.876  -12.770 -4.459  1.00 11.09 ? 97   TRP A CD1 1 
ATOM   749  C CD2 . TRP A 1 97  ? -5.443  -12.165 -2.847  1.00 10.41 ? 97   TRP A CD2 1 
ATOM   750  N NE1 . TRP A 1 97  ? -5.617  -12.758 -5.002  1.00 10.61 ? 97   TRP A NE1 1 
ATOM   751  C CE2 . TRP A 1 97  ? -4.716  -12.395 -4.039  1.00 10.46 ? 97   TRP A CE2 1 
ATOM   752  C CE3 . TRP A 1 97  ? -4.744  -11.774 -1.700  1.00 12.06 ? 97   TRP A CE3 1 
ATOM   753  C CZ2 . TRP A 1 97  ? -3.330  -12.243 -4.110  1.00 10.37 ? 97   TRP A CZ2 1 
ATOM   754  C CZ3 . TRP A 1 97  ? -3.363  -11.624 -1.771  1.00 10.66 ? 97   TRP A CZ3 1 
ATOM   755  C CH2 . TRP A 1 97  ? -2.674  -11.860 -2.970  1.00 9.14  ? 97   TRP A CH2 1 
ATOM   756  N N   . ASP A 1 98  ? -8.780  -15.564 -2.055  1.00 14.89 ? 98   ASP A N   1 
ATOM   757  C CA  . ASP A 1 98  ? -8.646  -16.880 -2.680  1.00 17.86 ? 98   ASP A CA  1 
ATOM   758  C C   . ASP A 1 98  ? -7.566  -17.784 -2.093  1.00 15.54 ? 98   ASP A C   1 
ATOM   759  O O   . ASP A 1 98  ? -6.786  -18.399 -2.824  1.00 15.75 ? 98   ASP A O   1 
ATOM   760  C CB  . ASP A 1 98  ? -8.429  -16.723 -4.184  1.00 24.24 ? 98   ASP A CB  1 
ATOM   761  C CG  . ASP A 1 98  ? -9.606  -16.053 -4.874  1.00 32.09 ? 98   ASP A CG  1 
ATOM   762  O OD1 . ASP A 1 98  ? -10.763 -16.471 -4.624  1.00 35.98 ? 98   ASP A OD1 1 
ATOM   763  O OD2 . ASP A 1 98  ? -9.370  -15.112 -5.664  1.00 36.12 ? 98   ASP A OD2 1 
ATOM   764  N N   . GLY A 1 99  ? -7.512  -17.857 -0.768  1.00 13.15 ? 99   GLY A N   1 
ATOM   765  C CA  . GLY A 1 99  ? -6.531  -18.704 -0.113  1.00 15.07 ? 99   GLY A CA  1 
ATOM   766  C C   . GLY A 1 99  ? -5.113  -18.168 -0.109  1.00 16.26 ? 99   GLY A C   1 
ATOM   767  O O   . GLY A 1 99  ? -4.208  -18.825 0.400   1.00 18.96 ? 99   GLY A O   1 
ATOM   768  N N   . LYS A 1 100 ? -4.920  -16.963 -0.634  1.00 15.68 ? 100  LYS A N   1 
ATOM   769  C CA  . LYS A 1 100 ? -3.603  -16.338 -0.687  1.00 13.99 ? 100  LYS A CA  1 
ATOM   770  C C   . LYS A 1 100 ? -3.543  -15.150 0.259   1.00 11.75 ? 100  LYS A C   1 
ATOM   771  O O   . LYS A 1 100 ? -4.567  -14.678 0.745   1.00 11.63 ? 100  LYS A O   1 
ATOM   772  C CB  . LYS A 1 100 ? -3.303  -15.866 -2.113  1.00 15.46 ? 100  LYS A CB  1 
ATOM   773  C CG  . LYS A 1 100 ? -3.046  -17.002 -3.093  1.00 19.97 ? 100  LYS A CG  1 
ATOM   774  C CD  . LYS A 1 100 ? -2.920  -16.505 -4.527  1.00 23.92 ? 100  LYS A CD  1 
ATOM   775  C CE  . LYS A 1 100 ? -4.253  -16.064 -5.089  1.00 25.63 ? 100  LYS A CE  1 
ATOM   776  N NZ  . LYS A 1 100 ? -4.161  -15.578 -6.473  0.00 0.00  ? 100  LYS A NZ  1 
ATOM   777  N N   . SER A 1 101 ? -2.337  -14.686 0.544   1.00 12.21 ? 101  SER A N   1 
ATOM   778  C CA  . SER A 1 101 ? -2.157  -13.532 1.401   1.00 12.32 ? 101  SER A CA  1 
ATOM   779  C C   . SER A 1 101 ? -0.862  -12.820 1.057   1.00 10.25 ? 101  SER A C   1 
ATOM   780  O O   . SER A 1 101 ? 0.080   -13.420 0.532   1.00 10.76 ? 101  SER A O   1 
ATOM   781  C CB  . SER A 1 101 ? -2.178  -13.915 2.886   1.00 12.96 ? 101  SER A CB  1 
ATOM   782  O OG  . SER A 1 101 ? -1.022  -14.638 3.266   1.00 19.46 ? 101  SER A OG  1 
ATOM   783  N N   . THR A 1 102 ? -0.850  -11.523 1.312   1.00 9.71  ? 102  THR A N   1 
ATOM   784  C CA  . THR A 1 102 ? 0.317   -10.694 1.071   1.00 8.29  ? 102  THR A CA  1 
ATOM   785  C C   . THR A 1 102 ? 0.349   -9.675  2.199   1.00 8.52  ? 102  THR A C   1 
ATOM   786  O O   . THR A 1 102 ? -0.696  -9.322  2.758   1.00 7.92  ? 102  THR A O   1 
ATOM   787  C CB  . THR A 1 102 ? 0.248   -9.997  -0.312  1.00 9.40  ? 102  THR A CB  1 
ATOM   788  O OG1 . THR A 1 102 ? 1.456   -9.263  -0.533  1.00 10.41 ? 102  THR A OG1 1 
ATOM   789  C CG2 . THR A 1 102 ? -0.953  -9.047  -0.402  1.00 9.20  ? 102  THR A CG2 1 
ATOM   790  N N   . THR A 1 103 ? 1.547   -9.245  2.571   1.00 7.82  ? 103  THR A N   1 
ATOM   791  C CA  . THR A 1 103 ? 1.702   -8.283  3.644   1.00 9.68  ? 103  THR A CA  1 
ATOM   792  C C   . THR A 1 103 ? 2.298   -6.988  3.103   1.00 9.29  ? 103  THR A C   1 
ATOM   793  O O   . THR A 1 103 ? 3.230   -7.013  2.297   1.00 9.53  ? 103  THR A O   1 
ATOM   794  C CB  . THR A 1 103 ? 2.606   -8.844  4.747   1.00 11.32 ? 103  THR A CB  1 
ATOM   795  O OG1 . THR A 1 103 ? 2.080   -10.103 5.185   1.00 16.13 ? 103  THR A OG1 1 
ATOM   796  C CG2 . THR A 1 103 ? 2.654   -7.890  5.937   1.00 14.50 ? 103  THR A CG2 1 
ATOM   797  N N   . ILE A 1 104 ? 1.733   -5.867  3.528   1.00 8.29  ? 104  ILE A N   1 
ATOM   798  C CA  . ILE A 1 104 ? 2.192   -4.550  3.108   1.00 8.97  ? 104  ILE A CA  1 
ATOM   799  C C   . ILE A 1 104 ? 2.474   -3.779  4.384   1.00 8.31  ? 104  ILE A C   1 
ATOM   800  O O   . ILE A 1 104 ? 1.569   -3.574  5.192   1.00 9.23  ? 104  ILE A O   1 
ATOM   801  C CB  . ILE A 1 104 ? 1.097   -3.807  2.298   1.00 8.88  ? 104  ILE A CB  1 
ATOM   802  C CG1 . ILE A 1 104 ? 0.730   -4.625  1.054   1.00 9.77  ? 104  ILE A CG1 1 
ATOM   803  C CG2 . ILE A 1 104 ? 1.572   -2.405  1.907   1.00 7.89  ? 104  ILE A CG2 1 
ATOM   804  C CD1 . ILE A 1 104 ? -0.483  -4.128  0.326   1.00 12.71 ? 104  ILE A CD1 1 
ATOM   805  N N   . LYS A 1 105 ? 3.734   -3.442  4.617   1.00 6.82  ? 105  LYS A N   1 
ATOM   806  C CA  . LYS A 1 105 ? 4.110   -2.686  5.804   1.00 7.92  ? 105  LYS A CA  1 
ATOM   807  C C   . LYS A 1 105 ? 4.452   -1.261  5.427   1.00 8.74  ? 105  LYS A C   1 
ATOM   808  O O   . LYS A 1 105 ? 5.163   -1.024  4.452   1.00 8.58  ? 105  LYS A O   1 
ATOM   809  C CB  . LYS A 1 105 ? 5.312   -3.314  6.513   1.00 11.80 ? 105  LYS A CB  1 
ATOM   810  C CG  . LYS A 1 105 ? 5.005   -4.609  7.234   1.00 19.99 ? 105  LYS A CG  1 
ATOM   811  C CD  . LYS A 1 105 ? 6.185   -5.053  8.086   1.00 25.82 ? 105  LYS A CD  1 
ATOM   812  C CE  . LYS A 1 105 ? 6.653   -3.924  9.001   1.00 30.05 ? 105  LYS A CE  1 
ATOM   813  N NZ  . LYS A 1 105 ? 7.441   -4.413  10.165  1.00 33.12 ? 105  LYS A NZ  1 
ATOM   814  N N   . ARG A 1 106 ? 3.912   -0.312  6.182   1.00 6.87  ? 106  ARG A N   1 
ATOM   815  C CA  . ARG A 1 106 ? 4.176   1.102   5.954   1.00 6.99  ? 106  ARG A CA  1 
ATOM   816  C C   . ARG A 1 106 ? 4.853   1.568   7.226   1.00 7.45  ? 106  ARG A C   1 
ATOM   817  O O   . ARG A 1 106 ? 4.304   1.435   8.322   1.00 7.12  ? 106  ARG A O   1 
ATOM   818  C CB  . ARG A 1 106 ? 2.876   1.870   5.705   1.00 7.90  ? 106  ARG A CB  1 
ATOM   819  C CG  . ARG A 1 106 ? 2.164   1.449   4.415   1.00 9.82  ? 106  ARG A CG  1 
ATOM   820  C CD  . ARG A 1 106 ? 0.854   2.184   4.211   1.00 10.43 ? 106  ARG A CD  1 
ATOM   821  N NE  . ARG A 1 106 ? 0.197   1.785   2.969   1.00 13.17 ? 106  ARG A NE  1 
ATOM   822  C CZ  . ARG A 1 106 ? -0.652  0.765   2.862   1.00 13.52 ? 106  ARG A CZ  1 
ATOM   823  N NH1 . ARG A 1 106 ? -0.971  0.046   3.924   1.00 16.23 ? 106  ARG A NH1 1 
ATOM   824  N NH2 . ARG A 1 106 ? -1.203  0.470   1.696   1.00 18.09 ? 106  ARG A NH2 1 
ATOM   825  N N   . LYS A 1 107 ? 6.075   2.052   7.085   1.00 7.06  ? 107  LYS A N   1 
ATOM   826  C CA  . LYS A 1 107 ? 6.830   2.489   8.240   1.00 8.27  ? 107  LYS A CA  1 
ATOM   827  C C   . LYS A 1 107 ? 7.609   3.756   7.964   1.00 9.33  ? 107  LYS A C   1 
ATOM   828  O O   . LYS A 1 107 ? 7.781   4.157   6.821   1.00 9.06  ? 107  LYS A O   1 
ATOM   829  C CB  . LYS A 1 107 ? 7.781   1.369   8.678   1.00 12.69 ? 107  LYS A CB  1 
ATOM   830  C CG  . LYS A 1 107 ? 8.805   0.985   7.627   1.00 17.15 ? 107  LYS A CG  1 
ATOM   831  C CD  . LYS A 1 107 ? 9.686   -0.163  8.097   1.00 22.93 ? 107  LYS A CD  1 
ATOM   832  C CE  . LYS A 1 107 ? 10.830  -0.409  7.129   1.00 28.32 ? 107  LYS A CE  1 
ATOM   833  N NZ  . LYS A 1 107 ? 11.734  -1.510  7.575   1.00 29.21 ? 107  LYS A NZ  1 
ATOM   834  N N   . ARG A 1 108 ? 8.046   4.413   9.025   1.00 8.73  ? 108  ARG A N   1 
ATOM   835  C CA  . ARG A 1 108 ? 8.823   5.624   8.903   1.00 8.95  ? 108  ARG A CA  1 
ATOM   836  C C   . ARG A 1 108 ? 10.297  5.243   8.978   1.00 8.92  ? 108  ARG A C   1 
ATOM   837  O O   . ARG A 1 108 ? 10.679  4.331   9.713   1.00 9.68  ? 108  ARG A O   1 
ATOM   838  C CB  . ARG A 1 108 ? 8.460   6.602   10.028  1.00 7.69  ? 108  ARG A CB  1 
ATOM   839  C CG  . ARG A 1 108 ? 7.092   7.246   9.857   1.00 6.44  ? 108  ARG A CG  1 
ATOM   840  C CD  . ARG A 1 108 ? 7.029   8.058   8.569   1.00 8.00  ? 108  ARG A CD  1 
ATOM   841  N NE  . ARG A 1 108 ? 8.172   8.962   8.481   1.00 7.66  ? 108  ARG A NE  1 
ATOM   842  C CZ  . ARG A 1 108 ? 8.247   10.137  9.094   1.00 8.63  ? 108  ARG A CZ  1 
ATOM   843  N NH1 . ARG A 1 108 ? 7.232   10.571  9.827   1.00 8.07  ? 108  ARG A NH1 1 
ATOM   844  N NH2 . ARG A 1 108 ? 9.372   10.835  9.051   1.00 9.49  ? 108  ARG A NH2 1 
ATOM   845  N N   . ASP A 1 109 ? 11.104  5.894   8.149   1.00 8.69  ? 109  ASP A N   1 
ATOM   846  C CA  . ASP A 1 109 ? 12.542  5.662   8.134   1.00 10.14 ? 109  ASP A CA  1 
ATOM   847  C C   . ASP A 1 109 ? 13.140  7.044   7.957   1.00 9.47  ? 109  ASP A C   1 
ATOM   848  O O   . ASP A 1 109 ? 13.146  7.590   6.854   1.00 10.04 ? 109  ASP A O   1 
ATOM   849  C CB  . ASP A 1 109 ? 12.949  4.753   6.965   1.00 14.04 ? 109  ASP A CB  1 
ATOM   850  C CG  . ASP A 1 109 ? 14.411  4.299   7.048   1.00 18.39 ? 109  ASP A CG  1 
ATOM   851  O OD1 . ASP A 1 109 ? 15.206  4.907   7.797   1.00 18.75 ? 109  ASP A OD1 1 
ATOM   852  O OD2 . ASP A 1 109 ? 14.766  3.323   6.358   1.00 22.68 ? 109  ASP A OD2 1 
ATOM   853  N N   . GLY A 1 110 ? 13.638  7.613   9.048   1.00 10.00 ? 110  GLY A N   1 
ATOM   854  C CA  . GLY A 1 110 ? 14.192  8.948   8.978   1.00 11.03 ? 110  GLY A CA  1 
ATOM   855  C C   . GLY A 1 110 ? 13.051  9.892   8.653   1.00 10.96 ? 110  GLY A C   1 
ATOM   856  O O   . GLY A 1 110 ? 12.034  9.919   9.352   1.00 11.37 ? 110  GLY A O   1 
ATOM   857  N N   . ASP A 1 111 ? 13.205  10.651  7.574   1.00 9.74  ? 111  ASP A N   1 
ATOM   858  C CA  . ASP A 1 111 ? 12.176  11.588  7.145   1.00 10.19 ? 111  ASP A CA  1 
ATOM   859  C C   . ASP A 1 111 ? 11.332  11.002  6.012   1.00 10.46 ? 111  ASP A C   1 
ATOM   860  O O   . ASP A 1 111 ? 10.494  11.689  5.434   1.00 10.15 ? 111  ASP A O   1 
ATOM   861  C CB  . ASP A 1 111 ? 12.801  12.923  6.708   1.00 13.62 ? 111  ASP A CB  1 
ATOM   862  C CG  . ASP A 1 111 ? 13.801  12.779  5.564   1.00 17.84 ? 111  ASP A CG  1 
ATOM   863  O OD1 . ASP A 1 111 ? 14.079  11.653  5.099   1.00 17.86 ? 111  ASP A OD1 1 
ATOM   864  O OD2 . ASP A 1 111 ? 14.328  13.821  5.125   1.00 22.54 ? 111  ASP A OD2 1 
ATOM   865  N N   . LYS A 1 112 ? 11.573  9.733   5.700   1.00 11.72 ? 112  LYS A N   1 
ATOM   866  C CA  . LYS A 1 112 ? 10.868  9.037   4.628   1.00 11.21 ? 112  LYS A CA  1 
ATOM   867  C C   . LYS A 1 112 ? 9.798   8.087   5.165   1.00 10.28 ? 112  LYS A C   1 
ATOM   868  O O   . LYS A 1 112 ? 9.757   7.764   6.356   1.00 8.60  ? 112  LYS A O   1 
ATOM   869  C CB  . LYS A 1 112 ? 11.851  8.184   3.808   1.00 12.80 ? 112  LYS A CB  1 
ATOM   870  C CG  . LYS A 1 112 ? 13.090  8.889   3.278   1.00 17.01 ? 112  LYS A CG  1 
ATOM   871  C CD  . LYS A 1 112 ? 12.765  9.873   2.164   1.00 21.56 ? 112  LYS A CD  1 
ATOM   872  C CE  . LYS A 1 112 ? 14.030  10.305  1.424   1.00 24.20 ? 112  LYS A CE  1 
ATOM   873  N NZ  . LYS A 1 112 ? 15.074  10.875  2.330   1.00 26.11 ? 112  LYS A NZ  1 
ATOM   874  N N   . LEU A 1 113 ? 8.938   7.648   4.256   1.00 8.36  ? 113  LEU A N   1 
ATOM   875  C CA  . LEU A 1 113 ? 7.907   6.672   4.567   1.00 8.60  ? 113  LEU A CA  1 
ATOM   876  C C   . LEU A 1 113 ? 8.258   5.537   3.610   1.00 8.68  ? 113  LEU A C   1 
ATOM   877  O O   . LEU A 1 113 ? 8.362   5.742   2.398   1.00 10.08 ? 113  LEU A O   1 
ATOM   878  C CB  . LEU A 1 113 ? 6.506   7.223   4.288   1.00 9.40  ? 113  LEU A CB  1 
ATOM   879  C CG  . LEU A 1 113 ? 5.326   6.347   4.724   1.00 13.61 ? 113  LEU A CG  1 
ATOM   880  C CD1 . LEU A 1 113 ? 4.097   7.205   4.937   1.00 17.79 ? 113  LEU A CD1 1 
ATOM   881  C CD2 . LEU A 1 113 ? 5.044   5.272   3.703   1.00 16.05 ? 113  LEU A CD2 1 
ATOM   882  N N   . VAL A 1 114 ? 8.516   4.362   4.163   1.00 8.88  ? 114  VAL A N   1 
ATOM   883  C CA  . VAL A 1 114 ? 8.882   3.195   3.376   1.00 7.77  ? 114  VAL A CA  1 
ATOM   884  C C   . VAL A 1 114 ? 7.739   2.186   3.369   1.00 8.93  ? 114  VAL A C   1 
ATOM   885  O O   . VAL A 1 114 ? 7.130   1.908   4.404   1.00 8.23  ? 114  VAL A O   1 
ATOM   886  C CB  . VAL A 1 114 ? 10.155  2.539   3.947   1.00 8.47  ? 114  VAL A CB  1 
ATOM   887  C CG1 . VAL A 1 114 ? 10.490  1.267   3.185   1.00 9.59  ? 114  VAL A CG1 1 
ATOM   888  C CG2 . VAL A 1 114 ? 11.315  3.523   3.884   1.00 8.93  ? 114  VAL A CG2 1 
ATOM   889  N N   . VAL A 1 115 ? 7.425   1.680   2.187   1.00 8.14  ? 115  VAL A N   1 
ATOM   890  C CA  . VAL A 1 115 ? 6.373   0.695   2.048   1.00 8.27  ? 115  VAL A CA  1 
ATOM   891  C C   . VAL A 1 115 ? 7.039   -0.573  1.551   1.00 9.71  ? 115  VAL A C   1 
ATOM   892  O O   . VAL A 1 115 ? 7.776   -0.548  0.556   1.00 10.12 ? 115  VAL A O   1 
ATOM   893  C CB  . VAL A 1 115 ? 5.290   1.139   1.030   1.00 9.01  ? 115  VAL A CB  1 
ATOM   894  C CG1 . VAL A 1 115 ? 4.168   0.103   0.965   1.00 9.93  ? 115  VAL A CG1 1 
ATOM   895  C CG2 . VAL A 1 115 ? 4.728   2.496   1.415   1.00 8.48  ? 115  VAL A CG2 1 
ATOM   896  N N   . GLU A 1 116 ? 6.872   -1.653  2.303   1.00 8.80  ? 116  GLU A N   1 
ATOM   897  C CA  . GLU A 1 116 ? 7.430   -2.931  1.907   1.00 8.82  ? 116  GLU A CA  1 
ATOM   898  C C   . GLU A 1 116 ? 6.287   -3.904  1.652   1.00 9.38  ? 116  GLU A C   1 
ATOM   899  O O   . GLU A 1 116 ? 5.401   -4.075  2.492   1.00 9.00  ? 116  GLU A O   1 
ATOM   900  C CB  . GLU A 1 116 ? 8.363   -3.502  2.973   1.00 11.80 ? 116  GLU A CB  1 
ATOM   901  C CG  . GLU A 1 116 ? 9.025   -4.781  2.490   1.00 21.37 ? 116  GLU A CG  1 
ATOM   902  C CD  . GLU A 1 116 ? 9.971   -5.398  3.491   1.00 27.81 ? 116  GLU A CD  1 
ATOM   903  O OE1 . GLU A 1 116 ? 9.586   -5.548  4.672   1.00 31.47 ? 116  GLU A OE1 1 
ATOM   904  O OE2 . GLU A 1 116 ? 11.095  -5.761  3.081   1.00 30.43 ? 116  GLU A OE2 1 
HETATM 905  N N   . OCS A 1 117 ? 6.307   -4.536  0.489   1.00 9.34  ? 117  OCS A N   1 
HETATM 906  C CA  . OCS A 1 117 ? 5.276   -5.496  0.125   1.00 10.24 ? 117  OCS A CA  1 
HETATM 907  C CB  . OCS A 1 117 ? 4.621   -5.083  -1.182  1.00 15.19 ? 117  OCS A CB  1 
HETATM 908  S SG  . OCS A 1 117 ? 4.116   -3.342  -1.228  1.00 19.18 ? 117  OCS A SG  1 
HETATM 909  C C   . OCS A 1 117 ? 5.925   -6.858  -0.033  1.00 10.31 ? 117  OCS A C   1 
HETATM 910  O O   . OCS A 1 117 ? 6.978   -6.981  -0.659  1.00 10.39 ? 117  OCS A O   1 
HETATM 911  O OD1 . OCS A 1 117 ? 5.091   -2.672  -2.054  1.00 23.74 ? 117  OCS A OD1 1 
HETATM 912  O OD2 . OCS A 1 117 ? 2.869   -3.353  -1.897  1.00 28.16 ? 117  OCS A OD2 1 
ATOM   913  N N   . VAL A 1 118 ? 5.301   -7.881  0.538   1.00 8.20  ? 118  VAL A N   1 
ATOM   914  C CA  . VAL A 1 118 ? 5.854   -9.220  0.466   1.00 9.58  ? 118  VAL A CA  1 
ATOM   915  C C   . VAL A 1 118 ? 4.816   -10.204 -0.048  1.00 10.75 ? 118  VAL A C   1 
ATOM   916  O O   . VAL A 1 118 ? 3.688   -10.246 0.447   1.00 10.33 ? 118  VAL A O   1 
ATOM   917  C CB  . VAL A 1 118 ? 6.326   -9.714  1.855   1.00 10.94 ? 118  VAL A CB  1 
ATOM   918  C CG1 . VAL A 1 118 ? 7.087   -11.027 1.704   1.00 12.17 ? 118  VAL A CG1 1 
ATOM   919  C CG2 . VAL A 1 118 ? 7.189   -8.656  2.545   1.00 12.05 ? 118  VAL A CG2 1 
ATOM   920  N N   . MET A 1 119 ? 5.214   -10.990 -1.041  1.00 10.96 ? 119  MET A N   1 
ATOM   921  C CA  . MET A 1 119 ? 4.344   -12.003 -1.623  1.00 13.29 ? 119  MET A CA  1 
ATOM   922  C C   . MET A 1 119 ? 5.221   -13.212 -1.919  1.00 14.33 ? 119  MET A C   1 
ATOM   923  O O   . MET A 1 119 ? 6.111   -13.140 -2.764  1.00 14.87 ? 119  MET A O   1 
ATOM   924  C CB  . MET A 1 119 ? 3.710   -11.486 -2.915  1.00 11.72 ? 119  MET A CB  1 
ATOM   925  C CG  . MET A 1 119 ? 2.796   -12.476 -3.595  1.00 16.19 ? 119  MET A CG  1 
ATOM   926  S SD  . MET A 1 119 ? 1.427   -12.921 -2.538  1.00 18.35 ? 119  MET A SD  1 
ATOM   927  C CE  . MET A 1 119 ? 0.554   -14.091 -3.562  1.00 17.18 ? 119  MET A CE  1 
ATOM   928  N N   . LYS A 1 120 ? 5.021   -14.286 -1.162  1.00 16.25 ? 120  LYS A N   1 
ATOM   929  C CA  . LYS A 1 120 ? 5.768   -15.534 -1.315  1.00 19.53 ? 120  LYS A CA  1 
ATOM   930  C C   . LYS A 1 120 ? 7.289   -15.358 -1.429  1.00 20.57 ? 120  LYS A C   1 
ATOM   931  O O   . LYS A 1 120 ? 7.906   -15.820 -2.387  1.00 22.86 ? 120  LYS A O   1 
ATOM   932  C CB  . LYS A 1 120 ? 5.237   -16.308 -2.526  1.00 20.34 ? 120  LYS A CB  1 
ATOM   933  C CG  . LYS A 1 120 ? 3.802   -16.790 -2.383  1.00 23.33 ? 120  LYS A CG  1 
ATOM   934  C CD  . LYS A 1 120 ? 3.304   -17.558 -3.609  0.00 0.00  ? 120  LYS A CD  1 
ATOM   935  C CE  . LYS A 1 120 ? 1.859   -18.042 -3.464  0.00 0.00  ? 120  LYS A CE  1 
ATOM   936  N NZ  . LYS A 1 120 ? 1.381   -18.780 -4.643  0.00 0.00  ? 120  LYS A NZ  1 
ATOM   937  N N   . GLY A 1 121 ? 7.888   -14.675 -0.462  1.00 20.50 ? 121  GLY A N   1 
ATOM   938  C CA  . GLY A 1 121 ? 9.327   -14.477 -0.499  1.00 21.09 ? 121  GLY A CA  1 
ATOM   939  C C   . GLY A 1 121 ? 9.791   -13.283 -1.312  1.00 20.72 ? 121  GLY A C   1 
ATOM   940  O O   . GLY A 1 121 ? 10.866  -12.744 -1.051  1.00 23.75 ? 121  GLY A O   1 
ATOM   941  N N   . VAL A 1 122 ? 9.002   -12.875 -2.305  1.00 17.36 ? 122  VAL A N   1 
ATOM   942  C CA  . VAL A 1 122 ? 9.352   -11.727 -3.137  1.00 13.76 ? 122  VAL A CA  1 
ATOM   943  C C   . VAL A 1 122 ? 9.027   -10.449 -2.373  1.00 11.81 ? 122  VAL A C   1 
ATOM   944  O O   . VAL A 1 122 ? 7.897   -10.245 -1.941  1.00 11.33 ? 122  VAL A O   1 
ATOM   945  C CB  . VAL A 1 122 ? 8.581   -11.737 -4.479  1.00 14.58 ? 122  VAL A CB  1 
ATOM   946  C CG1 . VAL A 1 122 ? 8.958   -10.524 -5.319  1.00 15.11 ? 122  VAL A CG1 1 
ATOM   947  C CG2 . VAL A 1 122 ? 8.874   -13.021 -5.240  1.00 15.87 ? 122  VAL A CG2 1 
ATOM   948  N N   . THR A 1 123 ? 10.032  -9.605  -2.183  1.00 9.88  ? 123  THR A N   1 
ATOM   949  C CA  . THR A 1 123 ? 9.854   -8.352  -1.463  1.00 10.83 ? 123  THR A CA  1 
ATOM   950  C C   . THR A 1 123 ? 10.123  -7.118  -2.322  1.00 11.36 ? 123  THR A C   1 
ATOM   951  O O   . THR A 1 123 ? 11.172  -7.024  -2.974  1.00 13.79 ? 123  THR A O   1 
ATOM   952  C CB  . THR A 1 123 ? 10.774  -8.292  -0.220  1.00 10.97 ? 123  THR A CB  1 
ATOM   953  O OG1 . THR A 1 123 ? 12.134  -8.529  -0.612  1.00 15.10 ? 123  THR A OG1 1 
ATOM   954  C CG2 . THR A 1 123 ? 10.372  -9.332  0.793   1.00 9.97  ? 123  THR A CG2 1 
ATOM   955  N N   . SER A 1 124 ? 9.197   -6.164  -2.273  1.00 10.60 ? 124  SER A N   1 
ATOM   956  C CA  . SER A 1 124 ? 9.309   -4.908  -2.997  1.00 9.27  ? 124  SER A CA  1 
ATOM   957  C C   . SER A 1 124 ? 9.402   -3.782  -1.971  1.00 9.78  ? 124  SER A C   1 
ATOM   958  O O   . SER A 1 124 ? 8.741   -3.828  -0.927  1.00 9.58  ? 124  SER A O   1 
ATOM   959  C CB  . SER A 1 124 ? 8.097   -4.682  -3.901  1.00 9.84  ? 124  SER A CB  1 
ATOM   960  O OG  . SER A 1 124 ? 8.201   -3.436  -4.564  1.00 12.35 ? 124  SER A OG  1 
ATOM   961  N N   . THR A 1 125 ? 10.243  -2.793  -2.254  1.00 7.66  ? 125  THR A N   1 
ATOM   962  C CA  . THR A 1 125 ? 10.412  -1.663  -1.350  1.00 9.05  ? 125  THR A CA  1 
ATOM   963  C C   . THR A 1 125 ? 10.228  -0.368  -2.113  1.00 8.40  ? 125  THR A C   1 
ATOM   964  O O   . THR A 1 125 ? 10.873  -0.143  -3.134  1.00 9.34  ? 125  THR A O   1 
ATOM   965  C CB  . THR A 1 125 ? 11.809  -1.672  -0.694  1.00 9.53  ? 125  THR A CB  1 
ATOM   966  O OG1 . THR A 1 125 ? 11.998  -2.904  0.014   1.00 11.76 ? 125  THR A OG1 1 
ATOM   967  C CG2 . THR A 1 125 ? 11.954  -0.504  0.276   1.00 10.76 ? 125  THR A CG2 1 
ATOM   968  N N   . ARG A 1 126 ? 9.300   0.457   -1.651  1.00 7.16  ? 126  ARG A N   1 
ATOM   969  C CA  . ARG A 1 126 ? 9.033   1.739   -2.279  1.00 9.24  ? 126  ARG A CA  1 
ATOM   970  C C   . ARG A 1 126 ? 9.206   2.829   -1.233  1.00 10.07 ? 126  ARG A C   1 
ATOM   971  O O   . ARG A 1 126 ? 8.652   2.738   -0.135  1.00 9.14  ? 126  ARG A O   1 
ATOM   972  C CB  . ARG A 1 126 ? 7.626   1.750   -2.885  1.00 11.25 ? 126  ARG A CB  1 
ATOM   973  C CG  . ARG A 1 126 ? 7.544   0.882   -4.132  1.00 14.51 ? 126  ARG A CG  1 
ATOM   974  C CD  . ARG A 1 126 ? 6.142   0.396   -4.409  1.00 16.60 ? 126  ARG A CD  1 
ATOM   975  N NE  . ARG A 1 126 ? 5.269   1.431   -4.948  1.00 17.95 ? 126  ARG A NE  1 
ATOM   976  C CZ  . ARG A 1 126 ? 5.281   1.857   -6.210  1.00 19.61 ? 126  ARG A CZ  1 
ATOM   977  N NH1 . ARG A 1 126 ? 6.143   1.358   -7.090  1.00 18.60 ? 126  ARG A NH1 1 
ATOM   978  N NH2 . ARG A 1 126 ? 4.379   2.743   -6.612  1.00 19.64 ? 126  ARG A NH2 1 
ATOM   979  N N   . VAL A 1 127 ? 10.021  3.827   -1.559  1.00 8.80  ? 127  VAL A N   1 
ATOM   980  C CA  . VAL A 1 127 ? 10.302  4.916   -0.639  1.00 8.35  ? 127  VAL A CA  1 
ATOM   981  C C   . VAL A 1 127 ? 9.577   6.192   -1.052  1.00 6.57  ? 127  VAL A C   1 
ATOM   982  O O   . VAL A 1 127 ? 9.562   6.558   -2.228  1.00 8.63  ? 127  VAL A O   1 
ATOM   983  C CB  . VAL A 1 127 ? 11.835  5.184   -0.540  1.00 9.71  ? 127  VAL A CB  1 
ATOM   984  C CG1 . VAL A 1 127 ? 12.122  6.282   0.493   1.00 11.71 ? 127  VAL A CG1 1 
ATOM   985  C CG2 . VAL A 1 127 ? 12.567  3.910   -0.160  1.00 10.57 ? 127  VAL A CG2 1 
ATOM   986  N N   . TYR A 1 128 ? 8.964   6.848   -0.074  1.00 5.59  ? 128  TYR A N   1 
ATOM   987  C CA  . TYR A 1 128 ? 8.229   8.087   -0.275  1.00 6.55  ? 128  TYR A CA  1 
ATOM   988  C C   . TYR A 1 128 ? 8.827   9.197   0.583   1.00 7.30  ? 128  TYR A C   1 
ATOM   989  O O   . TYR A 1 128 ? 9.338   8.943   1.672   1.00 6.74  ? 128  TYR A O   1 
ATOM   990  C CB  . TYR A 1 128 ? 6.765   7.921   0.160   1.00 6.71  ? 128  TYR A CB  1 
ATOM   991  C CG  . TYR A 1 128 ? 5.914   7.082   -0.755  1.00 8.07  ? 128  TYR A CG  1 
ATOM   992  C CD1 . TYR A 1 128 ? 6.012   5.690   -0.756  1.00 9.66  ? 128  TYR A CD1 1 
ATOM   993  C CD2 . TYR A 1 128 ? 4.994   7.685   -1.612  1.00 9.18  ? 128  TYR A CD2 1 
ATOM   994  C CE1 . TYR A 1 128 ? 5.222   4.922   -1.596  1.00 9.79  ? 128  TYR A CE1 1 
ATOM   995  C CE2 . TYR A 1 128 ? 4.206   6.931   -2.453  1.00 10.25 ? 128  TYR A CE2 1 
ATOM   996  C CZ  . TYR A 1 128 ? 4.321   5.551   -2.438  1.00 10.72 ? 128  TYR A CZ  1 
ATOM   997  O OH  . TYR A 1 128 ? 3.544   4.811   -3.291  1.00 15.46 ? 128  TYR A OH  1 
ATOM   998  N N   . GLU A 1 129 ? 8.760   10.426  0.083   1.00 8.60  ? 129  GLU A N   1 
ATOM   999  C CA  . GLU A 1 129 ? 9.232   11.576  0.839   1.00 9.61  ? 129  GLU A CA  1 
ATOM   1000 C C   . GLU A 1 129 ? 8.040   12.536  0.867   1.00 7.41  ? 129  GLU A C   1 
ATOM   1001 O O   . GLU A 1 129 ? 7.138   12.422  0.043   1.00 8.07  ? 129  GLU A O   1 
ATOM   1002 C CB  . GLU A 1 129 ? 10.462  12.226  0.185   1.00 12.81 ? 129  GLU A CB  1 
ATOM   1003 C CG  . GLU A 1 129 ? 10.192  13.004  -1.098  1.00 17.74 ? 129  GLU A CG  1 
ATOM   1004 C CD  . GLU A 1 129 ? 11.446  13.665  -1.675  1.00 21.02 ? 129  GLU A CD  1 
ATOM   1005 O OE1 . GLU A 1 129 ? 12.575  13.326  -1.235  1.00 20.90 ? 129  GLU A OE1 1 
ATOM   1006 O OE2 . GLU A 1 129 ? 11.294  14.513  -2.581  1.00 19.30 ? 129  GLU A OE2 1 
ATOM   1007 N N   . ARG A 1 130 ? 8.003   13.438  1.839   1.00 9.08  ? 130  ARG A N   1 
ATOM   1008 C CA  . ARG A 1 130 ? 6.891   14.379  1.937   1.00 10.33 ? 130  ARG A CA  1 
ATOM   1009 C C   . ARG A 1 130 ? 6.826   15.274  0.716   1.00 10.52 ? 130  ARG A C   1 
ATOM   1010 O O   . ARG A 1 130 ? 7.857   15.691  0.180   1.00 11.88 ? 130  ARG A O   1 
ATOM   1011 C CB  . ARG A 1 130 ? 6.987   15.230  3.207   1.00 13.04 ? 130  ARG A CB  1 
ATOM   1012 C CG  . ARG A 1 130 ? 6.748   14.447  4.477   1.00 14.42 ? 130  ARG A CG  1 
ATOM   1013 C CD  . ARG A 1 130 ? 6.603   15.346  5.679   1.00 16.34 ? 130  ARG A CD  1 
ATOM   1014 N NE  . ARG A 1 130 ? 6.454   14.562  6.904   1.00 17.29 ? 130  ARG A NE  1 
ATOM   1015 C CZ  . ARG A 1 130 ? 5.302   14.062  7.335   1.00 17.81 ? 130  ARG A CZ  1 
ATOM   1016 N NH1 . ARG A 1 130 ? 4.184   14.264  6.649   1.00 15.91 ? 130  ARG A NH1 1 
ATOM   1017 N NH2 . ARG A 1 130 ? 5.271   13.345  8.451   1.00 19.63 ? 130  ARG A NH2 1 
ATOM   1018 N N   . ALA A 1 131 ? 5.608   15.513  0.251   1.00 10.12 ? 131  ALA A N   1 
ATOM   1019 C CA  . ALA A 1 131 ? 5.385   16.364  -0.903  1.00 12.50 ? 131  ALA A CA  1 
ATOM   1020 C C   . ALA A 1 131 ? 5.452   17.827  -0.462  1.00 13.21 ? 131  ALA A C   1 
ATOM   1021 O O   . ALA A 1 131 ? 5.119   18.118  0.706   1.00 15.97 ? 131  ALA A O   1 
ATOM   1022 C CB  . ALA A 1 131 ? 4.035   16.055  -1.526  1.00 12.99 ? 131  ALA A CB  1 
ATOM   1023 O OXT . ALA A 1 131 ? 5.845   18.666  -1.297  1.00 18.55 ? 131  ALA A OXT 1 
HETATM 1024 C C1  . PLM B 2 .   ? 2.308   1.266   -2.653  0.73 30.71 ? 133  PLM A C1  1 
HETATM 1025 O O1  . PLM B 2 .   ? 3.011   2.169   -3.140  0.73 25.71 ? 133  PLM A O1  1 
HETATM 1026 O O2  . PLM B 2 .   ? 1.665   1.409   -1.591  0.73 32.49 ? 133  PLM A O2  1 
HETATM 1027 C C2  . PLM B 2 .   ? 2.250   -0.070  -3.379  0.73 31.64 ? 133  PLM A C2  1 
HETATM 1028 C C3  . PLM B 2 .   ? 0.886   -0.749  -3.299  0.73 33.09 ? 133  PLM A C3  1 
HETATM 1029 C C4  . PLM B 2 .   ? 0.975   -2.164  -3.854  0.73 34.21 ? 133  PLM A C4  1 
HETATM 1030 C C5  . PLM B 2 .   ? -0.331  -2.924  -3.714  0.73 35.42 ? 133  PLM A C5  1 
HETATM 1031 C C6  . PLM B 2 .   ? -1.261  -2.634  -4.871  0.73 37.48 ? 133  PLM A C6  1 
HETATM 1032 C C7  . PLM B 2 .   ? -0.687  -3.161  -6.173  0.73 38.18 ? 133  PLM A C7  1 
HETATM 1033 C C8  . PLM B 2 .   ? -1.536  -2.739  -7.352  0.73 39.22 ? 133  PLM A C8  1 
HETATM 1034 C C9  . PLM B 2 .   ? -0.903  -3.174  -8.664  0.73 39.57 ? 133  PLM A C9  1 
HETATM 1035 C CA  . PLM B 2 .   ? -1.714  -2.700  -9.852  0.73 39.52 ? 133  PLM A CA  1 
HETATM 1036 C CB  . PLM B 2 .   ? -1.727  -1.186  -9.962  0.73 40.22 ? 133  PLM A CB  1 
HETATM 1037 C CC  . PLM B 2 .   ? -2.728  -0.734  -11.011 0.73 40.06 ? 133  PLM A CC  1 
HETATM 1038 C CD  . PLM B 2 .   ? -2.604  0.749   -11.316 0.73 39.93 ? 133  PLM A CD  1 
HETATM 1039 C CE  . PLM B 2 .   ? -3.737  1.222   -12.228 0.73 39.06 ? 133  PLM A CE  1 
HETATM 1040 C CF  . PLM B 2 .   ? -3.833  0.397   -13.505 0.73 38.22 ? 133  PLM A CF  1 
HETATM 1041 C CG  . PLM B 2 .   ? -5.015  0.832   -14.359 0.73 35.96 ? 133  PLM A CG  1 
HETATM 1042 C C1  . PPI C 3 .   ? 10.584  -1.785  -9.958  0.93 26.18 ? 134  PPI A C1  1 
HETATM 1043 C C2  . PPI C 3 .   ? 11.882  -1.363  -10.608 0.93 28.38 ? 134  PPI A C2  1 
HETATM 1044 C C3  . PPI C 3 .   ? 13.096  -2.046  -9.988  0.93 32.66 ? 134  PPI A C3  1 
HETATM 1045 O O1  . PPI C 3 .   ? 10.316  -1.352  -8.818  0.93 20.65 ? 134  PPI A O1  1 
HETATM 1046 O O2  . PPI C 3 .   ? 9.832   -2.561  -10.585 0.93 26.14 ? 134  PPI A O2  1 
HETATM 1047 O O   . HOH D 4 .   ? 0.891   8.925   17.231  1.00 52.79 ? 1002 HOH A O   1 
HETATM 1048 O O   . HOH D 4 .   ? -0.258  -8.865  11.059  1.00 22.67 ? 1003 HOH A O   1 
HETATM 1049 O O   . HOH D 4 .   ? 3.080   15.763  4.156   1.00 23.64 ? 1007 HOH A O   1 
HETATM 1050 O O   . HOH D 4 .   ? 13.133  4.291   -8.559  1.00 34.77 ? 1013 HOH A O   1 
HETATM 1051 O O   . HOH D 4 .   ? 12.933  -4.687  -1.961  1.00 20.06 ? 1014 HOH A O   1 
HETATM 1052 O O   . HOH D 4 .   ? 6.276   -2.362  -13.594 1.00 27.39 ? 1017 HOH A O   1 
HETATM 1053 O O   . HOH D 4 .   ? 10.621  -5.788  -10.208 1.00 27.21 ? 1018 HOH A O   1 
HETATM 1054 O O   . HOH D 4 .   ? -2.770  -12.326 -15.216 1.00 41.82 ? 1024 HOH A O   1 
HETATM 1055 O O   . HOH D 4 .   ? 0.041   -11.389 -19.270 1.00 43.67 ? 1027 HOH A O   1 
HETATM 1056 O O   . HOH D 4 .   ? 1.926   -11.607 -17.116 1.00 33.63 ? 1030 HOH A O   1 
HETATM 1057 O O   . HOH D 4 .   ? 3.515   15.896  -5.417  1.00 53.16 ? 1039 HOH A O   1 
HETATM 1058 O O   . HOH D 4 .   ? -6.347  10.543  3.035   1.00 19.54 ? 1041 HOH A O   1 
HETATM 1059 O O   . HOH D 4 .   ? -3.153  14.607  5.344   1.00 18.69 ? 1042 HOH A O   1 
HETATM 1060 O O   . HOH D 4 .   ? -9.566  11.557  7.311   1.00 17.63 ? 1043 HOH A O   1 
HETATM 1061 O O   . HOH D 4 .   ? -15.450 -3.859  8.885   1.00 22.92 ? 1044 HOH A O   1 
HETATM 1062 O O   . HOH D 4 .   ? -11.153 13.683  7.564   1.00 18.54 ? 1045 HOH A O   1 
HETATM 1063 O O   . HOH D 4 .   ? -8.326  3.010   14.329  1.00 18.40 ? 1047 HOH A O   1 
HETATM 1064 O O   . HOH D 4 .   ? -10.250 8.983   8.080   1.00 13.71 ? 1048 HOH A O   1 
HETATM 1065 O O   . HOH D 4 .   ? -2.497  4.492   -7.372  1.00 36.63 ? 1053 HOH A O   1 
HETATM 1066 O O   . HOH D 4 .   ? -8.584  14.450  -5.646  1.00 46.44 ? 1054 HOH A O   1 
HETATM 1067 O O   . HOH D 4 .   ? -5.340  11.784  -9.612  1.00 36.77 ? 1055 HOH A O   1 
HETATM 1068 O O   . HOH D 4 .   ? -10.673 3.127   -7.232  1.00 34.30 ? 1059 HOH A O   1 
HETATM 1069 O O   . HOH D 4 .   ? -5.526  3.269   -1.033  1.00 26.28 ? 1060 HOH A O   1 
HETATM 1070 O O   . HOH D 4 .   ? -13.401 5.974   2.152   1.00 47.23 ? 1061 HOH A O   1 
HETATM 1071 O O   . HOH D 4 .   ? -13.576 0.296   6.852   1.00 40.02 ? 1063 HOH A O   1 
HETATM 1072 O O   . HOH D 4 .   ? -11.951 -1.297  9.301   1.00 12.25 ? 1065 HOH A O   1 
HETATM 1073 O O   . HOH D 4 .   ? -8.057  -2.779  9.795   1.00 8.19  ? 1068 HOH A O   1 
HETATM 1074 O O   . HOH D 4 .   ? -15.890 -3.540  4.455   1.00 16.86 ? 1071 HOH A O   1 
HETATM 1075 O O   . HOH D 4 .   ? -6.580  -0.044  -2.612  1.00 24.26 ? 1072 HOH A O   1 
HETATM 1076 O O   . HOH D 4 .   ? -11.734 -0.499  -1.527  1.00 22.17 ? 1073 HOH A O   1 
HETATM 1077 O O   . HOH D 4 .   ? -4.544  -1.113  -4.347  1.00 19.06 ? 1075 HOH A O   1 
HETATM 1078 O O   . HOH D 4 .   ? -4.678  -8.656  -10.761 1.00 43.39 ? 1076 HOH A O   1 
HETATM 1079 O O   . HOH D 4 .   ? -9.846  -0.882  -8.618  1.00 31.28 ? 1077 HOH A O   1 
HETATM 1080 O O   . HOH D 4 .   ? -10.506 -11.135 -6.294  1.00 34.39 ? 1079 HOH A O   1 
HETATM 1081 O O   . HOH D 4 .   ? -6.854  -10.010 6.078   1.00 19.92 ? 1081 HOH A O   1 
HETATM 1082 O O   . HOH D 4 .   ? -2.104  -6.776  10.646  1.00 11.21 ? 1085 HOH A O   1 
HETATM 1083 O O   . HOH D 4 .   ? 1.994   -7.905  12.864  1.00 38.88 ? 1087 HOH A O   1 
HETATM 1084 O O   . HOH D 4 .   ? 9.792   -0.556  14.777  1.00 45.17 ? 1088 HOH A O   1 
HETATM 1085 O O   . HOH D 4 .   ? 2.860   0.661   17.621  1.00 39.64 ? 1089 HOH A O   1 
HETATM 1086 O O   . HOH D 4 .   ? -1.233  -5.899  -2.834  1.00 17.23 ? 1095 HOH A O   1 
HETATM 1087 O O   . HOH D 4 .   ? -6.847  -15.399 -7.548  1.00 45.82 ? 1098 HOH A O   1 
HETATM 1088 O O   . HOH D 4 .   ? -6.605  -16.219 2.174   1.00 33.85 ? 1100 HOH A O   1 
HETATM 1089 O O   . HOH D 4 .   ? 2.753   -14.277 0.738   1.00 20.73 ? 1101 HOH A O   1 
HETATM 1090 O O   . HOH D 4 .   ? 5.394   -6.378  4.262   1.00 27.81 ? 1103 HOH A O   1 
HETATM 1091 O O   . HOH D 4 .   ? 9.155   -2.458  11.567  1.00 52.92 ? 1105 HOH A O   1 
HETATM 1092 O O   . HOH D 4 .   ? -0.550  2.571   -0.063  1.00 51.89 ? 1106 HOH A O   1 
HETATM 1093 O O   . HOH D 4 .   ? 15.585  7.576   5.351   1.00 34.88 ? 1109 HOH A O   1 
HETATM 1094 O O   . HOH D 4 .   ? 10.379  13.427  3.564   1.00 15.70 ? 1111 HOH A O   1 
HETATM 1095 O O   . HOH D 4 .   ? 10.045  -3.108  5.812   1.00 32.51 ? 1116 HOH A O   1 
HETATM 1096 O O   . HOH D 4 .   ? 14.426  -7.267  -1.995  1.00 18.28 ? 1123 HOH A O   1 
HETATM 1097 O O   . HOH D 4 .   ? 13.209  1.748   -3.136  1.00 19.39 ? 1125 HOH A O   1 
HETATM 1098 O O   . HOH D 4 .   ? 7.720   0.733   -9.867  1.00 45.32 ? 1126 HOH A O   1 
HETATM 1099 O O   . HOH D 4 .   ? 1.029   5.593   -3.139  1.00 36.58 ? 1128 HOH A O   1 
HETATM 1100 O O   . HOH D 4 .   ? 9.209   13.633  7.081   1.00 18.16 ? 1130 HOH A O   1 
HETATM 1101 O O   . HOH D 4 .   ? 2.823   14.001  10.340  1.00 32.55 ? 2002 HOH A O   1 
HETATM 1102 O O   . HOH D 4 .   ? 2.487   7.965   14.896  1.00 49.01 ? 2003 HOH A O   1 
HETATM 1103 O O   . HOH D 4 .   ? -1.766  16.165  3.455   1.00 29.27 ? 2007 HOH A O   1 
HETATM 1104 O O   . HOH D 4 .   ? 13.476  2.236   -10.203 1.00 50.06 ? 2013 HOH A O   1 
HETATM 1105 O O   . HOH D 4 .   ? 8.324   -12.490 -9.199  1.00 37.32 ? 2018 HOH A O   1 
HETATM 1106 O O   . HOH D 4 .   ? -5.029  13.636  9.828   1.00 19.97 ? 2044 HOH A O   1 
HETATM 1107 O O   . HOH D 4 .   ? -3.215  1.618   -4.209  1.00 29.11 ? 2060 HOH A O   1 
HETATM 1108 O O   . HOH D 4 .   ? -12.794 1.659   3.085   1.00 28.56 ? 2063 HOH A O   1 
HETATM 1109 O O   . HOH D 4 .   ? -13.770 -8.324  -0.356  1.00 30.67 ? 2071 HOH A O   1 
HETATM 1110 O O   . HOH D 4 .   ? -3.615  -1.284  0.178   1.00 24.16 ? 2072 HOH A O   1 
HETATM 1111 O O   . HOH D 4 .   ? -9.146  0.762   -2.983  1.00 28.97 ? 2073 HOH A O   1 
HETATM 1112 O O   . HOH D 4 .   ? 6.574   -3.626  12.924  1.00 34.47 ? 2087 HOH A O   1 
HETATM 1113 O O   . HOH D 4 .   ? 4.353   5.499   14.286  1.00 32.09 ? 2089 HOH A O   1 
HETATM 1114 O O   . HOH D 4 .   ? -3.410  -2.861  -2.289  1.00 37.24 ? 2095 HOH A O   1 
HETATM 1115 O O   . HOH D 4 .   ? -0.315  -16.609 -0.450  1.00 28.67 ? 2101 HOH A O   1 
HETATM 1116 O O   . HOH D 4 .   ? 0.459   -1.060  5.985   1.00 10.87 ? 2106 HOH A O   1 
HETATM 1117 O O   . HOH D 4 .   ? 17.149  13.241  4.328   1.00 38.66 ? 2111 HOH A O   1 
HETATM 1118 O O   . HOH D 4 .   ? 12.309  -9.987  -3.847  1.00 31.61 ? 2123 HOH A O   1 
HETATM 1119 O O   . HOH D 4 .   ? 10.582  15.878  1.764   1.00 30.67 ? 2130 HOH A O   1 
HETATM 1120 O O   . HOH D 4 .   ? -18.872 -5.131  1.760   1.00 37.68 ? 3071 HOH A O   1 
HETATM 1121 O O   . HOH D 4 .   ? 7.447   3.717   11.676  1.00 19.08 ? 3089 HOH A O   1 
HETATM 1122 O O   . HOH D 4 .   ? -11.683 -0.298  1.328   1.00 38.24 ? 4071 HOH A O   1 
HETATM 1123 O O   . HOH D 4 .   ? 3.226   6.959   17.817  1.00 43.91 ? 8003 HOH A O   1 
HETATM 1124 O O   . HOH D 4 .   ? 2.050   -9.897  8.997   1.00 36.51 ? 9003 HOH A O   1 
HETATM 1125 O O   . HOH D 4 .   ? 11.447  -6.810  -12.799 1.00 42.10 ? 9015 HOH A O   1 
HETATM 1126 O O   . HOH D 4 .   ? -4.366  15.855  7.555   1.00 25.73 ? 9065 HOH A O   1 
HETATM 1127 O O   . HOH D 4 .   ? -15.701 -0.774  5.246   1.00 27.92 ? 9071 HOH A O   1 
HETATM 1128 O O   . HOH D 4 .   ? 9.982   16.379  6.414   1.00 43.74 ? 9130 HOH A O   1 
# 
